data_5HM9
# 
_entry.id   5HM9 
# 
_audit_conform.dict_name       mmcif_pdbx.dic 
_audit_conform.dict_version    5.398 
_audit_conform.dict_location   http://mmcif.pdb.org/dictionaries/ascii/mmcif_pdbx.dic 
# 
loop_
_database_2.database_id 
_database_2.database_code 
_database_2.pdbx_database_accession 
_database_2.pdbx_DOI 
PDB   5HM9         pdb_00005hm9 10.2210/pdb5hm9/pdb 
WWPDB D_1000217310 ?            ?                   
# 
loop_
_pdbx_audit_revision_history.ordinal 
_pdbx_audit_revision_history.data_content_type 
_pdbx_audit_revision_history.major_revision 
_pdbx_audit_revision_history.minor_revision 
_pdbx_audit_revision_history.revision_date 
1 'Structure model' 1 0 2016-03-23 
2 'Structure model' 1 1 2016-03-30 
3 'Structure model' 1 2 2017-09-20 
4 'Structure model' 1 3 2019-12-25 
5 'Structure model' 1 4 2023-09-27 
6 'Structure model' 1 5 2024-11-06 
# 
_pdbx_audit_revision_details.ordinal             1 
_pdbx_audit_revision_details.revision_ordinal    1 
_pdbx_audit_revision_details.data_content_type   'Structure model' 
_pdbx_audit_revision_details.provider            repository 
_pdbx_audit_revision_details.type                'Initial release' 
_pdbx_audit_revision_details.description         ? 
_pdbx_audit_revision_details.details             ? 
# 
loop_
_pdbx_audit_revision_group.ordinal 
_pdbx_audit_revision_group.revision_ordinal 
_pdbx_audit_revision_group.data_content_type 
_pdbx_audit_revision_group.group 
1 2 'Structure model' 'Database references'        
2 3 'Structure model' 'Author supporting evidence' 
3 3 'Structure model' 'Derived calculations'       
4 4 'Structure model' 'Author supporting evidence' 
5 5 'Structure model' 'Data collection'            
6 5 'Structure model' 'Database references'        
7 5 'Structure model' 'Refinement description'     
8 6 'Structure model' 'Structure summary'          
# 
loop_
_pdbx_audit_revision_category.ordinal 
_pdbx_audit_revision_category.revision_ordinal 
_pdbx_audit_revision_category.data_content_type 
_pdbx_audit_revision_category.category 
1 3 'Structure model' pdbx_audit_support            
2 3 'Structure model' pdbx_struct_oper_list         
3 4 'Structure model' pdbx_audit_support            
4 5 'Structure model' chem_comp_atom                
5 5 'Structure model' chem_comp_bond                
6 5 'Structure model' database_2                    
7 5 'Structure model' pdbx_initial_refinement_model 
8 6 'Structure model' pdbx_entry_details            
# 
loop_
_pdbx_audit_revision_item.ordinal 
_pdbx_audit_revision_item.revision_ordinal 
_pdbx_audit_revision_item.data_content_type 
_pdbx_audit_revision_item.item 
1 3 'Structure model' '_pdbx_audit_support.funding_organization'  
2 3 'Structure model' '_pdbx_struct_oper_list.symmetry_operation' 
3 4 'Structure model' '_pdbx_audit_support.funding_organization'  
4 5 'Structure model' '_database_2.pdbx_DOI'                      
5 5 'Structure model' '_database_2.pdbx_database_accession'       
# 
_pdbx_database_status.status_code                     REL 
_pdbx_database_status.status_code_sf                  REL 
_pdbx_database_status.status_code_mr                  ? 
_pdbx_database_status.entry_id                        5HM9 
_pdbx_database_status.recvd_initial_deposition_date   2016-01-15 
_pdbx_database_status.SG_entry                        N 
_pdbx_database_status.deposit_site                    RCSB 
_pdbx_database_status.process_site                    RCSB 
_pdbx_database_status.status_code_cs                  ? 
_pdbx_database_status.methods_development_category    ? 
_pdbx_database_status.pdb_format_compatible           Y 
_pdbx_database_status.status_code_nmr_data            ? 
# 
_pdbx_database_related.content_type   unspecified 
_pdbx_database_related.db_id          5HMA 
_pdbx_database_related.db_name        PDB 
_pdbx_database_related.details        . 
# 
loop_
_audit_author.name 
_audit_author.pdbx_ordinal 
'Hershey, D.M.' 1 
'Ren, X.'       2 
'Hurley, J.H.'  3 
'Komeili, A.'   4 
# 
_citation.abstract                  ? 
_citation.abstract_id_CAS           ? 
_citation.book_id_ISBN              ? 
_citation.book_publisher            ? 
_citation.book_publisher_city       ? 
_citation.book_title                ? 
_citation.coordinate_linkage        ? 
_citation.country                   US 
_citation.database_id_Medline       ? 
_citation.details                   ? 
_citation.id                        primary 
_citation.journal_abbrev            'Plos Biol.' 
_citation.journal_id_ASTM           ? 
_citation.journal_id_CSD            ? 
_citation.journal_id_ISSN           1545-7885 
_citation.journal_full              ? 
_citation.journal_issue             ? 
_citation.journal_volume            14 
_citation.language                  ? 
_citation.page_first                e1002402 
_citation.page_last                 e1002402 
_citation.title                     
;MamO Is a Repurposed Serine Protease that Promotes Magnetite Biomineralization through Direct Transition Metal Binding in Magnetotactic Bacteria.
;
_citation.year                      2016 
_citation.database_id_CSD           ? 
_citation.pdbx_database_id_DOI      10.1371/journal.pbio.1002402 
_citation.pdbx_database_id_PubMed   26981620 
_citation.unpublished_flag          ? 
# 
loop_
_citation_author.citation_id 
_citation_author.name 
_citation_author.ordinal 
_citation_author.identifier_ORCID 
primary 'Hershey, D.M.' 1 ? 
primary 'Ren, X.'       2 ? 
primary 'Melnyk, R.A.'  3 ? 
primary 'Browne, P.J.'  4 ? 
primary 'Ozyamak, E.'   5 ? 
primary 'Jones, S.R.'   6 ? 
primary 'Chang, M.C.'   7 ? 
primary 'Hurley, J.H.'  8 ? 
primary 'Komeili, A.'   9 ? 
# 
loop_
_entity.id 
_entity.type 
_entity.src_method 
_entity.pdbx_description 
_entity.formula_weight 
_entity.pdbx_number_of_molecules 
_entity.pdbx_ec 
_entity.pdbx_mutation 
_entity.pdbx_fragment 
_entity.details 
1 polymer man 'MamO protease domain' 19494.283 1  ? ? ? ?                      
2 polymer man 'poly(UNK)'            443.539   1  ? ? ? 'Unidentified peptide' 
3 water   nat water                  18.015    18 ? ? ? ?                      
# 
loop_
_entity_poly.entity_id 
_entity_poly.type 
_entity_poly.nstd_linkage 
_entity_poly.nstd_monomer 
_entity_poly.pdbx_seq_one_letter_code 
_entity_poly.pdbx_seq_one_letter_code_can 
_entity_poly.pdbx_strand_id 
_entity_poly.pdbx_target_identifier 
1 'polypeptide(L)' no no 
;LYHTVPPAVVGVGGGGVNAGPVASGAIVGTNGYVITTLHSVSKLPEISVQVATTGGIRRFPAQVVKTIPGHDLALLKMQT
TEKFLHFRMADVQTVVPGQQVFAFGRNMAGAPLVRQGLVQSADAPLAVGATQITHLLRSDAVYSWEQTGGPLVNAQGDLV
GINIAATGPTGKVEGFTVPAQVIVSHLQD
;
;LYHTVPPAVVGVGGGGVNAGPVASGAIVGTNGYVITTLHSVSKLPEISVQVATTGGIRRFPAQVVKTIPGHDLALLKMQT
TEKFLHFRMADVQTVVPGQQVFAFGRNMAGAPLVRQGLVQSADAPLAVGATQITHLLRSDAVYSWEQTGGPLVNAQGDLV
GINIAATGPTGKVEGFTVPAQVIVSHLQD
;
A ? 
2 'polypeptide(L)' no no '(UNK)(UNK)(UNK)(UNK)(UNK)' XXXXX C ? 
# 
_pdbx_entity_nonpoly.entity_id   3 
_pdbx_entity_nonpoly.name        water 
_pdbx_entity_nonpoly.comp_id     HOH 
# 
loop_
_entity_poly_seq.entity_id 
_entity_poly_seq.num 
_entity_poly_seq.mon_id 
_entity_poly_seq.hetero 
1 1   LEU n 
1 2   TYR n 
1 3   HIS n 
1 4   THR n 
1 5   VAL n 
1 6   PRO n 
1 7   PRO n 
1 8   ALA n 
1 9   VAL n 
1 10  VAL n 
1 11  GLY n 
1 12  VAL n 
1 13  GLY n 
1 14  GLY n 
1 15  GLY n 
1 16  GLY n 
1 17  VAL n 
1 18  ASN n 
1 19  ALA n 
1 20  GLY n 
1 21  PRO n 
1 22  VAL n 
1 23  ALA n 
1 24  SER n 
1 25  GLY n 
1 26  ALA n 
1 27  ILE n 
1 28  VAL n 
1 29  GLY n 
1 30  THR n 
1 31  ASN n 
1 32  GLY n 
1 33  TYR n 
1 34  VAL n 
1 35  ILE n 
1 36  THR n 
1 37  THR n 
1 38  LEU n 
1 39  HIS n 
1 40  SER n 
1 41  VAL n 
1 42  SER n 
1 43  LYS n 
1 44  LEU n 
1 45  PRO n 
1 46  GLU n 
1 47  ILE n 
1 48  SER n 
1 49  VAL n 
1 50  GLN n 
1 51  VAL n 
1 52  ALA n 
1 53  THR n 
1 54  THR n 
1 55  GLY n 
1 56  GLY n 
1 57  ILE n 
1 58  ARG n 
1 59  ARG n 
1 60  PHE n 
1 61  PRO n 
1 62  ALA n 
1 63  GLN n 
1 64  VAL n 
1 65  VAL n 
1 66  LYS n 
1 67  THR n 
1 68  ILE n 
1 69  PRO n 
1 70  GLY n 
1 71  HIS n 
1 72  ASP n 
1 73  LEU n 
1 74  ALA n 
1 75  LEU n 
1 76  LEU n 
1 77  LYS n 
1 78  MET n 
1 79  GLN n 
1 80  THR n 
1 81  THR n 
1 82  GLU n 
1 83  LYS n 
1 84  PHE n 
1 85  LEU n 
1 86  HIS n 
1 87  PHE n 
1 88  ARG n 
1 89  MET n 
1 90  ALA n 
1 91  ASP n 
1 92  VAL n 
1 93  GLN n 
1 94  THR n 
1 95  VAL n 
1 96  VAL n 
1 97  PRO n 
1 98  GLY n 
1 99  GLN n 
1 100 GLN n 
1 101 VAL n 
1 102 PHE n 
1 103 ALA n 
1 104 PHE n 
1 105 GLY n 
1 106 ARG n 
1 107 ASN n 
1 108 MET n 
1 109 ALA n 
1 110 GLY n 
1 111 ALA n 
1 112 PRO n 
1 113 LEU n 
1 114 VAL n 
1 115 ARG n 
1 116 GLN n 
1 117 GLY n 
1 118 LEU n 
1 119 VAL n 
1 120 GLN n 
1 121 SER n 
1 122 ALA n 
1 123 ASP n 
1 124 ALA n 
1 125 PRO n 
1 126 LEU n 
1 127 ALA n 
1 128 VAL n 
1 129 GLY n 
1 130 ALA n 
1 131 THR n 
1 132 GLN n 
1 133 ILE n 
1 134 THR n 
1 135 HIS n 
1 136 LEU n 
1 137 LEU n 
1 138 ARG n 
1 139 SER n 
1 140 ASP n 
1 141 ALA n 
1 142 VAL n 
1 143 TYR n 
1 144 SER n 
1 145 TRP n 
1 146 GLU n 
1 147 GLN n 
1 148 THR n 
1 149 GLY n 
1 150 GLY n 
1 151 PRO n 
1 152 LEU n 
1 153 VAL n 
1 154 ASN n 
1 155 ALA n 
1 156 GLN n 
1 157 GLY n 
1 158 ASP n 
1 159 LEU n 
1 160 VAL n 
1 161 GLY n 
1 162 ILE n 
1 163 ASN n 
1 164 ILE n 
1 165 ALA n 
1 166 ALA n 
1 167 THR n 
1 168 GLY n 
1 169 PRO n 
1 170 THR n 
1 171 GLY n 
1 172 LYS n 
1 173 VAL n 
1 174 GLU n 
1 175 GLY n 
1 176 PHE n 
1 177 THR n 
1 178 VAL n 
1 179 PRO n 
1 180 ALA n 
1 181 GLN n 
1 182 VAL n 
1 183 ILE n 
1 184 VAL n 
1 185 SER n 
1 186 HIS n 
1 187 LEU n 
1 188 GLN n 
1 189 ASP n 
2 1   UNK n 
2 2   UNK n 
2 3   UNK n 
2 4   UNK n 
2 5   UNK n 
# 
loop_
_entity_src_gen.entity_id 
_entity_src_gen.pdbx_src_id 
_entity_src_gen.pdbx_alt_source_flag 
_entity_src_gen.pdbx_seq_type 
_entity_src_gen.pdbx_beg_seq_num 
_entity_src_gen.pdbx_end_seq_num 
_entity_src_gen.gene_src_common_name 
_entity_src_gen.gene_src_genus 
_entity_src_gen.pdbx_gene_src_gene 
_entity_src_gen.gene_src_species 
_entity_src_gen.gene_src_strain 
_entity_src_gen.gene_src_tissue 
_entity_src_gen.gene_src_tissue_fraction 
_entity_src_gen.gene_src_details 
_entity_src_gen.pdbx_gene_src_fragment 
_entity_src_gen.pdbx_gene_src_scientific_name 
_entity_src_gen.pdbx_gene_src_ncbi_taxonomy_id 
_entity_src_gen.pdbx_gene_src_variant 
_entity_src_gen.pdbx_gene_src_cell_line 
_entity_src_gen.pdbx_gene_src_atcc 
_entity_src_gen.pdbx_gene_src_organ 
_entity_src_gen.pdbx_gene_src_organelle 
_entity_src_gen.pdbx_gene_src_cell 
_entity_src_gen.pdbx_gene_src_cellular_location 
_entity_src_gen.host_org_common_name 
_entity_src_gen.pdbx_host_org_scientific_name 
_entity_src_gen.pdbx_host_org_ncbi_taxonomy_id 
_entity_src_gen.host_org_genus 
_entity_src_gen.pdbx_host_org_gene 
_entity_src_gen.pdbx_host_org_organ 
_entity_src_gen.host_org_species 
_entity_src_gen.pdbx_host_org_tissue 
_entity_src_gen.pdbx_host_org_tissue_fraction 
_entity_src_gen.pdbx_host_org_strain 
_entity_src_gen.pdbx_host_org_variant 
_entity_src_gen.pdbx_host_org_cell_line 
_entity_src_gen.pdbx_host_org_atcc 
_entity_src_gen.pdbx_host_org_culture_collection 
_entity_src_gen.pdbx_host_org_cell 
_entity_src_gen.pdbx_host_org_organelle 
_entity_src_gen.pdbx_host_org_cellular_location 
_entity_src_gen.pdbx_host_org_vector_type 
_entity_src_gen.pdbx_host_org_vector 
_entity_src_gen.host_org_details 
_entity_src_gen.expression_system_id 
_entity_src_gen.plasmid_name 
_entity_src_gen.plasmid_details 
_entity_src_gen.pdbx_description 
1 1 sample ? ? ? ? ? amb_0969 ? ? ? ? ? ? 'Magnetospirillum magneticum AMB-1' 342108 ? ? ? ? ? ? ? ? 'Escherichia coli' 562 ? ? ? 
? ? ? 'BL21 CodonPlus' ? ? ? ? ? ? ? ? ? ? ? ? ? ? 
2 1 sample ? ? ? ? ? ?        ? ? ? ? ? ? 'Magnetospirillum magneticum AMB-1' 342108 ? ? ? ? ? ? ? ? 'Escherichia coli' 562 ? ? ? 
? ? ? 'BL21 CodonPlus' ? ? ? ? ? ? ? ? ? ? ? ? ? ? 
# 
loop_
_chem_comp.id 
_chem_comp.type 
_chem_comp.mon_nstd_flag 
_chem_comp.name 
_chem_comp.pdbx_synonyms 
_chem_comp.formula 
_chem_comp.formula_weight 
ALA 'L-peptide linking' y ALANINE         ? 'C3 H7 N O2'     89.093  
ARG 'L-peptide linking' y ARGININE        ? 'C6 H15 N4 O2 1' 175.209 
ASN 'L-peptide linking' y ASPARAGINE      ? 'C4 H8 N2 O3'    132.118 
ASP 'L-peptide linking' y 'ASPARTIC ACID' ? 'C4 H7 N O4'     133.103 
GLN 'L-peptide linking' y GLUTAMINE       ? 'C5 H10 N2 O3'   146.144 
GLU 'L-peptide linking' y 'GLUTAMIC ACID' ? 'C5 H9 N O4'     147.129 
GLY 'peptide linking'   y GLYCINE         ? 'C2 H5 N O2'     75.067  
HIS 'L-peptide linking' y HISTIDINE       ? 'C6 H10 N3 O2 1' 156.162 
HOH non-polymer         . WATER           ? 'H2 O'           18.015  
ILE 'L-peptide linking' y ISOLEUCINE      ? 'C6 H13 N O2'    131.173 
LEU 'L-peptide linking' y LEUCINE         ? 'C6 H13 N O2'    131.173 
LYS 'L-peptide linking' y LYSINE          ? 'C6 H15 N2 O2 1' 147.195 
MET 'L-peptide linking' y METHIONINE      ? 'C5 H11 N O2 S'  149.211 
PHE 'L-peptide linking' y PHENYLALANINE   ? 'C9 H11 N O2'    165.189 
PRO 'L-peptide linking' y PROLINE         ? 'C5 H9 N O2'     115.130 
SER 'L-peptide linking' y SERINE          ? 'C3 H7 N O3'     105.093 
THR 'L-peptide linking' y THREONINE       ? 'C4 H9 N O3'     119.119 
TRP 'L-peptide linking' y TRYPTOPHAN      ? 'C11 H12 N2 O2'  204.225 
TYR 'L-peptide linking' y TYROSINE        ? 'C9 H11 N O3'    181.189 
UNK 'L-peptide linking' . UNKNOWN         ? 'C4 H9 N O2'     103.120 
VAL 'L-peptide linking' y VALINE          ? 'C5 H11 N O2'    117.146 
# 
loop_
_pdbx_poly_seq_scheme.asym_id 
_pdbx_poly_seq_scheme.entity_id 
_pdbx_poly_seq_scheme.seq_id 
_pdbx_poly_seq_scheme.mon_id 
_pdbx_poly_seq_scheme.ndb_seq_num 
_pdbx_poly_seq_scheme.pdb_seq_num 
_pdbx_poly_seq_scheme.auth_seq_num 
_pdbx_poly_seq_scheme.pdb_mon_id 
_pdbx_poly_seq_scheme.auth_mon_id 
_pdbx_poly_seq_scheme.pdb_strand_id 
_pdbx_poly_seq_scheme.pdb_ins_code 
_pdbx_poly_seq_scheme.hetero 
A 1 1   LEU 1   34  34  LEU LEU A . n 
A 1 2   TYR 2   35  35  TYR TYR A . n 
A 1 3   HIS 3   36  36  HIS HIS A . n 
A 1 4   THR 4   37  37  THR THR A . n 
A 1 5   VAL 5   38  38  VAL VAL A . n 
A 1 6   PRO 6   39  39  PRO PRO A . n 
A 1 7   PRO 7   40  40  PRO PRO A . n 
A 1 8   ALA 8   41  41  ALA ALA A . n 
A 1 9   VAL 9   42  42  VAL VAL A . n 
A 1 10  VAL 10  43  43  VAL VAL A . n 
A 1 11  GLY 11  44  44  GLY GLY A . n 
A 1 12  VAL 12  45  45  VAL VAL A . n 
A 1 13  GLY 13  46  46  GLY GLY A . n 
A 1 14  GLY 14  47  47  GLY GLY A . n 
A 1 15  GLY 15  48  48  GLY GLY A . n 
A 1 16  GLY 16  49  49  GLY GLY A . n 
A 1 17  VAL 17  50  50  VAL VAL A . n 
A 1 18  ASN 18  51  51  ASN ASN A . n 
A 1 19  ALA 19  52  52  ALA ALA A . n 
A 1 20  GLY 20  53  53  GLY GLY A . n 
A 1 21  PRO 21  54  54  PRO PRO A . n 
A 1 22  VAL 22  55  55  VAL VAL A . n 
A 1 23  ALA 23  56  56  ALA ALA A . n 
A 1 24  SER 24  57  57  SER SER A . n 
A 1 25  GLY 25  58  58  GLY GLY A . n 
A 1 26  ALA 26  59  59  ALA ALA A . n 
A 1 27  ILE 27  60  60  ILE ILE A . n 
A 1 28  VAL 28  61  61  VAL VAL A . n 
A 1 29  GLY 29  62  62  GLY GLY A . n 
A 1 30  THR 30  63  63  THR THR A . n 
A 1 31  ASN 31  64  64  ASN ASN A . n 
A 1 32  GLY 32  65  65  GLY GLY A . n 
A 1 33  TYR 33  66  66  TYR TYR A . n 
A 1 34  VAL 34  67  67  VAL VAL A . n 
A 1 35  ILE 35  68  68  ILE ILE A . n 
A 1 36  THR 36  69  69  THR THR A . n 
A 1 37  THR 37  70  70  THR THR A . n 
A 1 38  LEU 38  71  71  LEU LEU A . n 
A 1 39  HIS 39  72  72  HIS HIS A . n 
A 1 40  SER 40  73  73  SER SER A . n 
A 1 41  VAL 41  74  74  VAL VAL A . n 
A 1 42  SER 42  75  75  SER SER A . n 
A 1 43  LYS 43  76  76  LYS LYS A . n 
A 1 44  LEU 44  77  77  LEU LEU A . n 
A 1 45  PRO 45  78  78  PRO PRO A . n 
A 1 46  GLU 46  79  79  GLU GLU A . n 
A 1 47  ILE 47  80  80  ILE ILE A . n 
A 1 48  SER 48  81  81  SER SER A . n 
A 1 49  VAL 49  82  82  VAL VAL A . n 
A 1 50  GLN 50  83  83  GLN GLN A . n 
A 1 51  VAL 51  84  84  VAL VAL A . n 
A 1 52  ALA 52  85  85  ALA ALA A . n 
A 1 53  THR 53  86  86  THR THR A . n 
A 1 54  THR 54  87  87  THR THR A . n 
A 1 55  GLY 55  88  88  GLY GLY A . n 
A 1 56  GLY 56  89  89  GLY GLY A . n 
A 1 57  ILE 57  90  90  ILE ILE A . n 
A 1 58  ARG 58  91  91  ARG ARG A . n 
A 1 59  ARG 59  92  92  ARG ARG A . n 
A 1 60  PHE 60  93  93  PHE PHE A . n 
A 1 61  PRO 61  94  94  PRO PRO A . n 
A 1 62  ALA 62  95  95  ALA ALA A . n 
A 1 63  GLN 63  96  96  GLN GLN A . n 
A 1 64  VAL 64  97  97  VAL VAL A . n 
A 1 65  VAL 65  98  98  VAL VAL A . n 
A 1 66  LYS 66  99  99  LYS LYS A . n 
A 1 67  THR 67  100 100 THR THR A . n 
A 1 68  ILE 68  101 101 ILE ILE A . n 
A 1 69  PRO 69  102 102 PRO PRO A . n 
A 1 70  GLY 70  103 103 GLY GLY A . n 
A 1 71  HIS 71  104 104 HIS HIS A . n 
A 1 72  ASP 72  105 105 ASP ASP A . n 
A 1 73  LEU 73  106 106 LEU LEU A . n 
A 1 74  ALA 74  107 107 ALA ALA A . n 
A 1 75  LEU 75  108 108 LEU LEU A . n 
A 1 76  LEU 76  109 109 LEU LEU A . n 
A 1 77  LYS 77  110 110 LYS LYS A . n 
A 1 78  MET 78  111 111 MET MET A . n 
A 1 79  GLN 79  112 112 GLN GLN A . n 
A 1 80  THR 80  113 113 THR THR A . n 
A 1 81  THR 81  114 114 THR THR A . n 
A 1 82  GLU 82  115 115 GLU GLU A . n 
A 1 83  LYS 83  116 116 LYS LYS A . n 
A 1 84  PHE 84  117 117 PHE PHE A . n 
A 1 85  LEU 85  118 118 LEU LEU A . n 
A 1 86  HIS 86  119 119 HIS HIS A . n 
A 1 87  PHE 87  120 120 PHE PHE A . n 
A 1 88  ARG 88  121 121 ARG ARG A . n 
A 1 89  MET 89  122 122 MET MET A . n 
A 1 90  ALA 90  123 123 ALA ALA A . n 
A 1 91  ASP 91  124 124 ASP ASP A . n 
A 1 92  VAL 92  125 125 VAL VAL A . n 
A 1 93  GLN 93  126 126 GLN GLN A . n 
A 1 94  THR 94  127 127 THR THR A . n 
A 1 95  VAL 95  128 128 VAL VAL A . n 
A 1 96  VAL 96  129 129 VAL VAL A . n 
A 1 97  PRO 97  130 130 PRO PRO A . n 
A 1 98  GLY 98  131 131 GLY GLY A . n 
A 1 99  GLN 99  132 132 GLN GLN A . n 
A 1 100 GLN 100 133 133 GLN GLN A . n 
A 1 101 VAL 101 134 134 VAL VAL A . n 
A 1 102 PHE 102 135 135 PHE PHE A . n 
A 1 103 ALA 103 136 136 ALA ALA A . n 
A 1 104 PHE 104 137 137 PHE PHE A . n 
A 1 105 GLY 105 138 138 GLY GLY A . n 
A 1 106 ARG 106 139 139 ARG ARG A . n 
A 1 107 ASN 107 140 140 ASN ASN A . n 
A 1 108 MET 108 141 141 MET MET A . n 
A 1 109 ALA 109 142 142 ALA ALA A . n 
A 1 110 GLY 110 143 143 GLY GLY A . n 
A 1 111 ALA 111 144 144 ALA ALA A . n 
A 1 112 PRO 112 145 145 PRO PRO A . n 
A 1 113 LEU 113 146 146 LEU LEU A . n 
A 1 114 VAL 114 147 147 VAL VAL A . n 
A 1 115 ARG 115 148 148 ARG ARG A . n 
A 1 116 GLN 116 149 149 GLN GLN A . n 
A 1 117 GLY 117 150 150 GLY GLY A . n 
A 1 118 LEU 118 151 151 LEU LEU A . n 
A 1 119 VAL 119 152 152 VAL VAL A . n 
A 1 120 GLN 120 153 153 GLN GLN A . n 
A 1 121 SER 121 154 154 SER SER A . n 
A 1 122 ALA 122 155 155 ALA ALA A . n 
A 1 123 ASP 123 156 156 ASP ASP A . n 
A 1 124 ALA 124 157 157 ALA ALA A . n 
A 1 125 PRO 125 158 158 PRO PRO A . n 
A 1 126 LEU 126 159 159 LEU LEU A . n 
A 1 127 ALA 127 160 160 ALA ALA A . n 
A 1 128 VAL 128 161 161 VAL VAL A . n 
A 1 129 GLY 129 162 162 GLY GLY A . n 
A 1 130 ALA 130 163 163 ALA ALA A . n 
A 1 131 THR 131 164 164 THR THR A . n 
A 1 132 GLN 132 165 165 GLN GLN A . n 
A 1 133 ILE 133 166 166 ILE ILE A . n 
A 1 134 THR 134 167 167 THR THR A . n 
A 1 135 HIS 135 168 168 HIS HIS A . n 
A 1 136 LEU 136 169 169 LEU LEU A . n 
A 1 137 LEU 137 170 170 LEU LEU A . n 
A 1 138 ARG 138 171 171 ARG ARG A . n 
A 1 139 SER 139 172 172 SER SER A . n 
A 1 140 ASP 140 173 173 ASP ASP A . n 
A 1 141 ALA 141 174 174 ALA ALA A . n 
A 1 142 VAL 142 175 175 VAL VAL A . n 
A 1 143 TYR 143 176 176 TYR TYR A . n 
A 1 144 SER 144 177 177 SER SER A . n 
A 1 145 TRP 145 178 178 TRP TRP A . n 
A 1 146 GLU 146 179 179 GLU GLU A . n 
A 1 147 GLN 147 180 180 GLN GLN A . n 
A 1 148 THR 148 181 181 THR THR A . n 
A 1 149 GLY 149 182 182 GLY GLY A . n 
A 1 150 GLY 150 183 183 GLY GLY A . n 
A 1 151 PRO 151 184 184 PRO PRO A . n 
A 1 152 LEU 152 185 185 LEU LEU A . n 
A 1 153 VAL 153 186 186 VAL VAL A . n 
A 1 154 ASN 154 187 187 ASN ASN A . n 
A 1 155 ALA 155 188 188 ALA ALA A . n 
A 1 156 GLN 156 189 189 GLN GLN A . n 
A 1 157 GLY 157 190 190 GLY GLY A . n 
A 1 158 ASP 158 191 191 ASP ASP A . n 
A 1 159 LEU 159 192 192 LEU LEU A . n 
A 1 160 VAL 160 193 193 VAL VAL A . n 
A 1 161 GLY 161 194 194 GLY GLY A . n 
A 1 162 ILE 162 195 195 ILE ILE A . n 
A 1 163 ASN 163 196 196 ASN ASN A . n 
A 1 164 ILE 164 197 197 ILE ILE A . n 
A 1 165 ALA 165 198 198 ALA ALA A . n 
A 1 166 ALA 166 199 199 ALA ALA A . n 
A 1 167 THR 167 200 200 THR THR A . n 
A 1 168 GLY 168 201 201 GLY GLY A . n 
A 1 169 PRO 169 202 202 PRO PRO A . n 
A 1 170 THR 170 203 203 THR THR A . n 
A 1 171 GLY 171 204 204 GLY GLY A . n 
A 1 172 LYS 172 205 205 LYS LYS A . n 
A 1 173 VAL 173 206 206 VAL VAL A . n 
A 1 174 GLU 174 207 207 GLU GLU A . n 
A 1 175 GLY 175 208 208 GLY GLY A . n 
A 1 176 PHE 176 209 209 PHE PHE A . n 
A 1 177 THR 177 210 210 THR THR A . n 
A 1 178 VAL 178 211 211 VAL VAL A . n 
A 1 179 PRO 179 212 212 PRO PRO A . n 
A 1 180 ALA 180 213 213 ALA ALA A . n 
A 1 181 GLN 181 214 214 GLN GLN A . n 
A 1 182 VAL 182 215 215 VAL VAL A . n 
A 1 183 ILE 183 216 216 ILE ILE A . n 
A 1 184 VAL 184 217 217 VAL VAL A . n 
A 1 185 SER 185 218 218 SER SER A . n 
A 1 186 HIS 186 219 219 HIS HIS A . n 
A 1 187 LEU 187 220 220 LEU LEU A . n 
A 1 188 GLN 188 221 221 GLN GLN A . n 
A 1 189 ASP 189 222 222 ASP ASP A . n 
B 2 1   UNK 1   103 103 UNK ALA C . n 
B 2 2   UNK 2   104 104 UNK ALA C . n 
B 2 3   UNK 3   105 105 UNK ALA C . n 
B 2 4   UNK 4   106 106 UNK ALA C . n 
B 2 5   UNK 5   107 107 UNK ALA C . n 
# 
loop_
_pdbx_nonpoly_scheme.asym_id 
_pdbx_nonpoly_scheme.entity_id 
_pdbx_nonpoly_scheme.mon_id 
_pdbx_nonpoly_scheme.ndb_seq_num 
_pdbx_nonpoly_scheme.pdb_seq_num 
_pdbx_nonpoly_scheme.auth_seq_num 
_pdbx_nonpoly_scheme.pdb_mon_id 
_pdbx_nonpoly_scheme.auth_mon_id 
_pdbx_nonpoly_scheme.pdb_strand_id 
_pdbx_nonpoly_scheme.pdb_ins_code 
C 3 HOH 1  301 11 HOH HOH A . 
C 3 HOH 2  302 10 HOH HOH A . 
C 3 HOH 3  303 4  HOH HOH A . 
C 3 HOH 4  304 3  HOH HOH A . 
C 3 HOH 5  305 20 HOH HOH A . 
C 3 HOH 6  306 14 HOH HOH A . 
C 3 HOH 7  307 9  HOH HOH A . 
C 3 HOH 8  308 19 HOH HOH A . 
C 3 HOH 9  309 16 HOH HOH A . 
C 3 HOH 10 310 13 HOH HOH A . 
C 3 HOH 11 311 7  HOH HOH A . 
C 3 HOH 12 312 12 HOH HOH A . 
C 3 HOH 13 313 1  HOH HOH A . 
C 3 HOH 14 314 2  HOH HOH A . 
C 3 HOH 15 315 15 HOH HOH A . 
C 3 HOH 16 316 8  HOH HOH A . 
C 3 HOH 17 317 18 HOH HOH A . 
C 3 HOH 18 318 17 HOH HOH A . 
# 
loop_
_software.citation_id 
_software.classification 
_software.compiler_name 
_software.compiler_version 
_software.contact_author 
_software.contact_author_email 
_software.date 
_software.description 
_software.dependencies 
_software.hardware 
_software.language 
_software.location 
_software.mods 
_software.name 
_software.os 
_software.os_version 
_software.type 
_software.version 
_software.pdbx_ordinal 
? refinement ? ? ? ? ? ? ? ? ? ? ? PHENIX ? ? ? . 1 
? phasing    ? ? ? ? ? ? ? ? ? ? ? PHASER ? ? ? . 2 
# 
_cell.angle_alpha                  90.000 
_cell.angle_alpha_esd              ? 
_cell.angle_beta                   90.000 
_cell.angle_beta_esd               ? 
_cell.angle_gamma                  90.000 
_cell.angle_gamma_esd              ? 
_cell.entry_id                     5HM9 
_cell.details                      ? 
_cell.formula_units_Z              ? 
_cell.length_a                     130.215 
_cell.length_a_esd                 ? 
_cell.length_b                     130.215 
_cell.length_b_esd                 ? 
_cell.length_c                     130.215 
_cell.length_c_esd                 ? 
_cell.volume                       ? 
_cell.volume_esd                   ? 
_cell.Z_PDB                        24 
_cell.reciprocal_angle_alpha       ? 
_cell.reciprocal_angle_beta        ? 
_cell.reciprocal_angle_gamma       ? 
_cell.reciprocal_angle_alpha_esd   ? 
_cell.reciprocal_angle_beta_esd    ? 
_cell.reciprocal_angle_gamma_esd   ? 
_cell.reciprocal_length_a          ? 
_cell.reciprocal_length_b          ? 
_cell.reciprocal_length_c          ? 
_cell.reciprocal_length_a_esd      ? 
_cell.reciprocal_length_b_esd      ? 
_cell.reciprocal_length_c_esd      ? 
_cell.pdbx_unique_axis             ? 
# 
_symmetry.entry_id                         5HM9 
_symmetry.cell_setting                     ? 
_symmetry.Int_Tables_number                207 
_symmetry.space_group_name_Hall            ? 
_symmetry.space_group_name_H-M             'P 4 3 2' 
_symmetry.pdbx_full_space_group_name_H-M   ? 
# 
_exptl.absorpt_coefficient_mu     ? 
_exptl.absorpt_correction_T_max   ? 
_exptl.absorpt_correction_T_min   ? 
_exptl.absorpt_correction_type    ? 
_exptl.absorpt_process_details    ? 
_exptl.entry_id                   5HM9 
_exptl.crystals_number            1 
_exptl.details                    ? 
_exptl.method                     'X-RAY DIFFRACTION' 
_exptl.method_details             ? 
# 
_exptl_crystal.colour                      ? 
_exptl_crystal.density_diffrn              ? 
_exptl_crystal.density_Matthews            4.63 
_exptl_crystal.density_method              ? 
_exptl_crystal.density_percent_sol         73.44 
_exptl_crystal.description                 ? 
_exptl_crystal.F_000                       ? 
_exptl_crystal.id                          1 
_exptl_crystal.preparation                 ? 
_exptl_crystal.size_max                    ? 
_exptl_crystal.size_mid                    ? 
_exptl_crystal.size_min                    ? 
_exptl_crystal.size_rad                    ? 
_exptl_crystal.colour_lustre               ? 
_exptl_crystal.colour_modifier             ? 
_exptl_crystal.colour_primary              ? 
_exptl_crystal.density_meas                ? 
_exptl_crystal.density_meas_esd            ? 
_exptl_crystal.density_meas_gt             ? 
_exptl_crystal.density_meas_lt             ? 
_exptl_crystal.density_meas_temp           ? 
_exptl_crystal.density_meas_temp_esd       ? 
_exptl_crystal.density_meas_temp_gt        ? 
_exptl_crystal.density_meas_temp_lt        ? 
_exptl_crystal.pdbx_crystal_image_url      ? 
_exptl_crystal.pdbx_crystal_image_format   ? 
_exptl_crystal.pdbx_mosaicity              ? 
_exptl_crystal.pdbx_mosaicity_esd          ? 
# 
_exptl_crystal_grow.apparatus       ? 
_exptl_crystal_grow.atmosphere      ? 
_exptl_crystal_grow.crystal_id      1 
_exptl_crystal_grow.details         ? 
_exptl_crystal_grow.method          'VAPOR DIFFUSION, HANGING DROP' 
_exptl_crystal_grow.method_ref      ? 
_exptl_crystal_grow.pH              4.6 
_exptl_crystal_grow.pressure        ? 
_exptl_crystal_grow.pressure_esd    ? 
_exptl_crystal_grow.seeding         ? 
_exptl_crystal_grow.seeding_ref     ? 
_exptl_crystal_grow.temp            291 
_exptl_crystal_grow.temp_details    ? 
_exptl_crystal_grow.temp_esd        ? 
_exptl_crystal_grow.time            ? 
_exptl_crystal_grow.pdbx_details    '50mM Na Acetate pH 4.6, 3.6M NH4Cl, 5% glycercol' 
_exptl_crystal_grow.pdbx_pH_range   '4.0 - 5.0' 
# 
_diffrn.ambient_environment    ? 
_diffrn.ambient_temp           100 
_diffrn.ambient_temp_details   ? 
_diffrn.ambient_temp_esd       ? 
_diffrn.crystal_id             1 
_diffrn.crystal_support        ? 
_diffrn.crystal_treatment      ? 
_diffrn.details                ? 
_diffrn.id                     1 
_diffrn.ambient_pressure       ? 
_diffrn.ambient_pressure_esd   ? 
_diffrn.ambient_pressure_gt    ? 
_diffrn.ambient_pressure_lt    ? 
_diffrn.ambient_temp_gt        ? 
_diffrn.ambient_temp_lt        ? 
# 
_diffrn_detector.details                      ? 
_diffrn_detector.detector                     CCD 
_diffrn_detector.diffrn_id                    1 
_diffrn_detector.type                         'ADSC QUANTUM 315r' 
_diffrn_detector.area_resol_mean              ? 
_diffrn_detector.dtime                        ? 
_diffrn_detector.pdbx_frames_total            ? 
_diffrn_detector.pdbx_collection_time_total   ? 
_diffrn_detector.pdbx_collection_date         2014-12-19 
# 
_diffrn_radiation.collimation                      ? 
_diffrn_radiation.diffrn_id                        1 
_diffrn_radiation.filter_edge                      ? 
_diffrn_radiation.inhomogeneity                    ? 
_diffrn_radiation.monochromator                    ? 
_diffrn_radiation.polarisn_norm                    ? 
_diffrn_radiation.polarisn_ratio                   ? 
_diffrn_radiation.probe                            ? 
_diffrn_radiation.type                             ? 
_diffrn_radiation.xray_symbol                      ? 
_diffrn_radiation.wavelength_id                    1 
_diffrn_radiation.pdbx_monochromatic_or_laue_m_l   M 
_diffrn_radiation.pdbx_wavelength_list             ? 
_diffrn_radiation.pdbx_wavelength                  ? 
_diffrn_radiation.pdbx_diffrn_protocol             'SINGLE WAVELENGTH' 
_diffrn_radiation.pdbx_analyzer                    ? 
_diffrn_radiation.pdbx_scattering_type             x-ray 
# 
_diffrn_radiation_wavelength.id           1 
_diffrn_radiation_wavelength.wavelength   1.116 
_diffrn_radiation_wavelength.wt           1.0 
# 
_diffrn_source.current                     ? 
_diffrn_source.details                     ? 
_diffrn_source.diffrn_id                   1 
_diffrn_source.power                       ? 
_diffrn_source.size                        ? 
_diffrn_source.source                      SYNCHROTRON 
_diffrn_source.target                      ? 
_diffrn_source.type                        'ALS BEAMLINE 8.3.1' 
_diffrn_source.voltage                     ? 
_diffrn_source.take-off_angle              ? 
_diffrn_source.pdbx_wavelength_list        1.116 
_diffrn_source.pdbx_wavelength             ? 
_diffrn_source.pdbx_synchrotron_beamline   8.3.1 
_diffrn_source.pdbx_synchrotron_site       ALS 
# 
_reflns.B_iso_Wilson_estimate            56.380 
_reflns.entry_id                         5HM9 
_reflns.data_reduction_details           ? 
_reflns.data_reduction_method            ? 
_reflns.d_resolution_high                2.600 
_reflns.d_resolution_low                 50.000 
_reflns.details                          ? 
_reflns.limit_h_max                      ? 
_reflns.limit_h_min                      ? 
_reflns.limit_k_max                      ? 
_reflns.limit_k_min                      ? 
_reflns.limit_l_max                      ? 
_reflns.limit_l_min                      ? 
_reflns.number_all                       ? 
_reflns.number_obs                       12179 
_reflns.observed_criterion               ? 
_reflns.observed_criterion_F_max         ? 
_reflns.observed_criterion_F_min         ? 
_reflns.observed_criterion_I_max         ? 
_reflns.observed_criterion_I_min         ? 
_reflns.observed_criterion_sigma_F       ? 
_reflns.observed_criterion_sigma_I       ? 
_reflns.percent_possible_obs             99.800 
_reflns.R_free_details                   ? 
_reflns.Rmerge_F_all                     ? 
_reflns.Rmerge_F_obs                     ? 
_reflns.Friedel_coverage                 ? 
_reflns.number_gt                        ? 
_reflns.threshold_expression             ? 
_reflns.pdbx_redundancy                  15.200 
_reflns.pdbx_Rmerge_I_obs                0.098 
_reflns.pdbx_Rmerge_I_all                ? 
_reflns.pdbx_Rsym_value                  ? 
_reflns.pdbx_netI_over_av_sigmaI         27.345 
_reflns.pdbx_netI_over_sigmaI            10.900 
_reflns.pdbx_res_netI_over_av_sigmaI_2   ? 
_reflns.pdbx_res_netI_over_sigmaI_2      ? 
_reflns.pdbx_chi_squared                 ? 
_reflns.pdbx_scaling_rejects             ? 
_reflns.pdbx_d_res_high_opt              ? 
_reflns.pdbx_d_res_low_opt               ? 
_reflns.pdbx_d_res_opt_method            ? 
_reflns.phase_calculation_details        ? 
_reflns.pdbx_Rrim_I_all                  ? 
_reflns.pdbx_Rpim_I_all                  ? 
_reflns.pdbx_d_opt                       ? 
_reflns.pdbx_number_measured_all         ? 
_reflns.pdbx_diffrn_id                   1 
_reflns.pdbx_ordinal                     1 
_reflns.pdbx_CC_half                     ? 
_reflns.pdbx_R_split                     ? 
# 
loop_
_reflns_shell.d_res_high 
_reflns_shell.d_res_low 
_reflns_shell.meanI_over_sigI_all 
_reflns_shell.meanI_over_sigI_obs 
_reflns_shell.number_measured_all 
_reflns_shell.number_measured_obs 
_reflns_shell.number_possible 
_reflns_shell.number_unique_all 
_reflns_shell.number_unique_obs 
_reflns_shell.percent_possible_all 
_reflns_shell.percent_possible_obs 
_reflns_shell.Rmerge_F_all 
_reflns_shell.Rmerge_F_obs 
_reflns_shell.Rmerge_I_all 
_reflns_shell.Rmerge_I_obs 
_reflns_shell.meanI_over_sigI_gt 
_reflns_shell.meanI_over_uI_all 
_reflns_shell.meanI_over_uI_gt 
_reflns_shell.number_measured_gt 
_reflns_shell.number_unique_gt 
_reflns_shell.percent_possible_gt 
_reflns_shell.Rmerge_F_gt 
_reflns_shell.Rmerge_I_gt 
_reflns_shell.pdbx_redundancy 
_reflns_shell.pdbx_Rsym_value 
_reflns_shell.pdbx_chi_squared 
_reflns_shell.pdbx_netI_over_sigmaI_all 
_reflns_shell.pdbx_netI_over_sigmaI_obs 
_reflns_shell.pdbx_Rrim_I_all 
_reflns_shell.pdbx_Rpim_I_all 
_reflns_shell.pdbx_rejects 
_reflns_shell.pdbx_ordinal 
_reflns_shell.pdbx_diffrn_id 
_reflns_shell.pdbx_CC_half 
_reflns_shell.pdbx_R_split 
2.600 2.640  ? ? ? ? ? ? ? 98.500  ? ? ? ? 0.695 ? ? ? ? ? ? ? ? 12.300 ? ? ? ? ? ? ? 1  1 ? ? 
2.640 2.690  ? ? ? ? ? ? ? 99.700  ? ? ? ? 0.677 ? ? ? ? ? ? ? ? 12.800 ? ? ? ? ? ? ? 2  1 ? ? 
2.690 2.740  ? ? ? ? ? ? ? 99.800  ? ? ? ? 0.590 ? ? ? ? ? ? ? ? 13.100 ? ? ? ? ? ? ? 3  1 ? ? 
2.740 2.800  ? ? ? ? ? ? ? 99.800  ? ? ? ? 0.561 ? ? ? ? ? ? ? ? 13.100 ? ? ? ? ? ? ? 4  1 ? ? 
2.800 2.860  ? ? ? ? ? ? ? 99.800  ? ? ? ? 0.495 ? ? ? ? ? ? ? ? 13.500 ? ? ? ? ? ? ? 5  1 ? ? 
2.860 2.930  ? ? ? ? ? ? ? 99.800  ? ? ? ? 0.433 ? ? ? ? ? ? ? ? 14.200 ? ? ? ? ? ? ? 6  1 ? ? 
2.930 3.000  ? ? ? ? ? ? ? 100.000 ? ? ? ? 0.366 ? ? ? ? ? ? ? ? 14.400 ? ? ? ? ? ? ? 7  1 ? ? 
3.000 3.080  ? ? ? ? ? ? ? 99.800  ? ? ? ? 0.315 ? ? ? ? ? ? ? ? 14.800 ? ? ? ? ? ? ? 8  1 ? ? 
3.080 3.170  ? ? ? ? ? ? ? 100.000 ? ? ? ? 0.253 ? ? ? ? ? ? ? ? 15.200 ? ? ? ? ? ? ? 9  1 ? ? 
3.170 3.280  ? ? ? ? ? ? ? 99.500  ? ? ? ? 0.211 ? ? ? ? ? ? ? ? 15.800 ? ? ? ? ? ? ? 10 1 ? ? 
3.280 3.390  ? ? ? ? ? ? ? 100.000 ? ? ? ? 0.170 ? ? ? ? ? ? ? ? 16.200 ? ? ? ? ? ? ? 11 1 ? ? 
3.390 3.530  ? ? ? ? ? ? ? 99.800  ? ? ? ? 0.150 ? ? ? ? ? ? ? ? 16.000 ? ? ? ? ? ? ? 12 1 ? ? 
3.530 3.690  ? ? ? ? ? ? ? 100.000 ? ? ? ? 0.126 ? ? ? ? ? ? ? ? 15.900 ? ? ? ? ? ? ? 13 1 ? ? 
3.690 3.880  ? ? ? ? ? ? ? 100.000 ? ? ? ? 0.111 ? ? ? ? ? ? ? ? 16.300 ? ? ? ? ? ? ? 14 1 ? ? 
3.880 4.130  ? ? ? ? ? ? ? 100.000 ? ? ? ? 0.079 ? ? ? ? ? ? ? ? 16.700 ? ? ? ? ? ? ? 15 1 ? ? 
4.130 4.450  ? ? ? ? ? ? ? 100.000 ? ? ? ? 0.067 ? ? ? ? ? ? ? ? 17.100 ? ? ? ? ? ? ? 16 1 ? ? 
4.450 4.890  ? ? ? ? ? ? ? 99.800  ? ? ? ? 0.068 ? ? ? ? ? ? ? ? 17.000 ? ? ? ? ? ? ? 17 1 ? ? 
4.890 5.600  ? ? ? ? ? ? ? 99.800  ? ? ? ? 0.070 ? ? ? ? ? ? ? ? 16.600 ? ? ? ? ? ? ? 18 1 ? ? 
5.600 7.050  ? ? ? ? ? ? ? 100.000 ? ? ? ? 0.061 ? ? ? ? ? ? ? ? 16.200 ? ? ? ? ? ? ? 19 1 ? ? 
7.050 50.000 ? ? ? ? ? ? ? 99.400  ? ? ? ? 0.042 ? ? ? ? ? ? ? ? 15.600 ? ? ? ? ? ? ? 20 1 ? ? 
# 
_refine.aniso_B[1][1]                            ? 
_refine.aniso_B[1][2]                            ? 
_refine.aniso_B[1][3]                            ? 
_refine.aniso_B[2][2]                            ? 
_refine.aniso_B[2][3]                            ? 
_refine.aniso_B[3][3]                            ? 
_refine.B_iso_max                                123.190 
_refine.B_iso_mean                               56.1871 
_refine.B_iso_min                                34.310 
_refine.correlation_coeff_Fo_to_Fc               ? 
_refine.correlation_coeff_Fo_to_Fc_free          ? 
_refine.details                                  ? 
_refine.diff_density_max                         ? 
_refine.diff_density_max_esd                     ? 
_refine.diff_density_min                         ? 
_refine.diff_density_min_esd                     ? 
_refine.diff_density_rms                         ? 
_refine.diff_density_rms_esd                     ? 
_refine.entry_id                                 5HM9 
_refine.pdbx_refine_id                           'X-RAY DIFFRACTION' 
_refine.ls_abs_structure_details                 ? 
_refine.ls_abs_structure_Flack                   ? 
_refine.ls_abs_structure_Flack_esd               ? 
_refine.ls_abs_structure_Rogers                  ? 
_refine.ls_abs_structure_Rogers_esd              ? 
_refine.ls_d_res_high                            2.6000 
_refine.ls_d_res_low                             43.4050 
_refine.ls_extinction_coef                       ? 
_refine.ls_extinction_coef_esd                   ? 
_refine.ls_extinction_expression                 ? 
_refine.ls_extinction_method                     ? 
_refine.ls_goodness_of_fit_all                   ? 
_refine.ls_goodness_of_fit_all_esd               ? 
_refine.ls_goodness_of_fit_obs                   ? 
_refine.ls_goodness_of_fit_obs_esd               ? 
_refine.ls_hydrogen_treatment                    ? 
_refine.ls_matrix_type                           ? 
_refine.ls_number_constraints                    ? 
_refine.ls_number_parameters                     ? 
_refine.ls_number_reflns_all                     ? 
_refine.ls_number_reflns_obs                     12177 
_refine.ls_number_reflns_R_free                  602 
_refine.ls_number_reflns_R_work                  ? 
_refine.ls_number_restraints                     ? 
_refine.ls_percent_reflns_obs                    99.7800 
_refine.ls_percent_reflns_R_free                 4.9400 
_refine.ls_R_factor_all                          ? 
_refine.ls_R_factor_obs                          0.2047 
_refine.ls_R_factor_R_free                       0.2322 
_refine.ls_R_factor_R_free_error                 ? 
_refine.ls_R_factor_R_free_error_details         ? 
_refine.ls_R_factor_R_work                       0.2032 
_refine.ls_R_Fsqd_factor_obs                     ? 
_refine.ls_R_I_factor_obs                        ? 
_refine.ls_redundancy_reflns_all                 ? 
_refine.ls_redundancy_reflns_obs                 ? 
_refine.ls_restrained_S_all                      ? 
_refine.ls_restrained_S_obs                      ? 
_refine.ls_shift_over_esd_max                    ? 
_refine.ls_shift_over_esd_mean                   ? 
_refine.ls_structure_factor_coef                 ? 
_refine.ls_weighting_details                     ? 
_refine.ls_weighting_scheme                      ? 
_refine.ls_wR_factor_all                         ? 
_refine.ls_wR_factor_obs                         ? 
_refine.ls_wR_factor_R_free                      ? 
_refine.ls_wR_factor_R_work                      ? 
_refine.occupancy_max                            ? 
_refine.occupancy_min                            ? 
_refine.solvent_model_details                    ? 
_refine.solvent_model_param_bsol                 ? 
_refine.solvent_model_param_ksol                 ? 
_refine.ls_R_factor_gt                           ? 
_refine.ls_goodness_of_fit_gt                    ? 
_refine.ls_goodness_of_fit_ref                   ? 
_refine.ls_shift_over_su_max                     ? 
_refine.ls_shift_over_su_max_lt                  ? 
_refine.ls_shift_over_su_mean                    ? 
_refine.ls_shift_over_su_mean_lt                 ? 
_refine.pdbx_ls_sigma_I                          ? 
_refine.pdbx_ls_sigma_F                          1.400 
_refine.pdbx_ls_sigma_Fsqd                       ? 
_refine.pdbx_data_cutoff_high_absF               ? 
_refine.pdbx_data_cutoff_high_rms_absF           ? 
_refine.pdbx_data_cutoff_low_absF                ? 
_refine.pdbx_isotropic_thermal_model             ? 
_refine.pdbx_ls_cross_valid_method               'FREE R-VALUE' 
_refine.pdbx_method_to_determine_struct          'MOLECULAR REPLACEMENT' 
_refine.pdbx_starting_model                      1KY9 
_refine.pdbx_stereochemistry_target_values       ? 
_refine.pdbx_R_Free_selection_details            ? 
_refine.pdbx_stereochem_target_val_spec_case     ? 
_refine.pdbx_overall_ESU_R                       ? 
_refine.pdbx_overall_ESU_R_Free                  ? 
_refine.pdbx_solvent_vdw_probe_radii             1.1100 
_refine.pdbx_solvent_ion_probe_radii             ? 
_refine.pdbx_solvent_shrinkage_radii             0.9000 
_refine.pdbx_real_space_R                        ? 
_refine.pdbx_density_correlation                 ? 
_refine.pdbx_pd_number_of_powder_patterns        ? 
_refine.pdbx_pd_number_of_points                 ? 
_refine.pdbx_pd_meas_number_of_points            ? 
_refine.pdbx_pd_proc_ls_prof_R_factor            ? 
_refine.pdbx_pd_proc_ls_prof_wR_factor           ? 
_refine.pdbx_pd_Marquardt_correlation_coeff      ? 
_refine.pdbx_pd_Fsqrd_R_factor                   ? 
_refine.pdbx_pd_ls_matrix_band_width             ? 
_refine.pdbx_overall_phase_error                 21.4900 
_refine.pdbx_overall_SU_R_free_Cruickshank_DPI   ? 
_refine.pdbx_overall_SU_R_free_Blow_DPI          ? 
_refine.pdbx_overall_SU_R_Blow_DPI               ? 
_refine.pdbx_TLS_residual_ADP_flag               ? 
_refine.pdbx_diffrn_id                           1 
_refine.overall_SU_B                             ? 
_refine.overall_SU_ML                            0.2700 
_refine.overall_SU_R_Cruickshank_DPI             ? 
_refine.overall_SU_R_free                        ? 
_refine.overall_FOM_free_R_set                   ? 
_refine.overall_FOM_work_R_set                   ? 
_refine.pdbx_average_fsc_overall                 ? 
_refine.pdbx_average_fsc_work                    ? 
_refine.pdbx_average_fsc_free                    ? 
# 
_refine_hist.cycle_id                         final 
_refine_hist.pdbx_refine_id                   'X-RAY DIFFRACTION' 
_refine_hist.d_res_high                       2.6000 
_refine_hist.d_res_low                        43.4050 
_refine_hist.pdbx_number_atoms_ligand         0 
_refine_hist.number_atoms_solvent             18 
_refine_hist.number_atoms_total               1416 
_refine_hist.pdbx_number_residues_total       194 
_refine_hist.pdbx_B_iso_mean_solvent          47.12 
_refine_hist.pdbx_number_atoms_protein        1398 
_refine_hist.pdbx_number_atoms_nucleic_acid   0 
# 
loop_
_refine_ls_restr.pdbx_refine_id 
_refine_ls_restr.criterion 
_refine_ls_restr.dev_ideal 
_refine_ls_restr.dev_ideal_target 
_refine_ls_restr.number 
_refine_ls_restr.rejects 
_refine_ls_restr.type 
_refine_ls_restr.weight 
_refine_ls_restr.pdbx_restraint_function 
'X-RAY DIFFRACTION' ? 0.009  ? 1425 ? f_bond_d           ? ? 
'X-RAY DIFFRACTION' ? 1.115  ? 1948 ? f_angle_d          ? ? 
'X-RAY DIFFRACTION' ? 0.051  ? 237  ? f_chiral_restr     ? ? 
'X-RAY DIFFRACTION' ? 0.006  ? 254  ? f_plane_restr      ? ? 
'X-RAY DIFFRACTION' ? 14.643 ? 494  ? f_dihedral_angle_d ? ? 
# 
loop_
_refine_ls_shell.pdbx_refine_id 
_refine_ls_shell.d_res_high 
_refine_ls_shell.d_res_low 
_refine_ls_shell.number_reflns_all 
_refine_ls_shell.number_reflns_obs 
_refine_ls_shell.number_reflns_R_free 
_refine_ls_shell.number_reflns_R_work 
_refine_ls_shell.percent_reflns_obs 
_refine_ls_shell.percent_reflns_R_free 
_refine_ls_shell.R_factor_all 
_refine_ls_shell.R_factor_obs 
_refine_ls_shell.R_factor_R_free 
_refine_ls_shell.R_factor_R_free_error 
_refine_ls_shell.R_factor_R_work 
_refine_ls_shell.redundancy_reflns_all 
_refine_ls_shell.redundancy_reflns_obs 
_refine_ls_shell.wR_factor_all 
_refine_ls_shell.wR_factor_obs 
_refine_ls_shell.wR_factor_R_free 
_refine_ls_shell.wR_factor_R_work 
_refine_ls_shell.pdbx_total_number_of_bins_used 
_refine_ls_shell.pdbx_phase_error 
_refine_ls_shell.pdbx_fsc_work 
_refine_ls_shell.pdbx_fsc_free 
'X-RAY DIFFRACTION' 2.5991 2.8606  2944 . 142 2802 100.0000 . . . 0.2996 . 0.2562 . . . . . . 4 . . . 
'X-RAY DIFFRACTION' 2.8606 3.2744  2979 . 159 2820 100.0000 . . . 0.3209 . 0.2416 . . . . . . 4 . . . 
'X-RAY DIFFRACTION' 3.2744 4.1249  3026 . 144 2882 100.0000 . . . 0.2631 . 0.2035 . . . . . . 4 . . . 
'X-RAY DIFFRACTION' 4.1249 43.4110 3228 . 157 3071 100.0000 . . . 0.1778 . 0.1810 . . . . . . 4 . . . 
# 
_struct.entry_id                     5HM9 
_struct.title                        'Crystal structure of MamO protease domain from Magnetospirillum magneticum (apo form)' 
_struct.pdbx_model_details           ? 
_struct.pdbx_formula_weight          ? 
_struct.pdbx_formula_weight_method   ? 
_struct.pdbx_model_type_details      ? 
_struct.pdbx_CASP_flag               ? 
# 
_struct_keywords.entry_id        5HM9 
_struct_keywords.text            'trypsin, biomineralization, pseudo-protease, magnetosome, HYDROLASE' 
_struct_keywords.pdbx_keywords   HYDROLASE 
# 
loop_
_struct_asym.id 
_struct_asym.pdbx_blank_PDB_chainid_flag 
_struct_asym.pdbx_modified 
_struct_asym.entity_id 
_struct_asym.details 
A N N 1 ? 
B N N 2 ? 
C N N 3 ? 
# 
loop_
_struct_ref.id 
_struct_ref.db_name 
_struct_ref.db_code 
_struct_ref.pdbx_db_accession 
_struct_ref.pdbx_db_isoform 
_struct_ref.entity_id 
_struct_ref.pdbx_seq_one_letter_code 
_struct_ref.pdbx_align_begin 
1 UNP Q2W8Q2_MAGSA Q2W8Q2 ? 1 
;LYHTVPPAVVGVGGGGVNAGPVASGAIVGTNGYVITTLHSVSKLPEISVQVATTGGIRRFPAQVVKTIPGHDLALLKMQT
TEKFLHFRMADVQTVVPGQQVFAFGRNMAGAPLVRQGLVQSADAPLAVGATQITHLLRSDAVYSWEQTGGPLVNAQGDLV
GINIAATGPTGKVEGFTVPAQVIVSHLQD
;
78 
2 PDB 5HM9         5HM9   ? 2 ? 1  
# 
loop_
_struct_ref_seq.align_id 
_struct_ref_seq.ref_id 
_struct_ref_seq.pdbx_PDB_id_code 
_struct_ref_seq.pdbx_strand_id 
_struct_ref_seq.seq_align_beg 
_struct_ref_seq.pdbx_seq_align_beg_ins_code 
_struct_ref_seq.seq_align_end 
_struct_ref_seq.pdbx_seq_align_end_ins_code 
_struct_ref_seq.pdbx_db_accession 
_struct_ref_seq.db_align_beg 
_struct_ref_seq.pdbx_db_align_beg_ins_code 
_struct_ref_seq.db_align_end 
_struct_ref_seq.pdbx_db_align_end_ins_code 
_struct_ref_seq.pdbx_auth_seq_align_beg 
_struct_ref_seq.pdbx_auth_seq_align_end 
1 1 5HM9 A 1 ? 189 ? Q2W8Q2 78  ? 266 ? 34  222 
2 2 5HM9 C 1 ? 5   ? 5HM9   103 ? 107 ? 103 107 
# 
_pdbx_struct_assembly.id                   1 
_pdbx_struct_assembly.details              author_and_software_defined_assembly 
_pdbx_struct_assembly.method_details       PISA 
_pdbx_struct_assembly.oligomeric_details   dimeric 
_pdbx_struct_assembly.oligomeric_count     2 
# 
loop_
_pdbx_struct_assembly_prop.biol_id 
_pdbx_struct_assembly_prop.type 
_pdbx_struct_assembly_prop.value 
_pdbx_struct_assembly_prop.details 
1 'ABSA (A^2)' 670  ? 
1 MORE         -5   ? 
1 'SSA (A^2)'  8990 ? 
# 
_pdbx_struct_assembly_gen.assembly_id       1 
_pdbx_struct_assembly_gen.oper_expression   1 
_pdbx_struct_assembly_gen.asym_id_list      A,B,C 
# 
_pdbx_struct_oper_list.id                   1 
_pdbx_struct_oper_list.type                 'identity operation' 
_pdbx_struct_oper_list.name                 1_555 
_pdbx_struct_oper_list.symmetry_operation   x,y,z 
_pdbx_struct_oper_list.matrix[1][1]         1.0000000000 
_pdbx_struct_oper_list.matrix[1][2]         0.0000000000 
_pdbx_struct_oper_list.matrix[1][3]         0.0000000000 
_pdbx_struct_oper_list.vector[1]            0.0000000000 
_pdbx_struct_oper_list.matrix[2][1]         0.0000000000 
_pdbx_struct_oper_list.matrix[2][2]         1.0000000000 
_pdbx_struct_oper_list.matrix[2][3]         0.0000000000 
_pdbx_struct_oper_list.vector[2]            0.0000000000 
_pdbx_struct_oper_list.matrix[3][1]         0.0000000000 
_pdbx_struct_oper_list.matrix[3][2]         0.0000000000 
_pdbx_struct_oper_list.matrix[3][3]         1.0000000000 
_pdbx_struct_oper_list.vector[3]            0.0000000000 
# 
loop_
_struct_conf.conf_type_id 
_struct_conf.id 
_struct_conf.pdbx_PDB_helix_id 
_struct_conf.beg_label_comp_id 
_struct_conf.beg_label_asym_id 
_struct_conf.beg_label_seq_id 
_struct_conf.pdbx_beg_PDB_ins_code 
_struct_conf.end_label_comp_id 
_struct_conf.end_label_asym_id 
_struct_conf.end_label_seq_id 
_struct_conf.pdbx_end_PDB_ins_code 
_struct_conf.beg_auth_comp_id 
_struct_conf.beg_auth_asym_id 
_struct_conf.beg_auth_seq_id 
_struct_conf.end_auth_comp_id 
_struct_conf.end_auth_asym_id 
_struct_conf.end_auth_seq_id 
_struct_conf.pdbx_PDB_helix_class 
_struct_conf.details 
_struct_conf.pdbx_PDB_helix_length 
HELX_P HELX_P1 AA1 VAL A 5   ? PRO A 7   ? VAL A 38  PRO A 40  5 ? 3 
HELX_P HELX_P2 AA2 LEU A 38  ? SER A 42  ? LEU A 71  SER A 75  1 ? 5 
HELX_P HELX_P3 AA3 PRO A 69  ? HIS A 71  ? PRO A 102 HIS A 104 5 ? 3 
HELX_P HELX_P4 AA4 ARG A 88  ? VAL A 92  ? ARG A 121 VAL A 125 5 ? 5 
HELX_P HELX_P5 AA5 SER A 144 ? THR A 148 ? SER A 177 THR A 181 5 ? 5 
HELX_P HELX_P6 AA6 ALA A 180 ? HIS A 186 ? ALA A 213 HIS A 219 1 ? 7 
# 
_struct_conf_type.id          HELX_P 
_struct_conf_type.criteria    ? 
_struct_conf_type.reference   ? 
# 
loop_
_struct_conn.id 
_struct_conn.conn_type_id 
_struct_conn.pdbx_leaving_atom_flag 
_struct_conn.pdbx_PDB_id 
_struct_conn.ptnr1_label_asym_id 
_struct_conn.ptnr1_label_comp_id 
_struct_conn.ptnr1_label_seq_id 
_struct_conn.ptnr1_label_atom_id 
_struct_conn.pdbx_ptnr1_label_alt_id 
_struct_conn.pdbx_ptnr1_PDB_ins_code 
_struct_conn.pdbx_ptnr1_standard_comp_id 
_struct_conn.ptnr1_symmetry 
_struct_conn.ptnr2_label_asym_id 
_struct_conn.ptnr2_label_comp_id 
_struct_conn.ptnr2_label_seq_id 
_struct_conn.ptnr2_label_atom_id 
_struct_conn.pdbx_ptnr2_label_alt_id 
_struct_conn.pdbx_ptnr2_PDB_ins_code 
_struct_conn.ptnr1_auth_asym_id 
_struct_conn.ptnr1_auth_comp_id 
_struct_conn.ptnr1_auth_seq_id 
_struct_conn.ptnr2_auth_asym_id 
_struct_conn.ptnr2_auth_comp_id 
_struct_conn.ptnr2_auth_seq_id 
_struct_conn.ptnr2_symmetry 
_struct_conn.pdbx_ptnr3_label_atom_id 
_struct_conn.pdbx_ptnr3_label_seq_id 
_struct_conn.pdbx_ptnr3_label_comp_id 
_struct_conn.pdbx_ptnr3_label_asym_id 
_struct_conn.pdbx_ptnr3_label_alt_id 
_struct_conn.pdbx_ptnr3_PDB_ins_code 
_struct_conn.details 
_struct_conn.pdbx_dist_value 
_struct_conn.pdbx_value_order 
_struct_conn.pdbx_role 
covale1 covale both ? B UNK 1 C ? ? ? 1_555 B UNK 2 N ? ? C UNK 103 C UNK 104 1_555 ? ? ? ? ? ? ? 1.338 ? ? 
covale2 covale both ? B UNK 2 C ? ? ? 1_555 B UNK 3 N ? ? C UNK 104 C UNK 105 1_555 ? ? ? ? ? ? ? 1.332 ? ? 
covale3 covale both ? B UNK 3 C ? ? ? 1_555 B UNK 4 N ? ? C UNK 105 C UNK 106 1_555 ? ? ? ? ? ? ? 1.333 ? ? 
covale4 covale both ? B UNK 4 C ? ? ? 1_555 B UNK 5 N ? ? C UNK 106 C UNK 107 1_555 ? ? ? ? ? ? ? 1.336 ? ? 
# 
_struct_conn_type.id          covale 
_struct_conn_type.criteria    ? 
_struct_conn_type.reference   ? 
# 
loop_
_struct_sheet.id 
_struct_sheet.type 
_struct_sheet.number_strands 
_struct_sheet.details 
AA1 ? 7  ? 
AA2 ? 10 ? 
# 
loop_
_struct_sheet_order.sheet_id 
_struct_sheet_order.range_id_1 
_struct_sheet_order.range_id_2 
_struct_sheet_order.offset 
_struct_sheet_order.sense 
AA1 1 2  ? anti-parallel 
AA1 2 3  ? anti-parallel 
AA1 3 4  ? anti-parallel 
AA1 4 5  ? anti-parallel 
AA1 5 6  ? anti-parallel 
AA1 6 7  ? anti-parallel 
AA2 1 2  ? anti-parallel 
AA2 2 3  ? anti-parallel 
AA2 3 4  ? anti-parallel 
AA2 5 6  ? anti-parallel 
AA2 6 7  ? anti-parallel 
AA2 7 8  ? anti-parallel 
AA2 8 9  ? anti-parallel 
AA2 9 10 ? anti-parallel 
# 
loop_
_struct_sheet_range.sheet_id 
_struct_sheet_range.id 
_struct_sheet_range.beg_label_comp_id 
_struct_sheet_range.beg_label_asym_id 
_struct_sheet_range.beg_label_seq_id 
_struct_sheet_range.pdbx_beg_PDB_ins_code 
_struct_sheet_range.end_label_comp_id 
_struct_sheet_range.end_label_asym_id 
_struct_sheet_range.end_label_seq_id 
_struct_sheet_range.pdbx_end_PDB_ins_code 
_struct_sheet_range.beg_auth_comp_id 
_struct_sheet_range.beg_auth_asym_id 
_struct_sheet_range.beg_auth_seq_id 
_struct_sheet_range.end_auth_comp_id 
_struct_sheet_range.end_auth_asym_id 
_struct_sheet_range.end_auth_seq_id 
AA1 1  VAL A 9   ? GLY A 13  ? VAL A 42  GLY A 46  
AA1 2  ALA A 23  ? GLY A 29  ? ALA A 56  GLY A 62  
AA1 3  TYR A 33  ? THR A 37  ? TYR A 66  THR A 70  
AA1 4  LEU A 73  ? MET A 78  ? LEU A 106 MET A 111 
AA1 5  GLY A 56  ? ILE A 68  ? GLY A 89  ILE A 101 
AA1 6  ILE A 47  ? THR A 53  ? ILE A 80  THR A 86  
AA1 7  VAL A 9   ? GLY A 13  ? VAL A 42  GLY A 46  
AA2 1  PRO A 112 ? VAL A 128 ? PRO A 145 VAL A 161 
AA2 2  THR A 131 ? SER A 139 ? THR A 164 SER A 172 
AA2 3  VAL A 173 ? PRO A 179 ? VAL A 206 PRO A 212 
AA2 4  LEU A 159 ? THR A 167 ? LEU A 192 THR A 200 
AA2 5  PRO A 112 ? VAL A 128 ? PRO A 145 VAL A 161 
AA2 6  GLN A 100 ? ARG A 106 ? GLN A 133 ARG A 139 
AA2 7  PRO A 151 ? VAL A 153 ? PRO A 184 VAL A 186 
AA2 8  LEU A 159 ? THR A 167 ? LEU A 192 THR A 200 
AA2 9  UNK B 2   ? UNK B 3   ? UNK C 104 UNK C 105 
AA2 10 LEU A 159 ? THR A 167 ? LEU A 192 THR A 200 
# 
loop_
_pdbx_struct_sheet_hbond.sheet_id 
_pdbx_struct_sheet_hbond.range_id_1 
_pdbx_struct_sheet_hbond.range_id_2 
_pdbx_struct_sheet_hbond.range_1_label_atom_id 
_pdbx_struct_sheet_hbond.range_1_label_comp_id 
_pdbx_struct_sheet_hbond.range_1_label_asym_id 
_pdbx_struct_sheet_hbond.range_1_label_seq_id 
_pdbx_struct_sheet_hbond.range_1_PDB_ins_code 
_pdbx_struct_sheet_hbond.range_1_auth_atom_id 
_pdbx_struct_sheet_hbond.range_1_auth_comp_id 
_pdbx_struct_sheet_hbond.range_1_auth_asym_id 
_pdbx_struct_sheet_hbond.range_1_auth_seq_id 
_pdbx_struct_sheet_hbond.range_2_label_atom_id 
_pdbx_struct_sheet_hbond.range_2_label_comp_id 
_pdbx_struct_sheet_hbond.range_2_label_asym_id 
_pdbx_struct_sheet_hbond.range_2_label_seq_id 
_pdbx_struct_sheet_hbond.range_2_PDB_ins_code 
_pdbx_struct_sheet_hbond.range_2_auth_atom_id 
_pdbx_struct_sheet_hbond.range_2_auth_comp_id 
_pdbx_struct_sheet_hbond.range_2_auth_asym_id 
_pdbx_struct_sheet_hbond.range_2_auth_seq_id 
AA1 1 2  N VAL A 12  ? N VAL A 45  O ALA A 23  ? O ALA A 56  
AA1 2 3  N VAL A 28  ? N VAL A 61  O TYR A 33  ? O TYR A 66  
AA1 3 4  N VAL A 34  ? N VAL A 67  O LEU A 76  ? O LEU A 109 
AA1 4 5  O LEU A 75  ? O LEU A 108 N VAL A 65  ? N VAL A 98  
AA1 5 6  O ARG A 58  ? O ARG A 91  N VAL A 51  ? N VAL A 84  
AA1 6 7  O SER A 48  ? O SER A 81  N GLY A 13  ? N GLY A 46  
AA2 1 2  N ALA A 124 ? N ALA A 157 O LEU A 136 ? O LEU A 169 
AA2 2 3  N LEU A 137 ? N LEU A 170 O THR A 177 ? O THR A 210 
AA2 3 4  O VAL A 178 ? O VAL A 211 N ILE A 162 ? N ILE A 195 
AA2 5 6  O LEU A 113 ? O LEU A 146 N GLY A 105 ? N GLY A 138 
AA2 6 7  N PHE A 102 ? N PHE A 135 O VAL A 153 ? O VAL A 186 
AA2 7 8  N LEU A 152 ? N LEU A 185 O VAL A 160 ? O VAL A 193 
AA2 8 9  N THR A 167 ? N THR A 200 O UNK B 2   ? O UNK C 104 
AA2 9 10 O UNK B 2   ? O UNK C 104 N THR A 167 ? N THR A 200 
# 
_pdbx_entry_details.entry_id                   5HM9 
_pdbx_entry_details.compound_details           ? 
_pdbx_entry_details.source_details             ? 
_pdbx_entry_details.nonpolymer_details         ? 
_pdbx_entry_details.sequence_details           ? 
_pdbx_entry_details.has_ligand_of_interest     ? 
_pdbx_entry_details.has_protein_modification   N 
# 
_pdbx_validate_torsion.id              1 
_pdbx_validate_torsion.PDB_model_num   1 
_pdbx_validate_torsion.auth_comp_id    GLN 
_pdbx_validate_torsion.auth_asym_id    A 
_pdbx_validate_torsion.auth_seq_id     221 
_pdbx_validate_torsion.PDB_ins_code    ? 
_pdbx_validate_torsion.label_alt_id    ? 
_pdbx_validate_torsion.phi             -135.11 
_pdbx_validate_torsion.psi             -91.41 
# 
loop_
_chem_comp_atom.comp_id 
_chem_comp_atom.atom_id 
_chem_comp_atom.type_symbol 
_chem_comp_atom.pdbx_aromatic_flag 
_chem_comp_atom.pdbx_stereo_config 
_chem_comp_atom.pdbx_ordinal 
ALA N    N N N 1   
ALA CA   C N S 2   
ALA C    C N N 3   
ALA O    O N N 4   
ALA CB   C N N 5   
ALA OXT  O N N 6   
ALA H    H N N 7   
ALA H2   H N N 8   
ALA HA   H N N 9   
ALA HB1  H N N 10  
ALA HB2  H N N 11  
ALA HB3  H N N 12  
ALA HXT  H N N 13  
ARG N    N N N 14  
ARG CA   C N S 15  
ARG C    C N N 16  
ARG O    O N N 17  
ARG CB   C N N 18  
ARG CG   C N N 19  
ARG CD   C N N 20  
ARG NE   N N N 21  
ARG CZ   C N N 22  
ARG NH1  N N N 23  
ARG NH2  N N N 24  
ARG OXT  O N N 25  
ARG H    H N N 26  
ARG H2   H N N 27  
ARG HA   H N N 28  
ARG HB2  H N N 29  
ARG HB3  H N N 30  
ARG HG2  H N N 31  
ARG HG3  H N N 32  
ARG HD2  H N N 33  
ARG HD3  H N N 34  
ARG HE   H N N 35  
ARG HH11 H N N 36  
ARG HH12 H N N 37  
ARG HH21 H N N 38  
ARG HH22 H N N 39  
ARG HXT  H N N 40  
ASN N    N N N 41  
ASN CA   C N S 42  
ASN C    C N N 43  
ASN O    O N N 44  
ASN CB   C N N 45  
ASN CG   C N N 46  
ASN OD1  O N N 47  
ASN ND2  N N N 48  
ASN OXT  O N N 49  
ASN H    H N N 50  
ASN H2   H N N 51  
ASN HA   H N N 52  
ASN HB2  H N N 53  
ASN HB3  H N N 54  
ASN HD21 H N N 55  
ASN HD22 H N N 56  
ASN HXT  H N N 57  
ASP N    N N N 58  
ASP CA   C N S 59  
ASP C    C N N 60  
ASP O    O N N 61  
ASP CB   C N N 62  
ASP CG   C N N 63  
ASP OD1  O N N 64  
ASP OD2  O N N 65  
ASP OXT  O N N 66  
ASP H    H N N 67  
ASP H2   H N N 68  
ASP HA   H N N 69  
ASP HB2  H N N 70  
ASP HB3  H N N 71  
ASP HD2  H N N 72  
ASP HXT  H N N 73  
GLN N    N N N 74  
GLN CA   C N S 75  
GLN C    C N N 76  
GLN O    O N N 77  
GLN CB   C N N 78  
GLN CG   C N N 79  
GLN CD   C N N 80  
GLN OE1  O N N 81  
GLN NE2  N N N 82  
GLN OXT  O N N 83  
GLN H    H N N 84  
GLN H2   H N N 85  
GLN HA   H N N 86  
GLN HB2  H N N 87  
GLN HB3  H N N 88  
GLN HG2  H N N 89  
GLN HG3  H N N 90  
GLN HE21 H N N 91  
GLN HE22 H N N 92  
GLN HXT  H N N 93  
GLU N    N N N 94  
GLU CA   C N S 95  
GLU C    C N N 96  
GLU O    O N N 97  
GLU CB   C N N 98  
GLU CG   C N N 99  
GLU CD   C N N 100 
GLU OE1  O N N 101 
GLU OE2  O N N 102 
GLU OXT  O N N 103 
GLU H    H N N 104 
GLU H2   H N N 105 
GLU HA   H N N 106 
GLU HB2  H N N 107 
GLU HB3  H N N 108 
GLU HG2  H N N 109 
GLU HG3  H N N 110 
GLU HE2  H N N 111 
GLU HXT  H N N 112 
GLY N    N N N 113 
GLY CA   C N N 114 
GLY C    C N N 115 
GLY O    O N N 116 
GLY OXT  O N N 117 
GLY H    H N N 118 
GLY H2   H N N 119 
GLY HA2  H N N 120 
GLY HA3  H N N 121 
GLY HXT  H N N 122 
HIS N    N N N 123 
HIS CA   C N S 124 
HIS C    C N N 125 
HIS O    O N N 126 
HIS CB   C N N 127 
HIS CG   C Y N 128 
HIS ND1  N Y N 129 
HIS CD2  C Y N 130 
HIS CE1  C Y N 131 
HIS NE2  N Y N 132 
HIS OXT  O N N 133 
HIS H    H N N 134 
HIS H2   H N N 135 
HIS HA   H N N 136 
HIS HB2  H N N 137 
HIS HB3  H N N 138 
HIS HD1  H N N 139 
HIS HD2  H N N 140 
HIS HE1  H N N 141 
HIS HE2  H N N 142 
HIS HXT  H N N 143 
HOH O    O N N 144 
HOH H1   H N N 145 
HOH H2   H N N 146 
ILE N    N N N 147 
ILE CA   C N S 148 
ILE C    C N N 149 
ILE O    O N N 150 
ILE CB   C N S 151 
ILE CG1  C N N 152 
ILE CG2  C N N 153 
ILE CD1  C N N 154 
ILE OXT  O N N 155 
ILE H    H N N 156 
ILE H2   H N N 157 
ILE HA   H N N 158 
ILE HB   H N N 159 
ILE HG12 H N N 160 
ILE HG13 H N N 161 
ILE HG21 H N N 162 
ILE HG22 H N N 163 
ILE HG23 H N N 164 
ILE HD11 H N N 165 
ILE HD12 H N N 166 
ILE HD13 H N N 167 
ILE HXT  H N N 168 
LEU N    N N N 169 
LEU CA   C N S 170 
LEU C    C N N 171 
LEU O    O N N 172 
LEU CB   C N N 173 
LEU CG   C N N 174 
LEU CD1  C N N 175 
LEU CD2  C N N 176 
LEU OXT  O N N 177 
LEU H    H N N 178 
LEU H2   H N N 179 
LEU HA   H N N 180 
LEU HB2  H N N 181 
LEU HB3  H N N 182 
LEU HG   H N N 183 
LEU HD11 H N N 184 
LEU HD12 H N N 185 
LEU HD13 H N N 186 
LEU HD21 H N N 187 
LEU HD22 H N N 188 
LEU HD23 H N N 189 
LEU HXT  H N N 190 
LYS N    N N N 191 
LYS CA   C N S 192 
LYS C    C N N 193 
LYS O    O N N 194 
LYS CB   C N N 195 
LYS CG   C N N 196 
LYS CD   C N N 197 
LYS CE   C N N 198 
LYS NZ   N N N 199 
LYS OXT  O N N 200 
LYS H    H N N 201 
LYS H2   H N N 202 
LYS HA   H N N 203 
LYS HB2  H N N 204 
LYS HB3  H N N 205 
LYS HG2  H N N 206 
LYS HG3  H N N 207 
LYS HD2  H N N 208 
LYS HD3  H N N 209 
LYS HE2  H N N 210 
LYS HE3  H N N 211 
LYS HZ1  H N N 212 
LYS HZ2  H N N 213 
LYS HZ3  H N N 214 
LYS HXT  H N N 215 
MET N    N N N 216 
MET CA   C N S 217 
MET C    C N N 218 
MET O    O N N 219 
MET CB   C N N 220 
MET CG   C N N 221 
MET SD   S N N 222 
MET CE   C N N 223 
MET OXT  O N N 224 
MET H    H N N 225 
MET H2   H N N 226 
MET HA   H N N 227 
MET HB2  H N N 228 
MET HB3  H N N 229 
MET HG2  H N N 230 
MET HG3  H N N 231 
MET HE1  H N N 232 
MET HE2  H N N 233 
MET HE3  H N N 234 
MET HXT  H N N 235 
PHE N    N N N 236 
PHE CA   C N S 237 
PHE C    C N N 238 
PHE O    O N N 239 
PHE CB   C N N 240 
PHE CG   C Y N 241 
PHE CD1  C Y N 242 
PHE CD2  C Y N 243 
PHE CE1  C Y N 244 
PHE CE2  C Y N 245 
PHE CZ   C Y N 246 
PHE OXT  O N N 247 
PHE H    H N N 248 
PHE H2   H N N 249 
PHE HA   H N N 250 
PHE HB2  H N N 251 
PHE HB3  H N N 252 
PHE HD1  H N N 253 
PHE HD2  H N N 254 
PHE HE1  H N N 255 
PHE HE2  H N N 256 
PHE HZ   H N N 257 
PHE HXT  H N N 258 
PRO N    N N N 259 
PRO CA   C N S 260 
PRO C    C N N 261 
PRO O    O N N 262 
PRO CB   C N N 263 
PRO CG   C N N 264 
PRO CD   C N N 265 
PRO OXT  O N N 266 
PRO H    H N N 267 
PRO HA   H N N 268 
PRO HB2  H N N 269 
PRO HB3  H N N 270 
PRO HG2  H N N 271 
PRO HG3  H N N 272 
PRO HD2  H N N 273 
PRO HD3  H N N 274 
PRO HXT  H N N 275 
SER N    N N N 276 
SER CA   C N S 277 
SER C    C N N 278 
SER O    O N N 279 
SER CB   C N N 280 
SER OG   O N N 281 
SER OXT  O N N 282 
SER H    H N N 283 
SER H2   H N N 284 
SER HA   H N N 285 
SER HB2  H N N 286 
SER HB3  H N N 287 
SER HG   H N N 288 
SER HXT  H N N 289 
THR N    N N N 290 
THR CA   C N S 291 
THR C    C N N 292 
THR O    O N N 293 
THR CB   C N R 294 
THR OG1  O N N 295 
THR CG2  C N N 296 
THR OXT  O N N 297 
THR H    H N N 298 
THR H2   H N N 299 
THR HA   H N N 300 
THR HB   H N N 301 
THR HG1  H N N 302 
THR HG21 H N N 303 
THR HG22 H N N 304 
THR HG23 H N N 305 
THR HXT  H N N 306 
TRP N    N N N 307 
TRP CA   C N S 308 
TRP C    C N N 309 
TRP O    O N N 310 
TRP CB   C N N 311 
TRP CG   C Y N 312 
TRP CD1  C Y N 313 
TRP CD2  C Y N 314 
TRP NE1  N Y N 315 
TRP CE2  C Y N 316 
TRP CE3  C Y N 317 
TRP CZ2  C Y N 318 
TRP CZ3  C Y N 319 
TRP CH2  C Y N 320 
TRP OXT  O N N 321 
TRP H    H N N 322 
TRP H2   H N N 323 
TRP HA   H N N 324 
TRP HB2  H N N 325 
TRP HB3  H N N 326 
TRP HD1  H N N 327 
TRP HE1  H N N 328 
TRP HE3  H N N 329 
TRP HZ2  H N N 330 
TRP HZ3  H N N 331 
TRP HH2  H N N 332 
TRP HXT  H N N 333 
TYR N    N N N 334 
TYR CA   C N S 335 
TYR C    C N N 336 
TYR O    O N N 337 
TYR CB   C N N 338 
TYR CG   C Y N 339 
TYR CD1  C Y N 340 
TYR CD2  C Y N 341 
TYR CE1  C Y N 342 
TYR CE2  C Y N 343 
TYR CZ   C Y N 344 
TYR OH   O N N 345 
TYR OXT  O N N 346 
TYR H    H N N 347 
TYR H2   H N N 348 
TYR HA   H N N 349 
TYR HB2  H N N 350 
TYR HB3  H N N 351 
TYR HD1  H N N 352 
TYR HD2  H N N 353 
TYR HE1  H N N 354 
TYR HE2  H N N 355 
TYR HH   H N N 356 
TYR HXT  H N N 357 
VAL N    N N N 358 
VAL CA   C N S 359 
VAL C    C N N 360 
VAL O    O N N 361 
VAL CB   C N N 362 
VAL CG1  C N N 363 
VAL CG2  C N N 364 
VAL OXT  O N N 365 
VAL H    H N N 366 
VAL H2   H N N 367 
VAL HA   H N N 368 
VAL HB   H N N 369 
VAL HG11 H N N 370 
VAL HG12 H N N 371 
VAL HG13 H N N 372 
VAL HG21 H N N 373 
VAL HG22 H N N 374 
VAL HG23 H N N 375 
VAL HXT  H N N 376 
# 
loop_
_chem_comp_bond.comp_id 
_chem_comp_bond.atom_id_1 
_chem_comp_bond.atom_id_2 
_chem_comp_bond.value_order 
_chem_comp_bond.pdbx_aromatic_flag 
_chem_comp_bond.pdbx_stereo_config 
_chem_comp_bond.pdbx_ordinal 
ALA N   CA   sing N N 1   
ALA N   H    sing N N 2   
ALA N   H2   sing N N 3   
ALA CA  C    sing N N 4   
ALA CA  CB   sing N N 5   
ALA CA  HA   sing N N 6   
ALA C   O    doub N N 7   
ALA C   OXT  sing N N 8   
ALA CB  HB1  sing N N 9   
ALA CB  HB2  sing N N 10  
ALA CB  HB3  sing N N 11  
ALA OXT HXT  sing N N 12  
ARG N   CA   sing N N 13  
ARG N   H    sing N N 14  
ARG N   H2   sing N N 15  
ARG CA  C    sing N N 16  
ARG CA  CB   sing N N 17  
ARG CA  HA   sing N N 18  
ARG C   O    doub N N 19  
ARG C   OXT  sing N N 20  
ARG CB  CG   sing N N 21  
ARG CB  HB2  sing N N 22  
ARG CB  HB3  sing N N 23  
ARG CG  CD   sing N N 24  
ARG CG  HG2  sing N N 25  
ARG CG  HG3  sing N N 26  
ARG CD  NE   sing N N 27  
ARG CD  HD2  sing N N 28  
ARG CD  HD3  sing N N 29  
ARG NE  CZ   sing N N 30  
ARG NE  HE   sing N N 31  
ARG CZ  NH1  sing N N 32  
ARG CZ  NH2  doub N N 33  
ARG NH1 HH11 sing N N 34  
ARG NH1 HH12 sing N N 35  
ARG NH2 HH21 sing N N 36  
ARG NH2 HH22 sing N N 37  
ARG OXT HXT  sing N N 38  
ASN N   CA   sing N N 39  
ASN N   H    sing N N 40  
ASN N   H2   sing N N 41  
ASN CA  C    sing N N 42  
ASN CA  CB   sing N N 43  
ASN CA  HA   sing N N 44  
ASN C   O    doub N N 45  
ASN C   OXT  sing N N 46  
ASN CB  CG   sing N N 47  
ASN CB  HB2  sing N N 48  
ASN CB  HB3  sing N N 49  
ASN CG  OD1  doub N N 50  
ASN CG  ND2  sing N N 51  
ASN ND2 HD21 sing N N 52  
ASN ND2 HD22 sing N N 53  
ASN OXT HXT  sing N N 54  
ASP N   CA   sing N N 55  
ASP N   H    sing N N 56  
ASP N   H2   sing N N 57  
ASP CA  C    sing N N 58  
ASP CA  CB   sing N N 59  
ASP CA  HA   sing N N 60  
ASP C   O    doub N N 61  
ASP C   OXT  sing N N 62  
ASP CB  CG   sing N N 63  
ASP CB  HB2  sing N N 64  
ASP CB  HB3  sing N N 65  
ASP CG  OD1  doub N N 66  
ASP CG  OD2  sing N N 67  
ASP OD2 HD2  sing N N 68  
ASP OXT HXT  sing N N 69  
GLN N   CA   sing N N 70  
GLN N   H    sing N N 71  
GLN N   H2   sing N N 72  
GLN CA  C    sing N N 73  
GLN CA  CB   sing N N 74  
GLN CA  HA   sing N N 75  
GLN C   O    doub N N 76  
GLN C   OXT  sing N N 77  
GLN CB  CG   sing N N 78  
GLN CB  HB2  sing N N 79  
GLN CB  HB3  sing N N 80  
GLN CG  CD   sing N N 81  
GLN CG  HG2  sing N N 82  
GLN CG  HG3  sing N N 83  
GLN CD  OE1  doub N N 84  
GLN CD  NE2  sing N N 85  
GLN NE2 HE21 sing N N 86  
GLN NE2 HE22 sing N N 87  
GLN OXT HXT  sing N N 88  
GLU N   CA   sing N N 89  
GLU N   H    sing N N 90  
GLU N   H2   sing N N 91  
GLU CA  C    sing N N 92  
GLU CA  CB   sing N N 93  
GLU CA  HA   sing N N 94  
GLU C   O    doub N N 95  
GLU C   OXT  sing N N 96  
GLU CB  CG   sing N N 97  
GLU CB  HB2  sing N N 98  
GLU CB  HB3  sing N N 99  
GLU CG  CD   sing N N 100 
GLU CG  HG2  sing N N 101 
GLU CG  HG3  sing N N 102 
GLU CD  OE1  doub N N 103 
GLU CD  OE2  sing N N 104 
GLU OE2 HE2  sing N N 105 
GLU OXT HXT  sing N N 106 
GLY N   CA   sing N N 107 
GLY N   H    sing N N 108 
GLY N   H2   sing N N 109 
GLY CA  C    sing N N 110 
GLY CA  HA2  sing N N 111 
GLY CA  HA3  sing N N 112 
GLY C   O    doub N N 113 
GLY C   OXT  sing N N 114 
GLY OXT HXT  sing N N 115 
HIS N   CA   sing N N 116 
HIS N   H    sing N N 117 
HIS N   H2   sing N N 118 
HIS CA  C    sing N N 119 
HIS CA  CB   sing N N 120 
HIS CA  HA   sing N N 121 
HIS C   O    doub N N 122 
HIS C   OXT  sing N N 123 
HIS CB  CG   sing N N 124 
HIS CB  HB2  sing N N 125 
HIS CB  HB3  sing N N 126 
HIS CG  ND1  sing Y N 127 
HIS CG  CD2  doub Y N 128 
HIS ND1 CE1  doub Y N 129 
HIS ND1 HD1  sing N N 130 
HIS CD2 NE2  sing Y N 131 
HIS CD2 HD2  sing N N 132 
HIS CE1 NE2  sing Y N 133 
HIS CE1 HE1  sing N N 134 
HIS NE2 HE2  sing N N 135 
HIS OXT HXT  sing N N 136 
HOH O   H1   sing N N 137 
HOH O   H2   sing N N 138 
ILE N   CA   sing N N 139 
ILE N   H    sing N N 140 
ILE N   H2   sing N N 141 
ILE CA  C    sing N N 142 
ILE CA  CB   sing N N 143 
ILE CA  HA   sing N N 144 
ILE C   O    doub N N 145 
ILE C   OXT  sing N N 146 
ILE CB  CG1  sing N N 147 
ILE CB  CG2  sing N N 148 
ILE CB  HB   sing N N 149 
ILE CG1 CD1  sing N N 150 
ILE CG1 HG12 sing N N 151 
ILE CG1 HG13 sing N N 152 
ILE CG2 HG21 sing N N 153 
ILE CG2 HG22 sing N N 154 
ILE CG2 HG23 sing N N 155 
ILE CD1 HD11 sing N N 156 
ILE CD1 HD12 sing N N 157 
ILE CD1 HD13 sing N N 158 
ILE OXT HXT  sing N N 159 
LEU N   CA   sing N N 160 
LEU N   H    sing N N 161 
LEU N   H2   sing N N 162 
LEU CA  C    sing N N 163 
LEU CA  CB   sing N N 164 
LEU CA  HA   sing N N 165 
LEU C   O    doub N N 166 
LEU C   OXT  sing N N 167 
LEU CB  CG   sing N N 168 
LEU CB  HB2  sing N N 169 
LEU CB  HB3  sing N N 170 
LEU CG  CD1  sing N N 171 
LEU CG  CD2  sing N N 172 
LEU CG  HG   sing N N 173 
LEU CD1 HD11 sing N N 174 
LEU CD1 HD12 sing N N 175 
LEU CD1 HD13 sing N N 176 
LEU CD2 HD21 sing N N 177 
LEU CD2 HD22 sing N N 178 
LEU CD2 HD23 sing N N 179 
LEU OXT HXT  sing N N 180 
LYS N   CA   sing N N 181 
LYS N   H    sing N N 182 
LYS N   H2   sing N N 183 
LYS CA  C    sing N N 184 
LYS CA  CB   sing N N 185 
LYS CA  HA   sing N N 186 
LYS C   O    doub N N 187 
LYS C   OXT  sing N N 188 
LYS CB  CG   sing N N 189 
LYS CB  HB2  sing N N 190 
LYS CB  HB3  sing N N 191 
LYS CG  CD   sing N N 192 
LYS CG  HG2  sing N N 193 
LYS CG  HG3  sing N N 194 
LYS CD  CE   sing N N 195 
LYS CD  HD2  sing N N 196 
LYS CD  HD3  sing N N 197 
LYS CE  NZ   sing N N 198 
LYS CE  HE2  sing N N 199 
LYS CE  HE3  sing N N 200 
LYS NZ  HZ1  sing N N 201 
LYS NZ  HZ2  sing N N 202 
LYS NZ  HZ3  sing N N 203 
LYS OXT HXT  sing N N 204 
MET N   CA   sing N N 205 
MET N   H    sing N N 206 
MET N   H2   sing N N 207 
MET CA  C    sing N N 208 
MET CA  CB   sing N N 209 
MET CA  HA   sing N N 210 
MET C   O    doub N N 211 
MET C   OXT  sing N N 212 
MET CB  CG   sing N N 213 
MET CB  HB2  sing N N 214 
MET CB  HB3  sing N N 215 
MET CG  SD   sing N N 216 
MET CG  HG2  sing N N 217 
MET CG  HG3  sing N N 218 
MET SD  CE   sing N N 219 
MET CE  HE1  sing N N 220 
MET CE  HE2  sing N N 221 
MET CE  HE3  sing N N 222 
MET OXT HXT  sing N N 223 
PHE N   CA   sing N N 224 
PHE N   H    sing N N 225 
PHE N   H2   sing N N 226 
PHE CA  C    sing N N 227 
PHE CA  CB   sing N N 228 
PHE CA  HA   sing N N 229 
PHE C   O    doub N N 230 
PHE C   OXT  sing N N 231 
PHE CB  CG   sing N N 232 
PHE CB  HB2  sing N N 233 
PHE CB  HB3  sing N N 234 
PHE CG  CD1  doub Y N 235 
PHE CG  CD2  sing Y N 236 
PHE CD1 CE1  sing Y N 237 
PHE CD1 HD1  sing N N 238 
PHE CD2 CE2  doub Y N 239 
PHE CD2 HD2  sing N N 240 
PHE CE1 CZ   doub Y N 241 
PHE CE1 HE1  sing N N 242 
PHE CE2 CZ   sing Y N 243 
PHE CE2 HE2  sing N N 244 
PHE CZ  HZ   sing N N 245 
PHE OXT HXT  sing N N 246 
PRO N   CA   sing N N 247 
PRO N   CD   sing N N 248 
PRO N   H    sing N N 249 
PRO CA  C    sing N N 250 
PRO CA  CB   sing N N 251 
PRO CA  HA   sing N N 252 
PRO C   O    doub N N 253 
PRO C   OXT  sing N N 254 
PRO CB  CG   sing N N 255 
PRO CB  HB2  sing N N 256 
PRO CB  HB3  sing N N 257 
PRO CG  CD   sing N N 258 
PRO CG  HG2  sing N N 259 
PRO CG  HG3  sing N N 260 
PRO CD  HD2  sing N N 261 
PRO CD  HD3  sing N N 262 
PRO OXT HXT  sing N N 263 
SER N   CA   sing N N 264 
SER N   H    sing N N 265 
SER N   H2   sing N N 266 
SER CA  C    sing N N 267 
SER CA  CB   sing N N 268 
SER CA  HA   sing N N 269 
SER C   O    doub N N 270 
SER C   OXT  sing N N 271 
SER CB  OG   sing N N 272 
SER CB  HB2  sing N N 273 
SER CB  HB3  sing N N 274 
SER OG  HG   sing N N 275 
SER OXT HXT  sing N N 276 
THR N   CA   sing N N 277 
THR N   H    sing N N 278 
THR N   H2   sing N N 279 
THR CA  C    sing N N 280 
THR CA  CB   sing N N 281 
THR CA  HA   sing N N 282 
THR C   O    doub N N 283 
THR C   OXT  sing N N 284 
THR CB  OG1  sing N N 285 
THR CB  CG2  sing N N 286 
THR CB  HB   sing N N 287 
THR OG1 HG1  sing N N 288 
THR CG2 HG21 sing N N 289 
THR CG2 HG22 sing N N 290 
THR CG2 HG23 sing N N 291 
THR OXT HXT  sing N N 292 
TRP N   CA   sing N N 293 
TRP N   H    sing N N 294 
TRP N   H2   sing N N 295 
TRP CA  C    sing N N 296 
TRP CA  CB   sing N N 297 
TRP CA  HA   sing N N 298 
TRP C   O    doub N N 299 
TRP C   OXT  sing N N 300 
TRP CB  CG   sing N N 301 
TRP CB  HB2  sing N N 302 
TRP CB  HB3  sing N N 303 
TRP CG  CD1  doub Y N 304 
TRP CG  CD2  sing Y N 305 
TRP CD1 NE1  sing Y N 306 
TRP CD1 HD1  sing N N 307 
TRP CD2 CE2  doub Y N 308 
TRP CD2 CE3  sing Y N 309 
TRP NE1 CE2  sing Y N 310 
TRP NE1 HE1  sing N N 311 
TRP CE2 CZ2  sing Y N 312 
TRP CE3 CZ3  doub Y N 313 
TRP CE3 HE3  sing N N 314 
TRP CZ2 CH2  doub Y N 315 
TRP CZ2 HZ2  sing N N 316 
TRP CZ3 CH2  sing Y N 317 
TRP CZ3 HZ3  sing N N 318 
TRP CH2 HH2  sing N N 319 
TRP OXT HXT  sing N N 320 
TYR N   CA   sing N N 321 
TYR N   H    sing N N 322 
TYR N   H2   sing N N 323 
TYR CA  C    sing N N 324 
TYR CA  CB   sing N N 325 
TYR CA  HA   sing N N 326 
TYR C   O    doub N N 327 
TYR C   OXT  sing N N 328 
TYR CB  CG   sing N N 329 
TYR CB  HB2  sing N N 330 
TYR CB  HB3  sing N N 331 
TYR CG  CD1  doub Y N 332 
TYR CG  CD2  sing Y N 333 
TYR CD1 CE1  sing Y N 334 
TYR CD1 HD1  sing N N 335 
TYR CD2 CE2  doub Y N 336 
TYR CD2 HD2  sing N N 337 
TYR CE1 CZ   doub Y N 338 
TYR CE1 HE1  sing N N 339 
TYR CE2 CZ   sing Y N 340 
TYR CE2 HE2  sing N N 341 
TYR CZ  OH   sing N N 342 
TYR OH  HH   sing N N 343 
TYR OXT HXT  sing N N 344 
VAL N   CA   sing N N 345 
VAL N   H    sing N N 346 
VAL N   H2   sing N N 347 
VAL CA  C    sing N N 348 
VAL CA  CB   sing N N 349 
VAL CA  HA   sing N N 350 
VAL C   O    doub N N 351 
VAL C   OXT  sing N N 352 
VAL CB  CG1  sing N N 353 
VAL CB  CG2  sing N N 354 
VAL CB  HB   sing N N 355 
VAL CG1 HG11 sing N N 356 
VAL CG1 HG12 sing N N 357 
VAL CG1 HG13 sing N N 358 
VAL CG2 HG21 sing N N 359 
VAL CG2 HG22 sing N N 360 
VAL CG2 HG23 sing N N 361 
VAL OXT HXT  sing N N 362 
# 
loop_
_pdbx_audit_support.funding_organization 
_pdbx_audit_support.country 
_pdbx_audit_support.grant_number 
_pdbx_audit_support.ordinal 
'National Institutes of Health/National Institute of General Medical Sciences (NIH/NIGMS)' 'United States' R01GM084122   1 
'Office of Naval Research'                                                                 'United States' N000141310421 2 
# 
_pdbx_initial_refinement_model.id               1 
_pdbx_initial_refinement_model.entity_id_list   ? 
_pdbx_initial_refinement_model.type             'experimental model' 
_pdbx_initial_refinement_model.source_name      PDB 
_pdbx_initial_refinement_model.accession_code   1KY9 
_pdbx_initial_refinement_model.details          ? 
# 
_atom_sites.entry_id                    5HM9 
_atom_sites.fract_transf_matrix[1][1]   -0.00138027 
_atom_sites.fract_transf_matrix[1][2]   -0.00477759 
_atom_sites.fract_transf_matrix[1][3]   -0.00585251 
_atom_sites.fract_transf_matrix[2][1]   -0.00218121 
_atom_sites.fract_transf_matrix[2][2]   0.00594803 
_atom_sites.fract_transf_matrix[2][3]   -0.00434115 
_atom_sites.fract_transf_matrix[3][1]   0.00723323 
_atom_sites.fract_transf_matrix[3][2]   0.00088198 
_atom_sites.fract_transf_matrix[3][3]   -0.00242589 
_atom_sites.fract_transf_vector[1]      3.179393 
_atom_sites.fract_transf_vector[2]      0.654674 
_atom_sites.fract_transf_vector[3]      0.904429 
# 
loop_
_atom_type.symbol 
C 
N 
O 
S 
# 
loop_
_atom_site.group_PDB 
_atom_site.id 
_atom_site.type_symbol 
_atom_site.label_atom_id 
_atom_site.label_alt_id 
_atom_site.label_comp_id 
_atom_site.label_asym_id 
_atom_site.label_entity_id 
_atom_site.label_seq_id 
_atom_site.pdbx_PDB_ins_code 
_atom_site.Cartn_x 
_atom_site.Cartn_y 
_atom_site.Cartn_z 
_atom_site.occupancy 
_atom_site.B_iso_or_equiv 
_atom_site.pdbx_formal_charge 
_atom_site.auth_seq_id 
_atom_site.auth_comp_id 
_atom_site.auth_asym_id 
_atom_site.auth_atom_id 
_atom_site.pdbx_PDB_model_num 
ATOM   1    N N   . LEU A 1 1   ? -8.633  14.566  7.742   1.00 79.95  ? 34  LEU A N   1 
ATOM   2    C CA  . LEU A 1 1   ? -8.306  13.288  7.110   1.00 76.63  ? 34  LEU A CA  1 
ATOM   3    C C   . LEU A 1 1   ? -6.799  13.148  6.925   1.00 82.17  ? 34  LEU A C   1 
ATOM   4    O O   . LEU A 1 1   ? -6.215  12.096  7.211   1.00 72.69  ? 34  LEU A O   1 
ATOM   5    C CB  . LEU A 1 1   ? -9.006  13.153  5.758   1.00 74.71  ? 34  LEU A CB  1 
ATOM   6    C CG  . LEU A 1 1   ? -8.856  11.803  5.054   1.00 62.73  ? 34  LEU A CG  1 
ATOM   7    C CD1 . LEU A 1 1   ? -9.883  10.834  5.572   1.00 64.64  ? 34  LEU A CD1 1 
ATOM   8    C CD2 . LEU A 1 1   ? -9.018  11.961  3.575   1.00 57.11  ? 34  LEU A CD2 1 
ATOM   9    N N   . TYR A 1 2   ? -6.184  14.232  6.448   1.00 86.72  ? 35  TYR A N   1 
ATOM   10   C CA  . TYR A 1 2   ? -4.728  14.357  6.270   1.00 85.38  ? 35  TYR A CA  1 
ATOM   11   C C   . TYR A 1 2   ? -4.050  14.497  7.645   1.00 87.46  ? 35  TYR A C   1 
ATOM   12   O O   . TYR A 1 2   ? -2.901  14.924  7.751   1.00 89.68  ? 35  TYR A O   1 
ATOM   13   C CB  . TYR A 1 2   ? -4.426  15.571  5.352   1.00 91.88  ? 35  TYR A CB  1 
ATOM   14   C CG  . TYR A 1 2   ? -2.997  15.796  4.822   1.00 100.50 ? 35  TYR A CG  1 
ATOM   15   C CD1 . TYR A 1 2   ? -1.943  14.910  5.089   1.00 93.10  ? 35  TYR A CD1 1 
ATOM   16   C CD2 . TYR A 1 2   ? -2.711  16.926  4.041   1.00 103.71 ? 35  TYR A CD2 1 
ATOM   17   C CE1 . TYR A 1 2   ? -0.643  15.155  4.592   1.00 86.48  ? 35  TYR A CE1 1 
ATOM   18   C CE2 . TYR A 1 2   ? -1.426  17.169  3.542   1.00 100.44 ? 35  TYR A CE2 1 
ATOM   19   C CZ  . TYR A 1 2   ? -0.400  16.285  3.820   1.00 95.40  ? 35  TYR A CZ  1 
ATOM   20   O OH  . TYR A 1 2   ? 0.864   16.539  3.319   1.00 91.21  ? 35  TYR A OH  1 
ATOM   21   N N   . HIS A 1 3   ? -4.768  14.133  8.705   1.00 82.48  ? 36  HIS A N   1 
ATOM   22   C CA  . HIS A 1 3   ? -4.232  14.240  10.058  1.00 84.62  ? 36  HIS A CA  1 
ATOM   23   C C   . HIS A 1 3   ? -4.205  12.872  10.762  1.00 85.54  ? 36  HIS A C   1 
ATOM   24   O O   . HIS A 1 3   ? -3.302  12.589  11.555  1.00 82.97  ? 36  HIS A O   1 
ATOM   25   C CB  . HIS A 1 3   ? -5.063  15.247  10.872  1.00 92.18  ? 36  HIS A CB  1 
ATOM   26   C CG  . HIS A 1 3   ? -4.319  15.883  12.013  1.00 101.75 ? 36  HIS A CG  1 
ATOM   27   N ND1 . HIS A 1 3   ? -4.908  16.794  12.868  1.00 104.43 ? 36  HIS A ND1 1 
ATOM   28   C CD2 . HIS A 1 3   ? -3.040  15.743  12.441  1.00 105.18 ? 36  HIS A CD2 1 
ATOM   29   C CE1 . HIS A 1 3   ? -4.025  17.188  13.769  1.00 99.65  ? 36  HIS A CE1 1 
ATOM   30   N NE2 . HIS A 1 3   ? -2.883  16.565  13.532  1.00 104.17 ? 36  HIS A NE2 1 
ATOM   31   N N   . THR A 1 4   ? -5.183  12.024  10.444  1.00 79.29  ? 37  THR A N   1 
ATOM   32   C CA  . THR A 1 4   ? -5.426  10.793  11.188  1.00 67.14  ? 37  THR A CA  1 
ATOM   33   C C   . THR A 1 4   ? -5.058  9.515   10.409  1.00 68.95  ? 37  THR A C   1 
ATOM   34   O O   . THR A 1 4   ? -5.023  8.414   10.968  1.00 59.85  ? 37  THR A O   1 
ATOM   35   C CB  . THR A 1 4   ? -6.904  10.724  11.587  1.00 70.17  ? 37  THR A CB  1 
ATOM   36   O OG1 . THR A 1 4   ? -7.139  9.567   12.400  1.00 76.01  ? 37  THR A OG1 1 
ATOM   37   C CG2 . THR A 1 4   ? -7.775  10.672  10.330  1.00 71.08  ? 37  THR A CG2 1 
ATOM   38   N N   . VAL A 1 5   ? -4.806  9.667   9.114   1.00 64.53  ? 38  VAL A N   1 
ATOM   39   C CA  . VAL A 1 5   ? -4.487  8.542   8.241   1.00 50.35  ? 38  VAL A CA  1 
ATOM   40   C C   . VAL A 1 5   ? -2.976  8.330   8.107   1.00 50.80  ? 38  VAL A C   1 
ATOM   41   O O   . VAL A 1 5   ? -2.512  7.192   8.163   1.00 45.87  ? 38  VAL A O   1 
ATOM   42   C CB  . VAL A 1 5   ? -5.142  8.729   6.847   1.00 56.61  ? 38  VAL A CB  1 
ATOM   43   C CG1 . VAL A 1 5   ? -4.635  7.700   5.840   1.00 47.63  ? 38  VAL A CG1 1 
ATOM   44   C CG2 . VAL A 1 5   ? -6.651  8.670   6.965   1.00 55.43  ? 38  VAL A CG2 1 
ATOM   45   N N   . PRO A 1 6   ? -2.190  9.413   7.952   1.00 51.84  ? 39  PRO A N   1 
ATOM   46   C CA  . PRO A 1 6   ? -0.759  9.168   7.729   1.00 47.19  ? 39  PRO A CA  1 
ATOM   47   C C   . PRO A 1 6   ? 0.012   8.279   8.724   1.00 43.97  ? 39  PRO A C   1 
ATOM   48   O O   . PRO A 1 6   ? 0.959   7.614   8.294   1.00 47.12  ? 39  PRO A O   1 
ATOM   49   C CB  . PRO A 1 6   ? -0.178  10.580  7.748   1.00 44.75  ? 39  PRO A CB  1 
ATOM   50   C CG  . PRO A 1 6   ? -1.270  11.413  7.213   1.00 49.95  ? 39  PRO A CG  1 
ATOM   51   C CD  . PRO A 1 6   ? -2.509  10.845  7.802   1.00 53.20  ? 39  PRO A CD  1 
ATOM   52   N N   . PRO A 1 7   ? -0.353  8.264   10.011  1.00 45.70  ? 40  PRO A N   1 
ATOM   53   C CA  . PRO A 1 7   ? 0.449   7.387   10.873  1.00 42.40  ? 40  PRO A CA  1 
ATOM   54   C C   . PRO A 1 7   ? 0.434   5.904   10.474  1.00 45.88  ? 40  PRO A C   1 
ATOM   55   O O   . PRO A 1 7   ? 1.404   5.200   10.766  1.00 47.54  ? 40  PRO A O   1 
ATOM   56   C CB  . PRO A 1 7   ? -0.194  7.574   12.239  1.00 41.58  ? 40  PRO A CB  1 
ATOM   57   C CG  . PRO A 1 7   ? -0.745  8.936   12.204  1.00 45.55  ? 40  PRO A CG  1 
ATOM   58   C CD  . PRO A 1 7   ? -1.225  9.150   10.802  1.00 50.98  ? 40  PRO A CD  1 
ATOM   59   N N   . ALA A 1 8   ? -0.618  5.437   9.808   1.00 41.54  ? 41  ALA A N   1 
ATOM   60   C CA  . ALA A 1 8   ? -0.682  4.031   9.400   1.00 41.74  ? 41  ALA A CA  1 
ATOM   61   C C   . ALA A 1 8   ? -0.136  3.841   8.004   1.00 39.47  ? 41  ALA A C   1 
ATOM   62   O O   . ALA A 1 8   ? -0.255  2.764   7.432   1.00 42.80  ? 41  ALA A O   1 
ATOM   63   C CB  . ALA A 1 8   ? -2.105  3.504   9.468   1.00 42.58  ? 41  ALA A CB  1 
ATOM   64   N N   . VAL A 1 9   ? 0.445   4.894   7.453   1.00 41.17  ? 42  VAL A N   1 
ATOM   65   C CA  . VAL A 1 9   ? 1.063   4.809   6.145   1.00 41.73  ? 42  VAL A CA  1 
ATOM   66   C C   . VAL A 1 9   ? 2.566   4.700   6.364   1.00 43.71  ? 42  VAL A C   1 
ATOM   67   O O   . VAL A 1 9   ? 3.180   5.585   6.978   1.00 39.16  ? 42  VAL A O   1 
ATOM   68   C CB  . VAL A 1 9   ? 0.681   6.020   5.275   1.00 39.44  ? 42  VAL A CB  1 
ATOM   69   C CG1 . VAL A 1 9   ? 1.282   5.890   3.887   1.00 40.12  ? 42  VAL A CG1 1 
ATOM   70   C CG2 . VAL A 1 9   ? -0.826  6.137   5.197   1.00 35.56  ? 42  VAL A CG2 1 
ATOM   71   N N   . VAL A 1 10  ? 3.155   3.599   5.903   1.00 41.07  ? 43  VAL A N   1 
ATOM   72   C CA  . VAL A 1 10  ? 4.580   3.370   6.129   1.00 41.97  ? 43  VAL A CA  1 
ATOM   73   C C   . VAL A 1 10  ? 5.357   3.427   4.834   1.00 41.95  ? 43  VAL A C   1 
ATOM   74   O O   . VAL A 1 10  ? 4.790   3.296   3.755   1.00 46.59  ? 43  VAL A O   1 
ATOM   75   C CB  . VAL A 1 10  ? 4.830   2.016   6.825   1.00 40.54  ? 43  VAL A CB  1 
ATOM   76   C CG1 . VAL A 1 10  ? 4.274   2.033   8.214   1.00 41.52  ? 43  VAL A CG1 1 
ATOM   77   C CG2 . VAL A 1 10  ? 4.198   0.887   6.041   1.00 41.84  ? 43  VAL A CG2 1 
ATOM   78   N N   . GLY A 1 11  ? 6.662   3.612   4.946   1.00 41.33  ? 44  GLY A N   1 
ATOM   79   C CA  . GLY A 1 11  ? 7.556   3.331   3.840   1.00 40.22  ? 44  GLY A CA  1 
ATOM   80   C C   . GLY A 1 11  ? 8.115   1.923   3.998   1.00 45.48  ? 44  GLY A C   1 
ATOM   81   O O   . GLY A 1 11  ? 8.263   1.435   5.123   1.00 44.55  ? 44  GLY A O   1 
ATOM   82   N N   . VAL A 1 12  ? 8.407   1.265   2.882   1.00 41.19  ? 45  VAL A N   1 
ATOM   83   C CA  . VAL A 1 12  ? 8.930   -0.089  2.895   1.00 40.68  ? 45  VAL A CA  1 
ATOM   84   C C   . VAL A 1 12  ? 10.133  -0.169  1.960   1.00 43.77  ? 45  VAL A C   1 
ATOM   85   O O   . VAL A 1 12  ? 10.097  0.369   0.857   1.00 42.98  ? 45  VAL A O   1 
ATOM   86   C CB  . VAL A 1 12  ? 7.850   -1.113  2.483   1.00 44.21  ? 45  VAL A CB  1 
ATOM   87   C CG1 . VAL A 1 12  ? 8.402   -2.523  2.593   1.00 46.36  ? 45  VAL A CG1 1 
ATOM   88   C CG2 . VAL A 1 12  ? 6.597   -0.976  3.353   1.00 42.73  ? 45  VAL A CG2 1 
ATOM   89   N N   . GLY A 1 13  ? 11.194  -0.845  2.391   1.00 42.71  ? 46  GLY A N   1 
ATOM   90   C CA  . GLY A 1 13  ? 12.395  -0.961  1.582   1.00 38.80  ? 46  GLY A CA  1 
ATOM   91   C C   . GLY A 1 13  ? 13.377  -1.960  2.154   1.00 44.13  ? 46  GLY A C   1 
ATOM   92   O O   . GLY A 1 13  ? 13.027  -2.766  3.013   1.00 44.98  ? 46  GLY A O   1 
ATOM   93   N N   . GLY A 1 14  ? 14.618  -1.903  1.680   1.00 44.80  ? 47  GLY A N   1 
ATOM   94   C CA  . GLY A 1 14  ? 15.655  -2.813  2.127   1.00 38.48  ? 47  GLY A CA  1 
ATOM   95   C C   . GLY A 1 14  ? 16.214  -2.430  3.475   1.00 44.50  ? 47  GLY A C   1 
ATOM   96   O O   . GLY A 1 14  ? 15.796  -1.424  4.051   1.00 49.87  ? 47  GLY A O   1 
ATOM   97   N N   . GLY A 1 15  ? 17.170  -3.215  3.969   1.00 46.65  ? 48  GLY A N   1 
ATOM   98   C CA  . GLY A 1 15  ? 17.671  -3.055  5.319   1.00 39.76  ? 48  GLY A CA  1 
ATOM   99   C C   . GLY A 1 15  ? 18.867  -2.144  5.502   1.00 41.78  ? 48  GLY A C   1 
ATOM   100  O O   . GLY A 1 15  ? 19.279  -1.877  6.629   1.00 46.80  ? 48  GLY A O   1 
ATOM   101  N N   . GLY A 1 16  ? 19.437  -1.664  4.407   1.00 40.81  ? 49  GLY A N   1 
ATOM   102  C CA  . GLY A 1 16  ? 20.594  -0.793  4.498   1.00 40.54  ? 49  GLY A CA  1 
ATOM   103  C C   . GLY A 1 16  ? 20.368  0.471   5.302   1.00 44.16  ? 49  GLY A C   1 
ATOM   104  O O   . GLY A 1 16  ? 19.319  1.104   5.167   1.00 43.42  ? 49  GLY A O   1 
ATOM   105  N N   . VAL A 1 17  ? 21.347  0.831   6.136   1.00 44.71  ? 50  VAL A N   1 
ATOM   106  C CA  . VAL A 1 17  ? 21.293  2.047   6.956   1.00 46.22  ? 50  VAL A CA  1 
ATOM   107  C C   . VAL A 1 17  ? 20.915  3.269   6.148   1.00 46.73  ? 50  VAL A C   1 
ATOM   108  O O   . VAL A 1 17  ? 20.195  4.149   6.630   1.00 52.94  ? 50  VAL A O   1 
ATOM   109  C CB  . VAL A 1 17  ? 22.635  2.335   7.631   1.00 46.95  ? 50  VAL A CB  1 
ATOM   110  C CG1 . VAL A 1 17  ? 22.421  2.844   9.062   1.00 52.17  ? 50  VAL A CG1 1 
ATOM   111  C CG2 . VAL A 1 17  ? 23.479  1.123   7.603   1.00 48.58  ? 50  VAL A CG2 1 
ATOM   112  N N   . ASN A 1 18  ? 21.448  3.338   4.932   1.00 41.11  ? 51  ASN A N   1 
ATOM   113  C CA  . ASN A 1 18  ? 21.294  4.522   4.098   1.00 44.71  ? 51  ASN A CA  1 
ATOM   114  C C   . ASN A 1 18  ? 20.239  4.291   3.027   1.00 42.40  ? 51  ASN A C   1 
ATOM   115  O O   . ASN A 1 18  ? 20.189  5.005   2.035   1.00 46.67  ? 51  ASN A O   1 
ATOM   116  C CB  . ASN A 1 18  ? 22.634  4.906   3.464   1.00 39.38  ? 51  ASN A CB  1 
ATOM   117  C CG  . ASN A 1 18  ? 23.244  3.774   2.670   1.00 42.04  ? 51  ASN A CG  1 
ATOM   118  O OD1 . ASN A 1 18  ? 22.874  2.609   2.841   1.00 43.55  ? 51  ASN A OD1 1 
ATOM   119  N ND2 . ASN A 1 18  ? 24.194  4.105   1.795   1.00 43.50  ? 51  ASN A ND2 1 
ATOM   120  N N   . ALA A 1 19  ? 19.395  3.290   3.242   1.00 44.07  ? 52  ALA A N   1 
ATOM   121  C CA  . ALA A 1 19  ? 18.333  2.973   2.311   1.00 40.22  ? 52  ALA A CA  1 
ATOM   122  C C   . ALA A 1 19  ? 17.055  3.655   2.764   1.00 44.96  ? 52  ALA A C   1 
ATOM   123  O O   . ALA A 1 19  ? 16.843  3.848   3.953   1.00 53.62  ? 52  ALA A O   1 
ATOM   124  C CB  . ALA A 1 19  ? 18.139  1.477   2.216   1.00 43.03  ? 52  ALA A CB  1 
ATOM   125  N N   . GLY A 1 20  ? 16.222  4.042   1.812   1.00 43.89  ? 53  GLY A N   1 
ATOM   126  C CA  . GLY A 1 20  ? 14.923  4.607   2.114   1.00 49.99  ? 53  GLY A CA  1 
ATOM   127  C C   . GLY A 1 20  ? 13.816  3.826   1.420   1.00 50.74  ? 53  GLY A C   1 
ATOM   128  O O   . GLY A 1 20  ? 14.093  2.899   0.663   1.00 43.74  ? 53  GLY A O   1 
ATOM   129  N N   . PRO A 1 21  ? 12.553  4.188   1.690   1.00 50.69  ? 54  PRO A N   1 
ATOM   130  C CA  . PRO A 1 21  ? 11.419  3.490   1.092   1.00 46.32  ? 54  PRO A CA  1 
ATOM   131  C C   . PRO A 1 21  ? 11.535  3.314   -0.417  1.00 48.42  ? 54  PRO A C   1 
ATOM   132  O O   . PRO A 1 21  ? 11.975  4.217   -1.111  1.00 52.11  ? 54  PRO A O   1 
ATOM   133  C CB  . PRO A 1 21  ? 10.241  4.394   1.444   1.00 46.19  ? 54  PRO A CB  1 
ATOM   134  C CG  . PRO A 1 21  ? 10.627  4.985   2.750   1.00 51.46  ? 54  PRO A CG  1 
ATOM   135  C CD  . PRO A 1 21  ? 12.119  5.181   2.692   1.00 51.28  ? 54  PRO A CD  1 
ATOM   136  N N   . VAL A 1 22  ? 11.142  2.134   -0.891  1.00 47.39  ? 55  VAL A N   1 
ATOM   137  C CA  . VAL A 1 22  ? 11.058  1.803   -2.305  1.00 45.16  ? 55  VAL A CA  1 
ATOM   138  C C   . VAL A 1 22  ? 9.587   1.693   -2.699  1.00 45.18  ? 55  VAL A C   1 
ATOM   139  O O   . VAL A 1 22  ? 9.204   1.795   -3.873  1.00 49.32  ? 55  VAL A O   1 
ATOM   140  C CB  . VAL A 1 22  ? 11.819  0.515   -2.574  1.00 44.49  ? 55  VAL A CB  1 
ATOM   141  C CG1 . VAL A 1 22  ? 11.439  -0.079  -3.886  1.00 49.63  ? 55  VAL A CG1 1 
ATOM   142  C CG2 . VAL A 1 22  ? 13.293  0.797   -2.515  1.00 50.05  ? 55  VAL A CG2 1 
ATOM   143  N N   . ALA A 1 23  ? 8.753   1.508   -1.690  1.00 42.25  ? 56  ALA A N   1 
ATOM   144  C CA  . ALA A 1 23  ? 7.312   1.506   -1.883  1.00 45.23  ? 56  ALA A CA  1 
ATOM   145  C C   . ALA A 1 23  ? 6.677   1.933   -0.574  1.00 45.05  ? 56  ALA A C   1 
ATOM   146  O O   . ALA A 1 23  ? 7.391   2.198   0.398   1.00 44.78  ? 56  ALA A O   1 
ATOM   147  C CB  . ALA A 1 23  ? 6.818   0.135   -2.314  1.00 37.63  ? 56  ALA A CB  1 
ATOM   148  N N   . SER A 1 24  ? 5.351   2.015   -0.551  1.00 41.86  ? 57  SER A N   1 
ATOM   149  C CA  . SER A 1 24  ? 4.629   2.302   0.678   1.00 41.08  ? 57  SER A CA  1 
ATOM   150  C C   . SER A 1 24  ? 3.957   1.028   1.181   1.00 41.63  ? 57  SER A C   1 
ATOM   151  O O   . SER A 1 24  ? 4.080   -0.033  0.565   1.00 39.84  ? 57  SER A O   1 
ATOM   152  C CB  . SER A 1 24  ? 3.600   3.398   0.456   1.00 40.34  ? 57  SER A CB  1 
ATOM   153  O OG  . SER A 1 24  ? 4.189   4.511   -0.178  1.00 40.48  ? 57  SER A OG  1 
ATOM   154  N N   . GLY A 1 25  ? 3.258   1.142   2.306   1.00 42.23  ? 58  GLY A N   1 
ATOM   155  C CA  . GLY A 1 25  ? 2.498   0.042   2.869   1.00 39.21  ? 58  GLY A CA  1 
ATOM   156  C C   . GLY A 1 25  ? 1.522   0.604   3.877   1.00 37.54  ? 58  GLY A C   1 
ATOM   157  O O   . GLY A 1 25  ? 1.561   1.793   4.167   1.00 37.86  ? 58  GLY A O   1 
ATOM   158  N N   . ALA A 1 26  ? 0.652   -0.237  4.421   1.00 38.43  ? 59  ALA A N   1 
ATOM   159  C CA  . ALA A 1 26  ? -0.332  0.227   5.389   1.00 38.71  ? 59  ALA A CA  1 
ATOM   160  C C   . ALA A 1 26  ? -0.305  -0.639  6.640   1.00 40.95  ? 59  ALA A C   1 
ATOM   161  O O   . ALA A 1 26  ? -0.359  -1.861  6.543   1.00 43.32  ? 59  ALA A O   1 
ATOM   162  C CB  . ALA A 1 26  ? -1.728  0.225   4.770   1.00 39.78  ? 59  ALA A CB  1 
ATOM   163  N N   . ILE A 1 27  ? -0.214  -0.021  7.813   1.00 39.34  ? 60  ILE A N   1 
ATOM   164  C CA  . ILE A 1 27  ? -0.226  -0.796  9.047   1.00 39.74  ? 60  ILE A CA  1 
ATOM   165  C C   . ILE A 1 27  ? -1.649  -1.253  9.279   1.00 40.95  ? 60  ILE A C   1 
ATOM   166  O O   . ILE A 1 27  ? -2.560  -0.428  9.381   1.00 43.58  ? 60  ILE A O   1 
ATOM   167  C CB  . ILE A 1 27  ? 0.300   0.008   10.247  1.00 41.01  ? 60  ILE A CB  1 
ATOM   168  C CG1 . ILE A 1 27  ? 1.696   0.551   9.969   1.00 40.24  ? 60  ILE A CG1 1 
ATOM   169  C CG2 . ILE A 1 27  ? 0.289   -0.835  11.512  1.00 37.05  ? 60  ILE A CG2 1 
ATOM   170  C CD1 . ILE A 1 27  ? 2.254   1.382   11.122  1.00 40.03  ? 60  ILE A CD1 1 
ATOM   171  N N   . VAL A 1 28  ? -1.855  -2.563  9.360   1.00 41.77  ? 61  VAL A N   1 
ATOM   172  C CA  . VAL A 1 28  ? -3.209  -3.100  9.490   1.00 43.82  ? 61  VAL A CA  1 
ATOM   173  C C   . VAL A 1 28  ? -3.443  -3.826  10.812  1.00 43.76  ? 61  VAL A C   1 
ATOM   174  O O   . VAL A 1 28  ? -4.517  -4.373  11.019  1.00 46.02  ? 61  VAL A O   1 
ATOM   175  C CB  . VAL A 1 28  ? -3.539  -4.038  8.316   1.00 43.45  ? 61  VAL A CB  1 
ATOM   176  C CG1 . VAL A 1 28  ? -3.816  -3.243  7.044   1.00 37.70  ? 61  VAL A CG1 1 
ATOM   177  C CG2 . VAL A 1 28  ? -2.408  -5.022  8.105   1.00 46.56  ? 61  VAL A CG2 1 
ATOM   178  N N   . GLY A 1 29  ? -2.457  -3.820  11.711  1.00 45.95  ? 62  GLY A N   1 
ATOM   179  C CA  . GLY A 1 29  ? -2.604  -4.456  13.019  1.00 46.35  ? 62  GLY A CA  1 
ATOM   180  C C   . GLY A 1 29  ? -1.724  -3.885  14.125  1.00 48.21  ? 62  GLY A C   1 
ATOM   181  O O   . GLY A 1 29  ? -0.606  -3.435  13.859  1.00 45.99  ? 62  GLY A O   1 
ATOM   182  N N   . THR A 1 30  ? -2.222  -3.912  15.365  1.00 46.62  ? 63  THR A N   1 
ATOM   183  C CA  . THR A 1 30  ? -1.544  -3.261  16.486  1.00 49.48  ? 63  THR A CA  1 
ATOM   184  C C   . THR A 1 30  ? -0.100  -3.704  16.619  1.00 51.43  ? 63  THR A C   1 
ATOM   185  O O   . THR A 1 30  ? 0.782   -2.899  16.912  1.00 50.43  ? 63  THR A O   1 
ATOM   186  C CB  . THR A 1 30  ? -2.235  -3.550  17.829  1.00 50.65  ? 63  THR A CB  1 
ATOM   187  O OG1 . THR A 1 30  ? -3.646  -3.577  17.639  1.00 60.74  ? 63  THR A OG1 1 
ATOM   188  C CG2 . THR A 1 30  ? -1.881  -2.481  18.855  1.00 49.29  ? 63  THR A CG2 1 
ATOM   189  N N   . ASN A 1 31  ? 0.131   -4.991  16.398  1.00 48.62  ? 64  ASN A N   1 
ATOM   190  C CA  . ASN A 1 31  ? 1.422   -5.576  16.693  1.00 48.05  ? 64  ASN A CA  1 
ATOM   191  C C   . ASN A 1 31  ? 2.349   -5.549  15.496  1.00 50.30  ? 64  ASN A C   1 
ATOM   192  O O   . ASN A 1 31  ? 3.308   -6.307  15.438  1.00 51.63  ? 64  ASN A O   1 
ATOM   193  C CB  . ASN A 1 31  ? 1.240   -7.004  17.199  1.00 49.11  ? 64  ASN A CB  1 
ATOM   194  C CG  . ASN A 1 31  ? 0.582   -7.051  18.573  1.00 55.29  ? 64  ASN A CG  1 
ATOM   195  O OD1 . ASN A 1 31  ? 1.130   -6.539  19.555  1.00 59.93  ? 64  ASN A OD1 1 
ATOM   196  N ND2 . ASN A 1 31  ? -0.597  -7.660  18.648  1.00 50.08  ? 64  ASN A ND2 1 
ATOM   197  N N   . GLY A 1 32  ? 2.064   -4.677  14.538  1.00 46.62  ? 65  GLY A N   1 
ATOM   198  C CA  . GLY A 1 32  ? 3.014   -4.420  13.475  1.00 47.76  ? 65  GLY A CA  1 
ATOM   199  C C   . GLY A 1 32  ? 2.826   -5.178  12.181  1.00 48.28  ? 65  GLY A C   1 
ATOM   200  O O   . GLY A 1 32  ? 3.802   -5.528  11.523  1.00 49.60  ? 65  GLY A O   1 
ATOM   201  N N   . TYR A 1 33  ? 1.577   -5.414  11.800  1.00 44.44  ? 66  TYR A N   1 
ATOM   202  C CA  . TYR A 1 33  ? 1.298   -5.993  10.498  1.00 43.57  ? 66  TYR A CA  1 
ATOM   203  C C   . TYR A 1 33  ? 1.161   -4.923  9.438   1.00 44.46  ? 66  TYR A C   1 
ATOM   204  O O   . TYR A 1 33  ? 0.478   -3.928  9.621   1.00 47.27  ? 66  TYR A O   1 
ATOM   205  C CB  . TYR A 1 33  ? 0.044   -6.838  10.549  1.00 46.08  ? 66  TYR A CB  1 
ATOM   206  C CG  . TYR A 1 33  ? 0.264   -8.088  11.337  1.00 49.02  ? 66  TYR A CG  1 
ATOM   207  C CD1 . TYR A 1 33  ? 0.823   -9.209  10.741  1.00 51.12  ? 66  TYR A CD1 1 
ATOM   208  C CD2 . TYR A 1 33  ? -0.046  -8.138  12.692  1.00 48.81  ? 66  TYR A CD2 1 
ATOM   209  C CE1 . TYR A 1 33  ? 1.050   -10.361 11.471  1.00 52.39  ? 66  TYR A CE1 1 
ATOM   210  C CE2 . TYR A 1 33  ? 0.173   -9.276  13.424  1.00 50.92  ? 66  TYR A CE2 1 
ATOM   211  C CZ  . TYR A 1 33  ? 0.722   -10.390 12.812  1.00 53.09  ? 66  TYR A CZ  1 
ATOM   212  O OH  . TYR A 1 33  ? 0.950   -11.532 13.551  1.00 56.42  ? 66  TYR A OH  1 
ATOM   213  N N   . VAL A 1 34  ? 1.835   -5.140  8.326   1.00 42.00  ? 67  VAL A N   1 
ATOM   214  C CA  . VAL A 1 34  ? 1.881   -4.169  7.266   1.00 42.07  ? 67  VAL A CA  1 
ATOM   215  C C   . VAL A 1 34  ? 1.427   -4.908  6.027   1.00 44.07  ? 67  VAL A C   1 
ATOM   216  O O   . VAL A 1 34  ? 1.832   -6.047  5.803   1.00 44.23  ? 67  VAL A O   1 
ATOM   217  C CB  . VAL A 1 34  ? 3.309   -3.579  7.098   1.00 41.94  ? 67  VAL A CB  1 
ATOM   218  C CG1 . VAL A 1 34  ? 3.386   -2.678  5.874   1.00 41.50  ? 67  VAL A CG1 1 
ATOM   219  C CG2 . VAL A 1 34  ? 3.745   -2.845  8.352   1.00 36.92  ? 67  VAL A CG2 1 
ATOM   220  N N   . ILE A 1 35  ? 0.565   -4.293  5.234   1.00 41.95  ? 68  ILE A N   1 
ATOM   221  C CA  . ILE A 1 35  ? 0.304   -4.841  3.916   1.00 43.74  ? 68  ILE A CA  1 
ATOM   222  C C   . ILE A 1 35  ? 0.949   -3.937  2.898   1.00 44.82  ? 68  ILE A C   1 
ATOM   223  O O   . ILE A 1 35  ? 0.868   -2.708  2.986   1.00 47.41  ? 68  ILE A O   1 
ATOM   224  C CB  . ILE A 1 35  ? -1.179  -5.031  3.644   1.00 42.56  ? 68  ILE A CB  1 
ATOM   225  C CG1 . ILE A 1 35  ? -1.570  -6.445  4.026   1.00 51.47  ? 68  ILE A CG1 1 
ATOM   226  C CG2 . ILE A 1 35  ? -1.480  -4.916  2.169   1.00 48.18  ? 68  ILE A CG2 1 
ATOM   227  C CD1 . ILE A 1 35  ? -2.673  -6.501  5.021   1.00 52.26  ? 68  ILE A CD1 1 
ATOM   228  N N   . THR A 1 36  ? 1.621   -4.556  1.940   1.00 44.24  ? 69  THR A N   1 
ATOM   229  C CA  . THR A 1 36  ? 2.300   -3.806  0.912   1.00 45.37  ? 69  THR A CA  1 
ATOM   230  C C   . THR A 1 36  ? 2.207   -4.632  -0.360  1.00 45.63  ? 69  THR A C   1 
ATOM   231  O O   . THR A 1 36  ? 1.578   -5.690  -0.343  1.00 45.05  ? 69  THR A O   1 
ATOM   232  C CB  . THR A 1 36  ? 3.751   -3.509  1.316   1.00 45.04  ? 69  THR A CB  1 
ATOM   233  O OG1 . THR A 1 36  ? 4.347   -2.614  0.365   1.00 49.48  ? 69  THR A OG1 1 
ATOM   234  C CG2 . THR A 1 36  ? 4.560   -4.803  1.415   1.00 47.20  ? 69  THR A CG2 1 
ATOM   235  N N   . THR A 1 37  ? 2.795   -4.155  -1.459  1.00 45.05  ? 70  THR A N   1 
ATOM   236  C CA  . THR A 1 37  ? 2.777   -4.904  -2.724  1.00 47.97  ? 70  THR A CA  1 
ATOM   237  C C   . THR A 1 37  ? 3.887   -5.952  -2.745  1.00 48.13  ? 70  THR A C   1 
ATOM   238  O O   . THR A 1 37  ? 4.999   -5.687  -2.302  1.00 49.82  ? 70  THR A O   1 
ATOM   239  C CB  . THR A 1 37  ? 2.936   -3.988  -3.969  1.00 45.65  ? 70  THR A CB  1 
ATOM   240  O OG1 . THR A 1 37  ? 3.910   -2.969  -3.708  1.00 47.93  ? 70  THR A OG1 1 
ATOM   241  C CG2 . THR A 1 37  ? 1.625   -3.337  -4.343  1.00 41.21  ? 70  THR A CG2 1 
ATOM   242  N N   . LEU A 1 38  ? 3.582   -7.135  -3.268  1.00 48.56  ? 71  LEU A N   1 
ATOM   243  C CA  . LEU A 1 38  ? 4.519   -8.254  -3.247  1.00 47.75  ? 71  LEU A CA  1 
ATOM   244  C C   . LEU A 1 38  ? 5.747   -8.017  -4.135  1.00 50.02  ? 71  LEU A C   1 
ATOM   245  O O   . LEU A 1 38  ? 6.875   -8.283  -3.721  1.00 54.48  ? 71  LEU A O   1 
ATOM   246  C CB  . LEU A 1 38  ? 3.803   -9.544  -3.661  1.00 52.40  ? 71  LEU A CB  1 
ATOM   247  C CG  . LEU A 1 38  ? 4.613   -10.843 -3.684  1.00 49.71  ? 71  LEU A CG  1 
ATOM   248  C CD1 . LEU A 1 38  ? 5.348   -11.018 -2.377  1.00 50.84  ? 71  LEU A CD1 1 
ATOM   249  C CD2 . LEU A 1 38  ? 3.695   -12.024 -3.946  1.00 48.20  ? 71  LEU A CD2 1 
ATOM   250  N N   . HIS A 1 39  ? 5.544   -7.500  -5.339  1.00 51.18  ? 72  HIS A N   1 
ATOM   251  C CA  . HIS A 1 39  ? 6.667   -7.235  -6.234  1.00 47.57  ? 72  HIS A CA  1 
ATOM   252  C C   . HIS A 1 39  ? 7.651   -6.211  -5.669  1.00 51.12  ? 72  HIS A C   1 
ATOM   253  O O   . HIS A 1 39  ? 8.798   -6.147  -6.085  1.00 54.63  ? 72  HIS A O   1 
ATOM   254  C CB  . HIS A 1 39  ? 6.161   -6.768  -7.594  1.00 49.07  ? 72  HIS A CB  1 
ATOM   255  C CG  . HIS A 1 39  ? 5.772   -5.324  -7.648  1.00 54.45  ? 72  HIS A CG  1 
ATOM   256  N ND1 . HIS A 1 39  ? 4.469   -4.898  -7.506  1.00 56.86  ? 72  HIS A ND1 1 
ATOM   257  C CD2 . HIS A 1 39  ? 6.510   -4.209  -7.876  1.00 56.54  ? 72  HIS A CD2 1 
ATOM   258  C CE1 . HIS A 1 39  ? 4.422   -3.581  -7.627  1.00 54.76  ? 72  HIS A CE1 1 
ATOM   259  N NE2 . HIS A 1 39  ? 5.647   -3.140  -7.849  1.00 57.48  ? 72  HIS A NE2 1 
ATOM   260  N N   . SER A 1 40  ? 7.207   -5.416  -4.710  1.00 50.41  ? 73  SER A N   1 
ATOM   261  C CA  . SER A 1 40  ? 8.083   -4.431  -4.109  1.00 47.42  ? 73  SER A CA  1 
ATOM   262  C C   . SER A 1 40  ? 9.080   -5.056  -3.127  1.00 49.84  ? 73  SER A C   1 
ATOM   263  O O   . SER A 1 40  ? 10.199  -4.573  -2.994  1.00 52.41  ? 73  SER A O   1 
ATOM   264  C CB  . SER A 1 40  ? 7.252   -3.358  -3.413  1.00 43.67  ? 73  SER A CB  1 
ATOM   265  O OG  . SER A 1 40  ? 6.519   -2.624  -4.371  1.00 50.56  ? 73  SER A OG  1 
ATOM   266  N N   . VAL A 1 41  ? 8.702   -6.133  -2.448  1.00 49.07  ? 74  VAL A N   1 
ATOM   267  C CA  . VAL A 1 41  ? 9.592   -6.658  -1.415  1.00 54.33  ? 74  VAL A CA  1 
ATOM   268  C C   . VAL A 1 41  ? 10.146  -8.062  -1.661  1.00 54.97  ? 74  VAL A C   1 
ATOM   269  O O   . VAL A 1 41  ? 11.022  -8.499  -0.922  1.00 62.32  ? 74  VAL A O   1 
ATOM   270  C CB  . VAL A 1 41  ? 8.903   -6.634  -0.033  1.00 50.17  ? 74  VAL A CB  1 
ATOM   271  C CG1 . VAL A 1 41  ? 8.732   -5.217  0.435   1.00 51.25  ? 74  VAL A CG1 1 
ATOM   272  C CG2 . VAL A 1 41  ? 7.573   -7.379  -0.066  1.00 45.65  ? 74  VAL A CG2 1 
ATOM   273  N N   . SER A 1 42  ? 9.660   -8.766  -2.675  1.00 54.77  ? 75  SER A N   1 
ATOM   274  C CA  . SER A 1 42  ? 10.054  -10.167 -2.870  1.00 60.96  ? 75  SER A CA  1 
ATOM   275  C C   . SER A 1 42  ? 11.531  -10.346 -3.258  1.00 64.64  ? 75  SER A C   1 
ATOM   276  O O   . SER A 1 42  ? 12.145  -11.359 -2.922  1.00 66.54  ? 75  SER A O   1 
ATOM   277  C CB  . SER A 1 42  ? 9.173   -10.815 -3.931  1.00 54.59  ? 75  SER A CB  1 
ATOM   278  O OG  . SER A 1 42  ? 9.399   -10.177 -5.173  1.00 69.06  ? 75  SER A OG  1 
ATOM   279  N N   . LYS A 1 43  ? 12.096  -9.371  -3.962  1.00 61.85  ? 76  LYS A N   1 
ATOM   280  C CA  . LYS A 1 43  ? 13.499  -9.448  -4.363  1.00 61.13  ? 76  LYS A CA  1 
ATOM   281  C C   . LYS A 1 43  ? 14.440  -8.821  -3.319  1.00 64.92  ? 76  LYS A C   1 
ATOM   282  O O   . LYS A 1 43  ? 15.663  -8.860  -3.482  1.00 66.87  ? 76  LYS A O   1 
ATOM   283  C CB  . LYS A 1 43  ? 13.707  -8.769  -5.725  1.00 62.20  ? 76  LYS A CB  1 
ATOM   284  C CG  . LYS A 1 43  ? 13.575  -9.691  -6.947  1.00 69.05  ? 76  LYS A CG  1 
ATOM   285  C CD  . LYS A 1 43  ? 12.214  -10.379 -7.004  1.00 76.73  ? 76  LYS A CD  1 
ATOM   286  C CE  . LYS A 1 43  ? 12.131  -11.405 -8.130  1.00 84.22  ? 76  LYS A CE  1 
ATOM   287  N NZ  . LYS A 1 43  ? 10.767  -12.007 -8.241  1.00 83.14  ? 76  LYS A NZ  1 
ATOM   288  N N   . LEU A 1 44  ? 13.880  -8.246  -2.254  1.00 61.76  ? 77  LEU A N   1 
ATOM   289  C CA  . LEU A 1 44  ? 14.690  -7.633  -1.195  1.00 58.61  ? 77  LEU A CA  1 
ATOM   290  C C   . LEU A 1 44  ? 15.333  -8.672  -0.266  1.00 55.93  ? 77  LEU A C   1 
ATOM   291  O O   . LEU A 1 44  ? 14.639  -9.534  0.280   1.00 55.24  ? 77  LEU A O   1 
ATOM   292  C CB  . LEU A 1 44  ? 13.843  -6.675  -0.360  1.00 53.58  ? 77  LEU A CB  1 
ATOM   293  C CG  . LEU A 1 44  ? 13.271  -5.409  -0.992  1.00 48.83  ? 77  LEU A CG  1 
ATOM   294  C CD1 . LEU A 1 44  ? 12.467  -4.643  0.047   1.00 50.61  ? 77  LEU A CD1 1 
ATOM   295  C CD2 . LEU A 1 44  ? 14.373  -4.555  -1.500  1.00 48.26  ? 77  LEU A CD2 1 
ATOM   296  N N   . PRO A 1 45  ? 16.656  -8.568  -0.059  1.00 58.02  ? 78  PRO A N   1 
ATOM   297  C CA  . PRO A 1 45  ? 17.376  -9.467  0.856   1.00 54.92  ? 78  PRO A CA  1 
ATOM   298  C C   . PRO A 1 45  ? 16.813  -9.357  2.271   1.00 58.58  ? 78  PRO A C   1 
ATOM   299  O O   . PRO A 1 45  ? 16.456  -10.364 2.881   1.00 62.80  ? 78  PRO A O   1 
ATOM   300  C CB  . PRO A 1 45  ? 18.823  -8.958  0.809   1.00 57.88  ? 78  PRO A CB  1 
ATOM   301  C CG  . PRO A 1 45  ? 18.877  -7.917  -0.287  1.00 55.26  ? 78  PRO A CG  1 
ATOM   302  C CD  . PRO A 1 45  ? 17.483  -7.425  -0.492  1.00 57.88  ? 78  PRO A CD  1 
ATOM   303  N N   . GLU A 1 46  ? 16.727  -8.127  2.774   1.00 58.94  ? 79  GLU A N   1 
ATOM   304  C CA  . GLU A 1 46  ? 16.083  -7.839  4.060   1.00 58.24  ? 79  GLU A CA  1 
ATOM   305  C C   . GLU A 1 46  ? 15.017  -6.768  3.922   1.00 52.27  ? 79  GLU A C   1 
ATOM   306  O O   . GLU A 1 46  ? 15.180  -5.847  3.130   1.00 59.59  ? 79  GLU A O   1 
ATOM   307  C CB  . GLU A 1 46  ? 17.097  -7.364  5.075   1.00 54.00  ? 79  GLU A CB  1 
ATOM   308  C CG  . GLU A 1 46  ? 17.782  -8.448  5.818   1.00 69.19  ? 79  GLU A CG  1 
ATOM   309  C CD  . GLU A 1 46  ? 18.652  -7.872  6.909   1.00 89.57  ? 79  GLU A CD  1 
ATOM   310  O OE1 . GLU A 1 46  ? 18.625  -8.424  8.032   1.00 90.37  ? 79  GLU A OE1 1 
ATOM   311  O OE2 . GLU A 1 46  ? 19.349  -6.857  6.642   1.00 85.14  ? 79  GLU A OE2 1 
ATOM   312  N N   . ILE A 1 47  ? 13.952  -6.849  4.710   1.00 43.71  ? 80  ILE A N   1 
ATOM   313  C CA  . ILE A 1 47  ? 12.928  -5.815  4.650   1.00 45.27  ? 80  ILE A CA  1 
ATOM   314  C C   . ILE A 1 47  ? 12.934  -4.929  5.874   1.00 46.43  ? 80  ILE A C   1 
ATOM   315  O O   . ILE A 1 47  ? 12.908  -5.420  7.001   1.00 48.19  ? 80  ILE A O   1 
ATOM   316  C CB  . ILE A 1 47  ? 11.548  -6.410  4.494   1.00 46.44  ? 80  ILE A CB  1 
ATOM   317  C CG1 . ILE A 1 47  ? 11.503  -7.337  3.281   1.00 43.45  ? 80  ILE A CG1 1 
ATOM   318  C CG2 . ILE A 1 47  ? 10.528  -5.289  4.377   1.00 44.30  ? 80  ILE A CG2 1 
ATOM   319  C CD1 . ILE A 1 47  ? 10.261  -8.173  3.238   1.00 41.29  ? 80  ILE A CD1 1 
ATOM   320  N N   . SER A 1 48  ? 12.941  -3.623  5.650   1.00 43.32  ? 81  SER A N   1 
ATOM   321  C CA  . SER A 1 48  ? 12.831  -2.671  6.736   1.00 41.99  ? 81  SER A CA  1 
ATOM   322  C C   . SER A 1 48  ? 11.603  -1.787  6.528   1.00 45.80  ? 81  SER A C   1 
ATOM   323  O O   . SER A 1 48  ? 11.357  -1.318  5.416   1.00 47.29  ? 81  SER A O   1 
ATOM   324  C CB  . SER A 1 48  ? 14.092  -1.824  6.825   1.00 42.78  ? 81  SER A CB  1 
ATOM   325  O OG  . SER A 1 48  ? 13.976  -0.861  7.857   1.00 50.93  ? 81  SER A OG  1 
ATOM   326  N N   . VAL A 1 49  ? 10.823  -1.575  7.584   1.00 42.29  ? 82  VAL A N   1 
ATOM   327  C CA  . VAL A 1 49  ? 9.657   -0.704  7.491   1.00 42.98  ? 82  VAL A CA  1 
ATOM   328  C C   . VAL A 1 49  ? 9.936   0.613   8.187   1.00 42.18  ? 82  VAL A C   1 
ATOM   329  O O   . VAL A 1 49  ? 10.413  0.639   9.324   1.00 44.63  ? 82  VAL A O   1 
ATOM   330  C CB  . VAL A 1 49  ? 8.394   -1.374  8.072   1.00 42.32  ? 82  VAL A CB  1 
ATOM   331  C CG1 . VAL A 1 49  ? 7.228   -0.406  8.060   1.00 38.87  ? 82  VAL A CG1 1 
ATOM   332  C CG2 . VAL A 1 49  ? 8.047   -2.619  7.272   1.00 39.75  ? 82  VAL A CG2 1 
ATOM   333  N N   . GLN A 1 50  ? 9.638   1.712   7.501   1.00 45.71  ? 83  GLN A N   1 
ATOM   334  C CA  . GLN A 1 50  ? 9.928   3.042   8.037   1.00 46.33  ? 83  GLN A CA  1 
ATOM   335  C C   . GLN A 1 50  ? 8.647   3.721   8.511   1.00 40.50  ? 83  GLN A C   1 
ATOM   336  O O   . GLN A 1 50  ? 7.706   3.891   7.740   1.00 42.16  ? 83  GLN A O   1 
ATOM   337  C CB  . GLN A 1 50  ? 10.650  3.880   6.987   1.00 44.13  ? 83  GLN A CB  1 
ATOM   338  C CG  . GLN A 1 50  ? 11.702  3.077   6.215   1.00 49.33  ? 83  GLN A CG  1 
ATOM   339  C CD  . GLN A 1 50  ? 12.967  3.882   5.905   1.00 60.66  ? 83  GLN A CD  1 
ATOM   340  O OE1 . GLN A 1 50  ? 13.137  5.019   6.376   1.00 54.46  ? 83  GLN A OE1 1 
ATOM   341  N NE2 . GLN A 1 50  ? 13.863  3.291   5.107   1.00 56.61  ? 83  GLN A NE2 1 
ATOM   342  N N   . VAL A 1 51  ? 8.615   4.073   9.797   1.00 44.51  ? 84  VAL A N   1 
ATOM   343  C CA  . VAL A 1 51  ? 7.404   4.561   10.465  1.00 43.49  ? 84  VAL A CA  1 
ATOM   344  C C   . VAL A 1 51  ? 7.586   5.996   10.928  1.00 44.00  ? 84  VAL A C   1 
ATOM   345  O O   . VAL A 1 51  ? 8.626   6.360   11.471  1.00 44.40  ? 84  VAL A O   1 
ATOM   346  C CB  . VAL A 1 51  ? 7.039   3.662   11.662  1.00 43.70  ? 84  VAL A CB  1 
ATOM   347  C CG1 . VAL A 1 51  ? 5.783   4.163   12.365  1.00 35.07  ? 84  VAL A CG1 1 
ATOM   348  C CG2 . VAL A 1 51  ? 6.886   2.215   11.204  1.00 39.89  ? 84  VAL A CG2 1 
ATOM   349  N N   . ALA A 1 52  ? 6.568   6.815   10.720  1.00 40.51  ? 85  ALA A N   1 
ATOM   350  C CA  . ALA A 1 52  ? 6.635   8.185   11.175  1.00 36.38  ? 85  ALA A CA  1 
ATOM   351  C C   . ALA A 1 52  ? 6.305   8.232   12.654  1.00 43.96  ? 85  ALA A C   1 
ATOM   352  O O   . ALA A 1 52  ? 5.369   7.574   13.117  1.00 43.80  ? 85  ALA A O   1 
ATOM   353  C CB  . ALA A 1 52  ? 5.695   9.043   10.391  1.00 38.20  ? 85  ALA A CB  1 
ATOM   354  N N   . THR A 1 53  ? 7.093   8.991   13.402  1.00 44.23  ? 86  THR A N   1 
ATOM   355  C CA  . THR A 1 53  ? 6.812   9.220   14.811  1.00 44.73  ? 86  THR A CA  1 
ATOM   356  C C   . THR A 1 53  ? 6.961   10.721  15.059  1.00 47.41  ? 86  THR A C   1 
ATOM   357  O O   . THR A 1 53  ? 7.450   11.441  14.194  1.00 48.32  ? 86  THR A O   1 
ATOM   358  C CB  . THR A 1 53  ? 7.766   8.417   15.739  1.00 48.05  ? 86  THR A CB  1 
ATOM   359  O OG1 . THR A 1 53  ? 9.042   9.070   15.800  1.00 47.49  ? 86  THR A OG1 1 
ATOM   360  C CG2 . THR A 1 53  ? 7.962   6.982   15.237  1.00 45.30  ? 86  THR A CG2 1 
ATOM   361  N N   . THR A 1 54  ? 6.564   11.199  16.230  1.00 48.71  ? 87  THR A N   1 
ATOM   362  C CA  . THR A 1 54  ? 6.735   12.613  16.551  1.00 47.95  ? 87  THR A CA  1 
ATOM   363  C C   . THR A 1 54  ? 8.219   13.005  16.680  1.00 53.39  ? 87  THR A C   1 
ATOM   364  O O   . THR A 1 54  ? 8.558   14.193  16.713  1.00 57.85  ? 87  THR A O   1 
ATOM   365  C CB  . THR A 1 54  ? 6.013   12.973  17.857  1.00 49.52  ? 87  THR A CB  1 
ATOM   366  O OG1 . THR A 1 54  ? 6.263   11.947  18.819  1.00 56.84  ? 87  THR A OG1 1 
ATOM   367  C CG2 . THR A 1 54  ? 4.526   13.085  17.641  1.00 41.74  ? 87  THR A CG2 1 
ATOM   368  N N   . GLY A 1 55  ? 9.099   12.013  16.756  1.00 45.84  ? 88  GLY A N   1 
ATOM   369  C CA  . GLY A 1 55  ? 10.523  12.264  16.871  1.00 37.55  ? 88  GLY A CA  1 
ATOM   370  C C   . GLY A 1 55  ? 11.300  11.930  15.608  1.00 47.55  ? 88  GLY A C   1 
ATOM   371  O O   . GLY A 1 55  ? 12.537  11.886  15.611  1.00 45.18  ? 88  GLY A O   1 
ATOM   372  N N   . GLY A 1 56  ? 10.579  11.701  14.515  1.00 47.98  ? 89  GLY A N   1 
ATOM   373  C CA  . GLY A 1 56  ? 11.215  11.365  13.255  1.00 41.84  ? 89  GLY A CA  1 
ATOM   374  C C   . GLY A 1 56  ? 10.981  9.931   12.815  1.00 44.14  ? 89  GLY A C   1 
ATOM   375  O O   . GLY A 1 56  ? 10.269  9.167   13.474  1.00 42.85  ? 89  GLY A O   1 
ATOM   376  N N   . ILE A 1 57  ? 11.583  9.562   11.689  1.00 45.53  ? 90  ILE A N   1 
ATOM   377  C CA  . ILE A 1 57  ? 11.386  8.232   11.141  1.00 45.14  ? 90  ILE A CA  1 
ATOM   378  C C   . ILE A 1 57  ? 12.012  7.202   12.060  1.00 44.51  ? 90  ILE A C   1 
ATOM   379  O O   . ILE A 1 57  ? 13.160  7.348   12.451  1.00 52.16  ? 90  ILE A O   1 
ATOM   380  C CB  . ILE A 1 57  ? 11.960  8.122   9.734   1.00 45.07  ? 90  ILE A CB  1 
ATOM   381  C CG1 . ILE A 1 57  ? 11.162  8.994   8.765   1.00 45.52  ? 90  ILE A CG1 1 
ATOM   382  C CG2 . ILE A 1 57  ? 11.944  6.680   9.267   1.00 43.75  ? 90  ILE A CG2 1 
ATOM   383  C CD1 . ILE A 1 57  ? 9.733   8.539   8.581   1.00 44.10  ? 90  ILE A CD1 1 
ATOM   384  N N   . ARG A 1 58  ? 11.242  6.183   12.427  1.00 43.42  ? 91  ARG A N   1 
ATOM   385  C CA  . ARG A 1 58  ? 11.789  5.004   13.087  1.00 48.22  ? 91  ARG A CA  1 
ATOM   386  C C   . ARG A 1 58  ? 11.673  3.800   12.178  1.00 45.15  ? 91  ARG A C   1 
ATOM   387  O O   . ARG A 1 58  ? 10.653  3.622   11.515  1.00 44.82  ? 91  ARG A O   1 
ATOM   388  C CB  . ARG A 1 58  ? 11.086  4.731   14.416  1.00 46.57  ? 91  ARG A CB  1 
ATOM   389  C CG  . ARG A 1 58  ? 11.758  5.456   15.545  1.00 51.58  ? 91  ARG A CG  1 
ATOM   390  C CD  . ARG A 1 58  ? 11.224  5.031   16.870  1.00 57.42  ? 91  ARG A CD  1 
ATOM   391  N NE  . ARG A 1 58  ? 11.574  3.656   17.188  1.00 53.82  ? 91  ARG A NE  1 
ATOM   392  C CZ  . ARG A 1 58  ? 11.156  3.054   18.292  1.00 57.11  ? 91  ARG A CZ  1 
ATOM   393  N NH1 . ARG A 1 58  ? 10.394  3.734   19.144  1.00 56.93  ? 91  ARG A NH1 1 
ATOM   394  N NH2 . ARG A 1 58  ? 11.491  1.790   18.549  1.00 51.73  ? 91  ARG A NH2 1 
ATOM   395  N N   . ARG A 1 59  ? 12.722  2.979   12.161  1.00 41.94  ? 92  ARG A N   1 
ATOM   396  C CA  . ARG A 1 59  ? 12.774  1.800   11.298  1.00 42.59  ? 92  ARG A CA  1 
ATOM   397  C C   . ARG A 1 59  ? 12.670  0.490   12.063  1.00 41.90  ? 92  ARG A C   1 
ATOM   398  O O   . ARG A 1 59  ? 13.223  0.327   13.149  1.00 48.10  ? 92  ARG A O   1 
ATOM   399  C CB  . ARG A 1 59  ? 14.056  1.824   10.480  1.00 42.61  ? 92  ARG A CB  1 
ATOM   400  C CG  . ARG A 1 59  ? 14.161  3.099   9.672   1.00 51.94  ? 92  ARG A CG  1 
ATOM   401  C CD  . ARG A 1 59  ? 15.334  3.080   8.735   1.00 58.43  ? 92  ARG A CD  1 
ATOM   402  N NE  . ARG A 1 59  ? 15.344  1.896   7.882   1.00 55.16  ? 92  ARG A NE  1 
ATOM   403  C CZ  . ARG A 1 59  ? 16.292  1.669   6.984   1.00 54.23  ? 92  ARG A CZ  1 
ATOM   404  N NH1 . ARG A 1 59  ? 17.271  2.556   6.843   1.00 52.33  ? 92  ARG A NH1 1 
ATOM   405  N NH2 . ARG A 1 59  ? 16.265  0.575   6.230   1.00 52.70  ? 92  ARG A NH2 1 
ATOM   406  N N   . PHE A 1 60  ? 11.941  -0.449  11.492  1.00 43.99  ? 93  PHE A N   1 
ATOM   407  C CA  . PHE A 1 60  ? 11.762  -1.739  12.125  1.00 43.31  ? 93  PHE A CA  1 
ATOM   408  C C   . PHE A 1 60  ? 11.963  -2.812  11.084  1.00 44.13  ? 93  PHE A C   1 
ATOM   409  O O   . PHE A 1 60  ? 11.417  -2.713  9.983   1.00 45.13  ? 93  PHE A O   1 
ATOM   410  C CB  . PHE A 1 60  ? 10.372  -1.883  12.735  1.00 42.92  ? 93  PHE A CB  1 
ATOM   411  C CG  . PHE A 1 60  ? 10.003  -0.798  13.703  1.00 46.61  ? 93  PHE A CG  1 
ATOM   412  C CD1 . PHE A 1 60  ? 9.519   0.419   13.260  1.00 47.16  ? 93  PHE A CD1 1 
ATOM   413  C CD2 . PHE A 1 60  ? 10.114  -1.006  15.061  1.00 48.33  ? 93  PHE A CD2 1 
ATOM   414  C CE1 . PHE A 1 60  ? 9.167   1.404   14.157  1.00 47.41  ? 93  PHE A CE1 1 
ATOM   415  C CE2 . PHE A 1 60  ? 9.768   -0.019  15.957  1.00 44.35  ? 93  PHE A CE2 1 
ATOM   416  C CZ  . PHE A 1 60  ? 9.299   1.181   15.509  1.00 45.01  ? 93  PHE A CZ  1 
ATOM   417  N N   . PRO A 1 61  ? 12.743  -3.843  11.427  1.00 44.23  ? 94  PRO A N   1 
ATOM   418  C CA  . PRO A 1 61  ? 12.920  -4.995  10.545  1.00 41.57  ? 94  PRO A CA  1 
ATOM   419  C C   . PRO A 1 61  ? 11.623  -5.782  10.428  1.00 45.04  ? 94  PRO A C   1 
ATOM   420  O O   . PRO A 1 61  ? 10.874  -5.875  11.405  1.00 49.07  ? 94  PRO A O   1 
ATOM   421  C CB  . PRO A 1 61  ? 14.005  -5.809  11.251  1.00 38.11  ? 94  PRO A CB  1 
ATOM   422  C CG  . PRO A 1 61  ? 13.824  -5.481  12.663  1.00 44.49  ? 94  PRO A CG  1 
ATOM   423  C CD  . PRO A 1 61  ? 13.449  -4.031  12.704  1.00 43.03  ? 94  PRO A CD  1 
ATOM   424  N N   . ALA A 1 62  ? 11.351  -6.343  9.257   1.00 43.45  ? 95  ALA A N   1 
ATOM   425  C CA  . ALA A 1 62  ? 10.107  -7.067  9.067   1.00 44.26  ? 95  ALA A CA  1 
ATOM   426  C C   . ALA A 1 62  ? 10.344  -8.337  8.283   1.00 44.67  ? 95  ALA A C   1 
ATOM   427  O O   . ALA A 1 62  ? 11.287  -8.431  7.508   1.00 46.12  ? 95  ALA A O   1 
ATOM   428  C CB  . ALA A 1 62  ? 9.087   -6.193  8.361   1.00 39.80  ? 95  ALA A CB  1 
ATOM   429  N N   . GLN A 1 63  ? 9.472   -9.314  8.478   1.00 45.25  ? 96  GLN A N   1 
ATOM   430  C CA  . GLN A 1 63  ? 9.517   -10.512 7.667   1.00 52.35  ? 96  GLN A CA  1 
ATOM   431  C C   . GLN A 1 63  ? 8.178   -10.747 7.000   1.00 52.62  ? 96  GLN A C   1 
ATOM   432  O O   . GLN A 1 63  ? 7.153   -10.213 7.428   1.00 51.26  ? 96  GLN A O   1 
ATOM   433  C CB  . GLN A 1 63  ? 9.906   -11.722 8.507   1.00 56.89  ? 96  GLN A CB  1 
ATOM   434  C CG  . GLN A 1 63  ? 11.399  -11.922 8.682   1.00 59.86  ? 96  GLN A CG  1 
ATOM   435  C CD  . GLN A 1 63  ? 11.687  -12.797 9.887   1.00 80.08  ? 96  GLN A CD  1 
ATOM   436  O OE1 . GLN A 1 63  ? 10.776  -13.410 10.452  1.00 84.04  ? 96  GLN A OE1 1 
ATOM   437  N NE2 . GLN A 1 63  ? 12.950  -12.853 10.298  1.00 90.09  ? 96  GLN A NE2 1 
ATOM   438  N N   . VAL A 1 64  ? 8.193   -11.547 5.940   1.00 53.11  ? 97  VAL A N   1 
ATOM   439  C CA  . VAL A 1 64  ? 6.959   -11.884 5.251   1.00 53.18  ? 97  VAL A CA  1 
ATOM   440  C C   . VAL A 1 64  ? 6.247   -13.014 5.978   1.00 56.38  ? 97  VAL A C   1 
ATOM   441  O O   . VAL A 1 64  ? 6.857   -14.011 6.353   1.00 57.90  ? 97  VAL A O   1 
ATOM   442  C CB  . VAL A 1 64  ? 7.214   -12.253 3.809   1.00 47.94  ? 97  VAL A CB  1 
ATOM   443  C CG1 . VAL A 1 64  ? 5.896   -12.515 3.115   1.00 47.86  ? 97  VAL A CG1 1 
ATOM   444  C CG2 . VAL A 1 64  ? 7.990   -11.140 3.117   1.00 48.39  ? 97  VAL A CG2 1 
ATOM   445  N N   . VAL A 1 65  ? 4.950   -12.839 6.180   1.00 56.91  ? 98  VAL A N   1 
ATOM   446  C CA  . VAL A 1 65  ? 4.142   -13.778 6.933   1.00 54.94  ? 98  VAL A CA  1 
ATOM   447  C C   . VAL A 1 65  ? 3.291   -14.601 5.984   1.00 56.58  ? 98  VAL A C   1 
ATOM   448  O O   . VAL A 1 65  ? 3.051   -15.782 6.209   1.00 60.52  ? 98  VAL A O   1 
ATOM   449  C CB  . VAL A 1 65  ? 3.260   -13.033 7.933   1.00 51.44  ? 98  VAL A CB  1 
ATOM   450  C CG1 . VAL A 1 65  ? 2.346   -14.000 8.651   1.00 59.17  ? 98  VAL A CG1 1 
ATOM   451  C CG2 . VAL A 1 65  ? 4.119   -12.273 8.904   1.00 51.71  ? 98  VAL A CG2 1 
ATOM   452  N N   . LYS A 1 66  ? 2.833   -13.949 4.922   1.00 57.22  ? 99  LYS A N   1 
ATOM   453  C CA  . LYS A 1 66  ? 1.941   -14.552 3.945   1.00 56.35  ? 99  LYS A CA  1 
ATOM   454  C C   . LYS A 1 66  ? 2.076   -13.776 2.645   1.00 59.07  ? 99  LYS A C   1 
ATOM   455  O O   . LYS A 1 66  ? 2.188   -12.554 2.658   1.00 61.11  ? 99  LYS A O   1 
ATOM   456  C CB  . LYS A 1 66  ? 0.501   -14.527 4.452   1.00 57.86  ? 99  LYS A CB  1 
ATOM   457  C CG  . LYS A 1 66  ? -0.542  -15.037 3.479   1.00 71.02  ? 99  LYS A CG  1 
ATOM   458  C CD  . LYS A 1 66  ? -0.522  -16.550 3.366   1.00 80.69  ? 99  LYS A CD  1 
ATOM   459  C CE  . LYS A 1 66  ? -1.775  -17.072 2.665   1.00 85.65  ? 99  LYS A CE  1 
ATOM   460  N NZ  . LYS A 1 66  ? -1.847  -18.567 2.706   1.00 97.25  ? 99  LYS A NZ  1 
ATOM   461  N N   . THR A 1 67  ? 2.098   -14.480 1.524   1.00 58.78  ? 100 THR A N   1 
ATOM   462  C CA  . THR A 1 67  ? 2.055   -13.829 0.227   1.00 55.45  ? 100 THR A CA  1 
ATOM   463  C C   . THR A 1 67  ? 0.699   -14.083 -0.408  1.00 61.77  ? 100 THR A C   1 
ATOM   464  O O   . THR A 1 67  ? 0.088   -15.136 -0.199  1.00 58.96  ? 100 THR A O   1 
ATOM   465  C CB  . THR A 1 67  ? 3.168   -14.325 -0.710  1.00 60.78  ? 100 THR A CB  1 
ATOM   466  O OG1 . THR A 1 67  ? 3.023   -15.735 -0.934  1.00 65.63  ? 100 THR A OG1 1 
ATOM   467  C CG2 . THR A 1 67  ? 4.525   -14.060 -0.104  1.00 52.55  ? 100 THR A CG2 1 
ATOM   468  N N   . ILE A 1 68  ? 0.215   -13.091 -1.149  1.00 63.09  ? 101 ILE A N   1 
ATOM   469  C CA  . ILE A 1 68  ? -1.013  -13.224 -1.923  1.00 60.56  ? 101 ILE A CA  1 
ATOM   470  C C   . ILE A 1 68  ? -0.661  -12.893 -3.359  1.00 61.27  ? 101 ILE A C   1 
ATOM   471  O O   . ILE A 1 68  ? -0.941  -11.792 -3.841  1.00 60.67  ? 101 ILE A O   1 
ATOM   472  C CB  . ILE A 1 68  ? -2.120  -12.322 -1.398  1.00 56.60  ? 101 ILE A CB  1 
ATOM   473  C CG1 . ILE A 1 68  ? -2.252  -12.482 0.113   1.00 59.99  ? 101 ILE A CG1 1 
ATOM   474  C CG2 . ILE A 1 68  ? -3.430  -12.648 -2.067  1.00 59.28  ? 101 ILE A CG2 1 
ATOM   475  C CD1 . ILE A 1 68  ? -3.245  -11.529 0.729   1.00 62.65  ? 101 ILE A CD1 1 
ATOM   476  N N   . PRO A 1 69  ? -0.039  -13.856 -4.047  1.00 58.76  ? 102 PRO A N   1 
ATOM   477  C CA  . PRO A 1 69  ? 0.554   -13.627 -5.364  1.00 57.08  ? 102 PRO A CA  1 
ATOM   478  C C   . PRO A 1 69  ? -0.505  -13.295 -6.398  1.00 57.81  ? 102 PRO A C   1 
ATOM   479  O O   . PRO A 1 69  ? -0.241  -12.506 -7.294  1.00 59.02  ? 102 PRO A O   1 
ATOM   480  C CB  . PRO A 1 69  ? 1.232   -14.963 -5.686  1.00 58.87  ? 102 PRO A CB  1 
ATOM   481  C CG  . PRO A 1 69  ? 1.133   -15.789 -4.430  1.00 57.33  ? 102 PRO A CG  1 
ATOM   482  C CD  . PRO A 1 69  ? -0.050  -15.282 -3.698  1.00 58.37  ? 102 PRO A CD  1 
ATOM   483  N N   . GLY A 1 70  ? -1.689  -13.889 -6.263  1.00 58.00  ? 103 GLY A N   1 
ATOM   484  C CA  . GLY A 1 70  ? -2.781  -13.638 -7.183  1.00 58.30  ? 103 GLY A CA  1 
ATOM   485  C C   . GLY A 1 70  ? -3.197  -12.179 -7.241  1.00 65.06  ? 103 GLY A C   1 
ATOM   486  O O   . GLY A 1 70  ? -3.811  -11.733 -8.212  1.00 63.88  ? 103 GLY A O   1 
ATOM   487  N N   . HIS A 1 71  ? -2.855  -11.423 -6.203  1.00 60.92  ? 104 HIS A N   1 
ATOM   488  C CA  . HIS A 1 71  ? -3.223  -10.021 -6.174  1.00 60.79  ? 104 HIS A CA  1 
ATOM   489  C C   . HIS A 1 71  ? -2.046  -9.109  -5.855  1.00 56.07  ? 104 HIS A C   1 
ATOM   490  O O   . HIS A 1 71  ? -2.238  -7.953  -5.501  1.00 57.89  ? 104 HIS A O   1 
ATOM   491  C CB  . HIS A 1 71  ? -4.353  -9.814  -5.172  1.00 59.93  ? 104 HIS A CB  1 
ATOM   492  C CG  . HIS A 1 71  ? -5.595  -10.580 -5.512  1.00 68.41  ? 104 HIS A CG  1 
ATOM   493  N ND1 . HIS A 1 71  ? -5.813  -11.874 -5.078  1.00 68.17  ? 104 HIS A ND1 1 
ATOM   494  C CD2 . HIS A 1 71  ? -6.674  -10.250 -6.262  1.00 62.85  ? 104 HIS A CD2 1 
ATOM   495  C CE1 . HIS A 1 71  ? -6.980  -12.296 -5.530  1.00 65.30  ? 104 HIS A CE1 1 
ATOM   496  N NE2 . HIS A 1 71  ? -7.523  -11.330 -6.251  1.00 62.00  ? 104 HIS A NE2 1 
ATOM   497  N N   . ASP A 1 72  ? -0.835  -9.630  -6.012  1.00 50.67  ? 105 ASP A N   1 
ATOM   498  C CA  . ASP A 1 72  ? 0.403   -8.876  -5.790  1.00 52.46  ? 105 ASP A CA  1 
ATOM   499  C C   . ASP A 1 72  ? 0.493   -8.237  -4.399  1.00 53.08  ? 105 ASP A C   1 
ATOM   500  O O   . ASP A 1 72  ? 1.025   -7.143  -4.235  1.00 52.60  ? 105 ASP A O   1 
ATOM   501  C CB  . ASP A 1 72  ? 0.578   -7.794  -6.862  1.00 50.30  ? 105 ASP A CB  1 
ATOM   502  C CG  . ASP A 1 72  ? 1.983   -7.191  -6.860  1.00 55.32  ? 105 ASP A CG  1 
ATOM   503  O OD1 . ASP A 1 72  ? 2.918   -7.865  -6.371  1.00 54.07  ? 105 ASP A OD1 1 
ATOM   504  O OD2 . ASP A 1 72  ? 2.155   -6.042  -7.329  1.00 55.51  ? 105 ASP A OD2 1 
ATOM   505  N N   . LEU A 1 73  ? -0.010  -8.923  -3.388  1.00 49.92  ? 106 LEU A N   1 
ATOM   506  C CA  . LEU A 1 73  ? 0.085   -8.399  -2.040  1.00 47.90  ? 106 LEU A CA  1 
ATOM   507  C C   . LEU A 1 73  ? 0.980   -9.257  -1.148  1.00 53.11  ? 106 LEU A C   1 
ATOM   508  O O   . LEU A 1 73  ? 1.074   -10.481 -1.331  1.00 54.24  ? 106 LEU A O   1 
ATOM   509  C CB  . LEU A 1 73  ? -1.300  -8.289  -1.425  1.00 49.11  ? 106 LEU A CB  1 
ATOM   510  C CG  . LEU A 1 73  ? -2.224  -7.247  -2.043  1.00 49.32  ? 106 LEU A CG  1 
ATOM   511  C CD1 . LEU A 1 73  ? -3.463  -7.124  -1.185  1.00 45.89  ? 106 LEU A CD1 1 
ATOM   512  C CD2 . LEU A 1 73  ? -1.527  -5.902  -2.183  1.00 45.51  ? 106 LEU A CD2 1 
ATOM   513  N N   . ALA A 1 74  ? 1.634   -8.597  -0.190  1.00 47.33  ? 107 ALA A N   1 
ATOM   514  C CA  . ALA A 1 74  ? 2.457   -9.251  0.825   1.00 44.88  ? 107 ALA A CA  1 
ATOM   515  C C   . ALA A 1 74  ? 2.035   -8.778  2.205   1.00 48.47  ? 107 ALA A C   1 
ATOM   516  O O   . ALA A 1 74  ? 1.673   -7.612  2.388   1.00 47.84  ? 107 ALA A O   1 
ATOM   517  C CB  . ALA A 1 74  ? 3.930   -8.963  0.605   1.00 46.59  ? 107 ALA A CB  1 
ATOM   518  N N   . LEU A 1 75  ? 2.080   -9.689  3.172   1.00 49.42  ? 108 LEU A N   1 
ATOM   519  C CA  . LEU A 1 75  ? 1.773   -9.350  4.550   1.00 48.85  ? 108 LEU A CA  1 
ATOM   520  C C   . LEU A 1 75  ? 3.024   -9.462  5.375   1.00 50.18  ? 108 LEU A C   1 
ATOM   521  O O   . LEU A 1 75  ? 3.579   -10.546 5.521   1.00 55.15  ? 108 LEU A O   1 
ATOM   522  C CB  . LEU A 1 75  ? 0.703   -10.261 5.138   1.00 48.51  ? 108 LEU A CB  1 
ATOM   523  C CG  . LEU A 1 75  ? 0.533   -10.013 6.637   1.00 48.80  ? 108 LEU A CG  1 
ATOM   524  C CD1 . LEU A 1 75  ? -0.030  -8.628  6.879   1.00 47.84  ? 108 LEU A CD1 1 
ATOM   525  C CD2 . LEU A 1 75  ? -0.337  -11.071 7.280   1.00 46.78  ? 108 LEU A CD2 1 
ATOM   526  N N   . LEU A 1 76  ? 3.465   -8.335  5.913   1.00 47.34  ? 109 LEU A N   1 
ATOM   527  C CA  . LEU A 1 76  ? 4.673   -8.307  6.701   1.00 44.34  ? 109 LEU A CA  1 
ATOM   528  C C   . LEU A 1 76  ? 4.310   -8.218  8.169   1.00 46.69  ? 109 LEU A C   1 
ATOM   529  O O   . LEU A 1 76  ? 3.216   -7.780  8.534   1.00 47.55  ? 109 LEU A O   1 
ATOM   530  C CB  . LEU A 1 76  ? 5.550   -7.124  6.301   1.00 43.85  ? 109 LEU A CB  1 
ATOM   531  C CG  . LEU A 1 76  ? 5.767   -6.838  4.818   1.00 40.87  ? 109 LEU A CG  1 
ATOM   532  C CD1 . LEU A 1 76  ? 6.656   -5.620  4.668   1.00 45.63  ? 109 LEU A CD1 1 
ATOM   533  C CD2 . LEU A 1 76  ? 6.394   -8.029  4.131   1.00 44.09  ? 109 LEU A CD2 1 
ATOM   534  N N   . LYS A 1 77  ? 5.234   -8.644  9.010   1.00 44.50  ? 110 LYS A N   1 
ATOM   535  C CA  . LYS A 1 77  ? 5.123   -8.416  10.432  1.00 46.81  ? 110 LYS A CA  1 
ATOM   536  C C   . LYS A 1 77  ? 6.417   -7.765  10.891  1.00 47.39  ? 110 LYS A C   1 
ATOM   537  O O   . LYS A 1 77  ? 7.500   -8.296  10.652  1.00 52.46  ? 110 LYS A O   1 
ATOM   538  C CB  . LYS A 1 77  ? 4.870   -9.724  11.169  1.00 52.31  ? 110 LYS A CB  1 
ATOM   539  C CG  . LYS A 1 77  ? 5.199   -9.684  12.646  1.00 48.77  ? 110 LYS A CG  1 
ATOM   540  C CD  . LYS A 1 77  ? 4.015   -9.229  13.469  1.00 53.74  ? 110 LYS A CD  1 
ATOM   541  C CE  . LYS A 1 77  ? 4.371   -9.182  14.953  1.00 52.09  ? 110 LYS A CE  1 
ATOM   542  N NZ  . LYS A 1 77  ? 5.471   -8.205  15.231  1.00 54.97  ? 110 LYS A NZ  1 
ATOM   543  N N   . MET A 1 78  ? 6.316   -6.603  11.519  1.00 45.05  ? 111 MET A N   1 
ATOM   544  C CA  . MET A 1 78  ? 7.503   -5.952  12.052  1.00 49.69  ? 111 MET A CA  1 
ATOM   545  C C   . MET A 1 78  ? 7.979   -6.686  13.310  1.00 50.12  ? 111 MET A C   1 
ATOM   546  O O   . MET A 1 78  ? 7.176   -7.129  14.139  1.00 46.67  ? 111 MET A O   1 
ATOM   547  C CB  . MET A 1 78  ? 7.221   -4.473  12.346  1.00 46.24  ? 111 MET A CB  1 
ATOM   548  C CG  . MET A 1 78  ? 6.608   -3.729  11.169  1.00 45.38  ? 111 MET A CG  1 
ATOM   549  S SD  . MET A 1 78  ? 5.911   -2.116  11.609  1.00 52.19  ? 111 MET A SD  1 
ATOM   550  C CE  . MET A 1 78  ? 7.356   -1.176  11.390  1.00 47.89  ? 111 MET A CE  1 
ATOM   551  N N   . GLN A 1 79  ? 9.290   -6.833  13.434  1.00 48.24  ? 112 GLN A N   1 
ATOM   552  C CA  . GLN A 1 79  ? 9.880   -7.444  14.613  1.00 46.06  ? 112 GLN A CA  1 
ATOM   553  C C   . GLN A 1 79  ? 10.047  -6.431  15.717  1.00 48.08  ? 112 GLN A C   1 
ATOM   554  O O   . GLN A 1 79  ? 11.065  -5.754  15.777  1.00 55.47  ? 112 GLN A O   1 
ATOM   555  C CB  . GLN A 1 79  ? 11.229  -8.041  14.268  1.00 48.47  ? 112 GLN A CB  1 
ATOM   556  C CG  . GLN A 1 79  ? 11.166  -8.984  13.092  1.00 59.84  ? 112 GLN A CG  1 
ATOM   557  C CD  . GLN A 1 79  ? 10.446  -10.258 13.441  1.00 63.28  ? 112 GLN A CD  1 
ATOM   558  O OE1 . GLN A 1 79  ? 9.374   -10.536 12.912  1.00 62.36  ? 112 GLN A OE1 1 
ATOM   559  N NE2 . GLN A 1 79  ? 11.029  -11.042 14.354  1.00 70.61  ? 112 GLN A NE2 1 
ATOM   560  N N   . THR A 1 80  ? 9.068   -6.318  16.601  1.00 46.47  ? 113 THR A N   1 
ATOM   561  C CA  . THR A 1 80  ? 9.152   -5.305  17.643  1.00 47.55  ? 113 THR A CA  1 
ATOM   562  C C   . THR A 1 80  ? 8.179   -5.635  18.748  1.00 50.48  ? 113 THR A C   1 
ATOM   563  O O   . THR A 1 80  ? 7.200   -6.336  18.526  1.00 57.73  ? 113 THR A O   1 
ATOM   564  C CB  . THR A 1 80  ? 8.852   -3.886  17.097  1.00 51.64  ? 113 THR A CB  1 
ATOM   565  O OG1 . THR A 1 80  ? 9.176   -2.905  18.091  1.00 54.67  ? 113 THR A OG1 1 
ATOM   566  C CG2 . THR A 1 80  ? 7.390   -3.754  16.702  1.00 43.10  ? 113 THR A CG2 1 
ATOM   567  N N   . THR A 1 81  ? 8.448   -5.123  19.938  1.00 49.48  ? 114 THR A N   1 
ATOM   568  C CA  . THR A 1 81  ? 7.510   -5.230  21.041  1.00 50.36  ? 114 THR A CA  1 
ATOM   569  C C   . THR A 1 81  ? 6.586   -4.017  21.110  1.00 53.12  ? 114 THR A C   1 
ATOM   570  O O   . THR A 1 81  ? 5.702   -3.946  21.965  1.00 55.26  ? 114 THR A O   1 
ATOM   571  C CB  . THR A 1 81  ? 8.246   -5.358  22.367  1.00 48.29  ? 114 THR A CB  1 
ATOM   572  O OG1 . THR A 1 81  ? 9.323   -4.417  22.383  1.00 53.40  ? 114 THR A OG1 1 
ATOM   573  C CG2 . THR A 1 81  ? 8.815   -6.721  22.499  1.00 48.78  ? 114 THR A CG2 1 
ATOM   574  N N   . GLU A 1 82  ? 6.791   -3.065  20.208  1.00 51.26  ? 115 GLU A N   1 
ATOM   575  C CA  . GLU A 1 82  ? 6.009   -1.835  20.205  1.00 49.33  ? 115 GLU A CA  1 
ATOM   576  C C   . GLU A 1 82  ? 4.602   -2.020  19.622  1.00 52.57  ? 115 GLU A C   1 
ATOM   577  O O   . GLU A 1 82  ? 4.328   -2.981  18.901  1.00 52.33  ? 115 GLU A O   1 
ATOM   578  C CB  . GLU A 1 82  ? 6.751   -0.753  19.430  1.00 49.19  ? 115 GLU A CB  1 
ATOM   579  C CG  . GLU A 1 82  ? 8.175   -0.517  19.904  1.00 53.90  ? 115 GLU A CG  1 
ATOM   580  C CD  . GLU A 1 82  ? 8.375   0.852   20.537  1.00 60.13  ? 115 GLU A CD  1 
ATOM   581  O OE1 . GLU A 1 82  ? 9.498   1.398   20.433  1.00 60.32  ? 115 GLU A OE1 1 
ATOM   582  O OE2 . GLU A 1 82  ? 7.417   1.381   21.146  1.00 65.94  ? 115 GLU A OE2 1 
ATOM   583  N N   . LYS A 1 83  ? 3.711   -1.089  19.946  1.00 48.01  ? 116 LYS A N   1 
ATOM   584  C CA  . LYS A 1 83  ? 2.337   -1.149  19.469  1.00 49.62  ? 116 LYS A CA  1 
ATOM   585  C C   . LYS A 1 83  ? 2.081   -0.019  18.472  1.00 48.10  ? 116 LYS A C   1 
ATOM   586  O O   . LYS A 1 83  ? 2.645   1.062   18.594  1.00 46.26  ? 116 LYS A O   1 
ATOM   587  C CB  . LYS A 1 83  ? 1.366   -1.071  20.646  1.00 54.67  ? 116 LYS A CB  1 
ATOM   588  C CG  . LYS A 1 83  ? 1.614   -2.135  21.724  1.00 55.68  ? 116 LYS A CG  1 
ATOM   589  C CD  . LYS A 1 83  ? 1.036   -3.485  21.324  1.00 61.21  ? 116 LYS A CD  1 
ATOM   590  C CE  . LYS A 1 83  ? 1.434   -4.610  22.285  1.00 67.77  ? 116 LYS A CE  1 
ATOM   591  N NZ  . LYS A 1 83  ? 2.840   -5.101  22.086  1.00 66.88  ? 116 LYS A NZ  1 
ATOM   592  N N   . PHE A 1 84  ? 1.241   -0.266  17.473  1.00 49.89  ? 117 PHE A N   1 
ATOM   593  C CA  . PHE A 1 84  ? 1.035   0.726   16.417  1.00 44.69  ? 117 PHE A CA  1 
ATOM   594  C C   . PHE A 1 84  ? -0.416  1.098   16.236  1.00 45.20  ? 117 PHE A C   1 
ATOM   595  O O   . PHE A 1 84  ? -1.299  0.255   16.394  1.00 49.79  ? 117 PHE A O   1 
ATOM   596  C CB  . PHE A 1 84  ? 1.576   0.214   15.080  1.00 44.08  ? 117 PHE A CB  1 
ATOM   597  C CG  . PHE A 1 84  ? 3.051   -0.059  15.087  1.00 47.23  ? 117 PHE A CG  1 
ATOM   598  C CD1 . PHE A 1 84  ? 3.537   -1.306  15.458  1.00 47.40  ? 117 PHE A CD1 1 
ATOM   599  C CD2 . PHE A 1 84  ? 3.952   0.927   14.723  1.00 42.16  ? 117 PHE A CD2 1 
ATOM   600  C CE1 . PHE A 1 84  ? 4.886   -1.555  15.464  1.00 45.63  ? 117 PHE A CE1 1 
ATOM   601  C CE2 . PHE A 1 84  ? 5.305   0.679   14.731  1.00 43.26  ? 117 PHE A CE2 1 
ATOM   602  C CZ  . PHE A 1 84  ? 5.771   -0.562  15.101  1.00 44.06  ? 117 PHE A CZ  1 
ATOM   603  N N   . LEU A 1 85  ? -0.656  2.359   15.889  1.00 44.78  ? 118 LEU A N   1 
ATOM   604  C CA  . LEU A 1 85  ? -1.947  2.759   15.333  1.00 46.10  ? 118 LEU A CA  1 
ATOM   605  C C   . LEU A 1 85  ? -2.096  2.171   13.936  1.00 41.35  ? 118 LEU A C   1 
ATOM   606  O O   . LEU A 1 85  ? -1.136  2.168   13.170  1.00 42.09  ? 118 LEU A O   1 
ATOM   607  C CB  . LEU A 1 85  ? -2.062  4.272   15.254  1.00 41.25  ? 118 LEU A CB  1 
ATOM   608  C CG  . LEU A 1 85  ? -1.919  5.054   16.547  1.00 46.61  ? 118 LEU A CG  1 
ATOM   609  C CD1 . LEU A 1 85  ? -1.876  6.527   16.199  1.00 42.64  ? 118 LEU A CD1 1 
ATOM   610  C CD2 . LEU A 1 85  ? -3.087  4.749   17.473  1.00 45.58  ? 118 LEU A CD2 1 
ATOM   611  N N   . HIS A 1 86  ? -3.290  1.711   13.584  1.00 38.45  ? 119 HIS A N   1 
ATOM   612  C CA  . HIS A 1 86  ? -3.461  0.984   12.331  1.00 38.62  ? 119 HIS A CA  1 
ATOM   613  C C   . HIS A 1 86  ? -4.834  1.190   11.723  1.00 43.95  ? 119 HIS A C   1 
ATOM   614  O O   . HIS A 1 86  ? -5.730  1.686   12.393  1.00 47.88  ? 119 HIS A O   1 
ATOM   615  C CB  . HIS A 1 86  ? -3.253  -0.497  12.576  1.00 45.37  ? 119 HIS A CB  1 
ATOM   616  C CG  . HIS A 1 86  ? -4.164  -1.050  13.629  1.00 47.76  ? 119 HIS A CG  1 
ATOM   617  N ND1 . HIS A 1 86  ? -5.262  -1.832  13.335  1.00 47.61  ? 119 HIS A ND1 1 
ATOM   618  C CD2 . HIS A 1 86  ? -4.158  -0.904  14.975  1.00 41.53  ? 119 HIS A CD2 1 
ATOM   619  C CE1 . HIS A 1 86  ? -5.878  -2.161  14.455  1.00 46.12  ? 119 HIS A CE1 1 
ATOM   620  N NE2 . HIS A 1 86  ? -5.229  -1.608  15.464  1.00 45.32  ? 119 HIS A NE2 1 
ATOM   621  N N   . PHE A 1 87  ? -5.001  0.799   10.459  1.00 44.07  ? 120 PHE A N   1 
ATOM   622  C CA  . PHE A 1 87  ? -6.335  0.659   9.888   1.00 44.29  ? 120 PHE A CA  1 
ATOM   623  C C   . PHE A 1 87  ? -7.053  -0.501  10.567  1.00 45.41  ? 120 PHE A C   1 
ATOM   624  O O   . PHE A 1 87  ? -6.470  -1.570  10.770  1.00 47.08  ? 120 PHE A O   1 
ATOM   625  C CB  . PHE A 1 87  ? -6.282  0.413   8.374   1.00 44.40  ? 120 PHE A CB  1 
ATOM   626  C CG  . PHE A 1 87  ? -5.792  1.584   7.584   1.00 42.55  ? 120 PHE A CG  1 
ATOM   627  C CD1 . PHE A 1 87  ? -6.641  2.632   7.280   1.00 40.49  ? 120 PHE A CD1 1 
ATOM   628  C CD2 . PHE A 1 87  ? -4.483  1.632   7.137   1.00 42.86  ? 120 PHE A CD2 1 
ATOM   629  C CE1 . PHE A 1 87  ? -6.187  3.708   6.553   1.00 43.45  ? 120 PHE A CE1 1 
ATOM   630  C CE2 . PHE A 1 87  ? -4.017  2.711   6.410   1.00 40.24  ? 120 PHE A CE2 1 
ATOM   631  C CZ  . PHE A 1 87  ? -4.868  3.746   6.114   1.00 43.08  ? 120 PHE A CZ  1 
ATOM   632  N N   . ARG A 1 88  ? -8.318  -0.288  10.911  1.00 47.13  ? 121 ARG A N   1 
ATOM   633  C CA  . ARG A 1 88  ? -9.157  -1.340  11.473  1.00 48.86  ? 121 ARG A CA  1 
ATOM   634  C C   . ARG A 1 88  ? -9.814  -2.137  10.367  1.00 49.84  ? 121 ARG A C   1 
ATOM   635  O O   . ARG A 1 88  ? -10.661 -1.612  9.646   1.00 54.57  ? 121 ARG A O   1 
ATOM   636  C CB  . ARG A 1 88  ? -10.232 -0.743  12.375  1.00 57.06  ? 121 ARG A CB  1 
ATOM   637  C CG  . ARG A 1 88  ? -9.729  0.247   13.406  1.00 63.94  ? 121 ARG A CG  1 
ATOM   638  C CD  . ARG A 1 88  ? -10.880 0.695   14.282  1.00 77.15  ? 121 ARG A CD  1 
ATOM   639  N NE  . ARG A 1 88  ? -11.846 -0.393  14.427  1.00 88.81  ? 121 ARG A NE  1 
ATOM   640  C CZ  . ARG A 1 88  ? -12.998 -0.303  15.084  1.00 94.05  ? 121 ARG A CZ  1 
ATOM   641  N NH1 . ARG A 1 88  ? -13.342 0.841   15.672  1.00 96.81  ? 121 ARG A NH1 1 
ATOM   642  N NH2 . ARG A 1 88  ? -13.803 -1.360  15.151  1.00 94.78  ? 121 ARG A NH2 1 
ATOM   643  N N   . MET A 1 89  ? -9.448  -3.404  10.229  1.00 51.54  ? 122 MET A N   1 
ATOM   644  C CA  . MET A 1 89  ? -9.997  -4.219  9.147   1.00 52.03  ? 122 MET A CA  1 
ATOM   645  C C   . MET A 1 89  ? -11.517 -4.357  9.192   1.00 57.83  ? 122 MET A C   1 
ATOM   646  O O   . MET A 1 89  ? -12.154 -4.624  8.173   1.00 61.24  ? 122 MET A O   1 
ATOM   647  C CB  . MET A 1 89  ? -9.359  -5.594  9.164   1.00 47.72  ? 122 MET A CB  1 
ATOM   648  C CG  . MET A 1 89  ? -7.865  -5.524  9.036   1.00 50.24  ? 122 MET A CG  1 
ATOM   649  S SD  . MET A 1 89  ? -7.376  -4.631  7.552   1.00 61.90  ? 122 MET A SD  1 
ATOM   650  C CE  . MET A 1 89  ? -8.060  -5.716  6.311   1.00 56.95  ? 122 MET A CE  1 
ATOM   651  N N   . ALA A 1 90  ? -12.101 -4.180  10.370  1.00 57.79  ? 123 ALA A N   1 
ATOM   652  C CA  . ALA A 1 90  ? -13.550 -4.189  10.499  1.00 58.00  ? 123 ALA A CA  1 
ATOM   653  C C   . ALA A 1 90  ? -14.170 -3.104  9.627   1.00 58.98  ? 123 ALA A C   1 
ATOM   654  O O   . ALA A 1 90  ? -15.194 -3.325  8.974   1.00 64.13  ? 123 ALA A O   1 
ATOM   655  C CB  . ALA A 1 90  ? -13.946 -3.994  11.944  1.00 59.80  ? 123 ALA A CB  1 
ATOM   656  N N   . ASP A 1 91  ? -13.522 -1.939  9.606   1.00 59.63  ? 124 ASP A N   1 
ATOM   657  C CA  . ASP A 1 91  ? -14.054 -0.743  8.949   1.00 58.88  ? 124 ASP A CA  1 
ATOM   658  C C   . ASP A 1 91  ? -13.851 -0.727  7.442   1.00 60.72  ? 124 ASP A C   1 
ATOM   659  O O   . ASP A 1 91  ? -14.261 0.223   6.772   1.00 61.96  ? 124 ASP A O   1 
ATOM   660  C CB  . ASP A 1 91  ? -13.417 0.520   9.525   1.00 58.58  ? 124 ASP A CB  1 
ATOM   661  C CG  . ASP A 1 91  ? -13.704 0.704   10.998  1.00 69.78  ? 124 ASP A CG  1 
ATOM   662  O OD1 . ASP A 1 91  ? -14.576 -0.014  11.547  1.00 72.14  ? 124 ASP A OD1 1 
ATOM   663  O OD2 . ASP A 1 91  ? -13.056 1.589   11.603  1.00 79.13  ? 124 ASP A OD2 1 
ATOM   664  N N   . VAL A 1 92  ? -13.198 -1.757  6.918   1.00 55.66  ? 125 VAL A N   1 
ATOM   665  C CA  . VAL A 1 92  ? -12.961 -1.868  5.490   1.00 54.86  ? 125 VAL A CA  1 
ATOM   666  C C   . VAL A 1 92  ? -14.262 -1.672  4.711   1.00 59.33  ? 125 VAL A C   1 
ATOM   667  O O   . VAL A 1 92  ? -15.261 -2.334  4.984   1.00 60.08  ? 125 VAL A O   1 
ATOM   668  C CB  . VAL A 1 92  ? -12.313 -3.215  5.164   1.00 50.09  ? 125 VAL A CB  1 
ATOM   669  C CG1 . VAL A 1 92  ? -12.409 -3.494  3.703   1.00 50.08  ? 125 VAL A CG1 1 
ATOM   670  C CG2 . VAL A 1 92  ? -10.867 -3.207  5.617   1.00 52.26  ? 125 VAL A CG2 1 
ATOM   671  N N   . GLN A 1 93  ? -14.245 -0.735  3.765   1.00 55.81  ? 126 GLN A N   1 
ATOM   672  C CA  . GLN A 1 93  ? -15.419 -0.413  2.959   1.00 51.97  ? 126 GLN A CA  1 
ATOM   673  C C   . GLN A 1 93  ? -15.132 -0.635  1.487   1.00 50.89  ? 126 GLN A C   1 
ATOM   674  O O   . GLN A 1 93  ? -13.974 -0.649  1.071   1.00 52.61  ? 126 GLN A O   1 
ATOM   675  C CB  . GLN A 1 93  ? -15.850 1.044   3.165   1.00 57.27  ? 126 GLN A CB  1 
ATOM   676  C CG  . GLN A 1 93  ? -16.402 1.368   4.534   1.00 57.26  ? 126 GLN A CG  1 
ATOM   677  C CD  . GLN A 1 93  ? -17.627 0.551   4.858   1.00 71.53  ? 126 GLN A CD  1 
ATOM   678  O OE1 . GLN A 1 93  ? -18.497 0.353   4.003   1.00 82.86  ? 126 GLN A OE1 1 
ATOM   679  N NE2 . GLN A 1 93  ? -17.695 0.046   6.089   1.00 75.97  ? 126 GLN A NE2 1 
ATOM   680  N N   . THR A 1 94  ? -16.189 -0.792  0.696   1.00 50.35  ? 127 THR A N   1 
ATOM   681  C CA  . THR A 1 94  ? -16.066 -0.783  -0.760  1.00 50.06  ? 127 THR A CA  1 
ATOM   682  C C   . THR A 1 94  ? -16.311 0.611   -1.340  1.00 48.07  ? 127 THR A C   1 
ATOM   683  O O   . THR A 1 94  ? -16.819 1.503   -0.650  1.00 50.65  ? 127 THR A O   1 
ATOM   684  C CB  . THR A 1 94  ? -17.048 -1.744  -1.424  1.00 50.87  ? 127 THR A CB  1 
ATOM   685  O OG1 . THR A 1 94  ? -18.378 -1.425  -1.001  1.00 56.72  ? 127 THR A OG1 1 
ATOM   686  C CG2 . THR A 1 94  ? -16.732 -3.162  -1.056  1.00 43.60  ? 127 THR A CG2 1 
ATOM   687  N N   . VAL A 1 95  ? -15.960 0.789   -2.610  1.00 43.68  ? 128 VAL A N   1 
ATOM   688  C CA  . VAL A 1 95  ? -16.193 2.053   -3.298  1.00 48.14  ? 128 VAL A CA  1 
ATOM   689  C C   . VAL A 1 95  ? -16.807 1.813   -4.669  1.00 47.69  ? 128 VAL A C   1 
ATOM   690  O O   . VAL A 1 95  ? -16.744 0.708   -5.193  1.00 46.72  ? 128 VAL A O   1 
ATOM   691  C CB  . VAL A 1 95  ? -14.905 2.846   -3.436  1.00 50.17  ? 128 VAL A CB  1 
ATOM   692  C CG1 . VAL A 1 95  ? -14.455 3.382   -2.083  1.00 43.26  ? 128 VAL A CG1 1 
ATOM   693  C CG2 . VAL A 1 95  ? -13.830 1.982   -4.083  1.00 47.44  ? 128 VAL A CG2 1 
ATOM   694  N N   . VAL A 1 96  ? -17.389 2.863   -5.248  1.00 49.84  ? 129 VAL A N   1 
ATOM   695  C CA  . VAL A 1 96  ? -18.067 2.773   -6.546  1.00 43.55  ? 129 VAL A CA  1 
ATOM   696  C C   . VAL A 1 96  ? -17.524 3.848   -7.476  1.00 47.86  ? 129 VAL A C   1 
ATOM   697  O O   . VAL A 1 96  ? -17.017 4.873   -7.009  1.00 47.72  ? 129 VAL A O   1 
ATOM   698  C CB  . VAL A 1 96  ? -19.594 2.912   -6.394  1.00 42.75  ? 129 VAL A CB  1 
ATOM   699  C CG1 . VAL A 1 96  ? -20.186 1.668   -5.777  1.00 37.93  ? 129 VAL A CG1 1 
ATOM   700  C CG2 . VAL A 1 96  ? -19.934 4.141   -5.552  1.00 38.54  ? 129 VAL A CG2 1 
ATOM   701  N N   . PRO A 1 97  ? -17.617 3.623   -8.795  1.00 48.41  ? 130 PRO A N   1 
ATOM   702  C CA  . PRO A 1 97  ? -17.151 4.650   -9.731  1.00 44.60  ? 130 PRO A CA  1 
ATOM   703  C C   . PRO A 1 97  ? -17.791 5.998   -9.437  1.00 45.00  ? 130 PRO A C   1 
ATOM   704  O O   . PRO A 1 97  ? -18.981 6.053   -9.146  1.00 47.51  ? 130 PRO A O   1 
ATOM   705  C CB  . PRO A 1 97  ? -17.582 4.100   -11.089 1.00 46.13  ? 130 PRO A CB  1 
ATOM   706  C CG  . PRO A 1 97  ? -17.559 2.610   -10.898 1.00 42.54  ? 130 PRO A CG  1 
ATOM   707  C CD  . PRO A 1 97  ? -17.993 2.373   -9.482  1.00 47.60  ? 130 PRO A CD  1 
ATOM   708  N N   . GLY A 1 98  ? -17.003 7.064   -9.464  1.00 45.52  ? 131 GLY A N   1 
ATOM   709  C CA  . GLY A 1 98  ? -17.527 8.389   -9.194  1.00 39.50  ? 131 GLY A CA  1 
ATOM   710  C C   . GLY A 1 98  ? -17.223 8.821   -7.778  1.00 45.24  ? 131 GLY A C   1 
ATOM   711  O O   . GLY A 1 98  ? -17.168 10.013  -7.473  1.00 48.30  ? 131 GLY A O   1 
ATOM   712  N N   . GLN A 1 99  ? -17.022 7.840   -6.907  1.00 44.98  ? 132 GLN A N   1 
ATOM   713  C CA  . GLN A 1 99  ? -16.737 8.125   -5.514  1.00 41.90  ? 132 GLN A CA  1 
ATOM   714  C C   . GLN A 1 99  ? -15.367 8.759   -5.377  1.00 49.58  ? 132 GLN A C   1 
ATOM   715  O O   . GLN A 1 99  ? -14.460 8.493   -6.165  1.00 55.05  ? 132 GLN A O   1 
ATOM   716  C CB  . GLN A 1 99  ? -16.812 6.858   -4.674  1.00 44.20  ? 132 GLN A CB  1 
ATOM   717  C CG  . GLN A 1 99  ? -16.804 7.106   -3.188  1.00 46.42  ? 132 GLN A CG  1 
ATOM   718  C CD  . GLN A 1 99  ? -17.195 5.887   -2.398  1.00 47.53  ? 132 GLN A CD  1 
ATOM   719  O OE1 . GLN A 1 99  ? -17.754 4.929   -2.939  1.00 48.29  ? 132 GLN A OE1 1 
ATOM   720  N NE2 . GLN A 1 99  ? -16.893 5.906   -1.106  1.00 45.75  ? 132 GLN A NE2 1 
ATOM   721  N N   . GLN A 1 100 ? -15.208 9.606   -4.374  1.00 49.16  ? 133 GLN A N   1 
ATOM   722  C CA  . GLN A 1 100 ? -13.940 10.268  -4.163  1.00 44.38  ? 133 GLN A CA  1 
ATOM   723  C C   . GLN A 1 100 ? -13.069 9.429   -3.233  1.00 49.22  ? 133 GLN A C   1 
ATOM   724  O O   . GLN A 1 100 ? -13.549 8.915   -2.221  1.00 48.63  ? 133 GLN A O   1 
ATOM   725  C CB  . GLN A 1 100 ? -14.175 11.660  -3.604  1.00 46.33  ? 133 GLN A CB  1 
ATOM   726  C CG  . GLN A 1 100 ? -12.927 12.369  -3.202  1.00 54.36  ? 133 GLN A CG  1 
ATOM   727  C CD  . GLN A 1 100 ? -13.217 13.734  -2.622  1.00 63.41  ? 133 GLN A CD  1 
ATOM   728  O OE1 . GLN A 1 100 ? -12.837 14.754  -3.195  1.00 64.85  ? 133 GLN A OE1 1 
ATOM   729  N NE2 . GLN A 1 100 ? -13.886 13.764  -1.471  1.00 63.39  ? 133 GLN A NE2 1 
ATOM   730  N N   . VAL A 1 101 ? -11.791 9.295   -3.583  1.00 46.29  ? 134 VAL A N   1 
ATOM   731  C CA  . VAL A 1 101 ? -10.860 8.468   -2.828  1.00 44.97  ? 134 VAL A CA  1 
ATOM   732  C C   . VAL A 1 101 ? -9.541  9.200   -2.641  1.00 46.97  ? 134 VAL A C   1 
ATOM   733  O O   . VAL A 1 101 ? -9.260  10.174  -3.346  1.00 46.84  ? 134 VAL A O   1 
ATOM   734  C CB  . VAL A 1 101 ? -10.637 7.109   -3.513  1.00 44.16  ? 134 VAL A CB  1 
ATOM   735  C CG1 . VAL A 1 101 ? -11.838 6.209   -3.287  1.00 41.92  ? 134 VAL A CG1 1 
ATOM   736  C CG2 . VAL A 1 101 ? -10.361 7.293   -5.004  1.00 43.67  ? 134 VAL A CG2 1 
ATOM   737  N N   . PHE A 1 102 ? -8.734  8.736   -1.688  1.00 44.38  ? 135 PHE A N   1 
ATOM   738  C CA  . PHE A 1 102 ? -7.464  9.392   -1.367  1.00 46.32  ? 135 PHE A CA  1 
ATOM   739  C C   . PHE A 1 102 ? -6.377  8.350   -1.278  1.00 47.26  ? 135 PHE A C   1 
ATOM   740  O O   . PHE A 1 102 ? -6.517  7.360   -0.562  1.00 50.13  ? 135 PHE A O   1 
ATOM   741  C CB  . PHE A 1 102 ? -7.556  10.174  -0.057  1.00 46.18  ? 135 PHE A CB  1 
ATOM   742  C CG  . PHE A 1 102 ? -8.714  11.123  -0.012  1.00 50.15  ? 135 PHE A CG  1 
ATOM   743  C CD1 . PHE A 1 102 ? -10.006 10.658  0.224   1.00 52.32  ? 135 PHE A CD1 1 
ATOM   744  C CD2 . PHE A 1 102 ? -8.527  12.473  -0.221  1.00 52.66  ? 135 PHE A CD2 1 
ATOM   745  C CE1 . PHE A 1 102 ? -11.083 11.522  0.245   1.00 49.88  ? 135 PHE A CE1 1 
ATOM   746  C CE2 . PHE A 1 102 ? -9.601  13.344  -0.193  1.00 51.28  ? 135 PHE A CE2 1 
ATOM   747  C CZ  . PHE A 1 102 ? -10.878 12.863  0.039   1.00 52.93  ? 135 PHE A CZ  1 
ATOM   748  N N   . ALA A 1 103 ? -5.302  8.565   -2.023  1.00 48.56  ? 136 ALA A N   1 
ATOM   749  C CA  . ALA A 1 103 ? -4.207  7.610   -2.064  1.00 45.43  ? 136 ALA A CA  1 
ATOM   750  C C   . ALA A 1 103 ? -3.007  8.165   -1.311  1.00 43.77  ? 136 ALA A C   1 
ATOM   751  O O   . ALA A 1 103 ? -2.460  9.207   -1.677  1.00 48.62  ? 136 ALA A O   1 
ATOM   752  C CB  . ALA A 1 103 ? -3.843  7.286   -3.497  1.00 41.47  ? 136 ALA A CB  1 
ATOM   753  N N   . PHE A 1 104 ? -2.607  7.466   -0.258  1.00 42.15  ? 137 PHE A N   1 
ATOM   754  C CA  . PHE A 1 104 ? -1.512  7.916   0.602   1.00 43.49  ? 137 PHE A CA  1 
ATOM   755  C C   . PHE A 1 104 ? -0.232  7.134   0.339   1.00 43.29  ? 137 PHE A C   1 
ATOM   756  O O   . PHE A 1 104 ? -0.278  5.990   -0.095  1.00 48.09  ? 137 PHE A O   1 
ATOM   757  C CB  . PHE A 1 104 ? -1.889  7.770   2.078   1.00 45.51  ? 137 PHE A CB  1 
ATOM   758  C CG  . PHE A 1 104 ? -2.916  8.763   2.563   1.00 45.58  ? 137 PHE A CG  1 
ATOM   759  C CD1 . PHE A 1 104 ? -4.264  8.574   2.309   1.00 45.52  ? 137 PHE A CD1 1 
ATOM   760  C CD2 . PHE A 1 104 ? -2.530  9.864   3.306   1.00 43.44  ? 137 PHE A CD2 1 
ATOM   761  C CE1 . PHE A 1 104 ? -5.203  9.478   2.773   1.00 47.25  ? 137 PHE A CE1 1 
ATOM   762  C CE2 . PHE A 1 104 ? -3.466  10.769  3.773   1.00 48.37  ? 137 PHE A CE2 1 
ATOM   763  C CZ  . PHE A 1 104 ? -4.802  10.574  3.508   1.00 47.07  ? 137 PHE A CZ  1 
ATOM   764  N N   . GLY A 1 105 ? 0.911   7.751   0.604   1.00 44.73  ? 138 GLY A N   1 
ATOM   765  C CA  . GLY A 1 105 ? 2.181   7.061   0.502   1.00 44.81  ? 138 GLY A CA  1 
ATOM   766  C C   . GLY A 1 105 ? 3.251   7.808   1.269   1.00 48.06  ? 138 GLY A C   1 
ATOM   767  O O   . GLY A 1 105 ? 2.989   8.886   1.799   1.00 44.78  ? 138 GLY A O   1 
ATOM   768  N N   . ARG A 1 106 ? 4.451   7.237   1.338   1.00 47.59  ? 139 ARG A N   1 
ATOM   769  C CA  . ARG A 1 106 ? 5.597   7.960   1.871   1.00 47.91  ? 139 ARG A CA  1 
ATOM   770  C C   . ARG A 1 106 ? 6.713   7.936   0.833   1.00 46.69  ? 139 ARG A C   1 
ATOM   771  O O   . ARG A 1 106 ? 6.950   6.918   0.190   1.00 51.03  ? 139 ARG A O   1 
ATOM   772  C CB  . ARG A 1 106 ? 6.060   7.374   3.214   1.00 39.97  ? 139 ARG A CB  1 
ATOM   773  C CG  . ARG A 1 106 ? 4.948   7.339   4.262   1.00 48.09  ? 139 ARG A CG  1 
ATOM   774  C CD  . ARG A 1 106 ? 5.430   7.490   5.714   1.00 47.57  ? 139 ARG A CD  1 
ATOM   775  N NE  . ARG A 1 106 ? 5.360   8.867   6.194   1.00 50.45  ? 139 ARG A NE  1 
ATOM   776  C CZ  . ARG A 1 106 ? 4.367   9.373   6.923   1.00 47.80  ? 139 ARG A CZ  1 
ATOM   777  N NH1 . ARG A 1 106 ? 3.338   8.622   7.271   1.00 44.09  ? 139 ARG A NH1 1 
ATOM   778  N NH2 . ARG A 1 106 ? 4.405   10.646  7.307   1.00 52.36  ? 139 ARG A NH2 1 
ATOM   779  N N   . ASN A 1 107 ? 7.392   9.064   0.658   1.00 47.85  ? 140 ASN A N   1 
ATOM   780  C CA  . ASN A 1 107 ? 8.451   9.126   -0.335  1.00 55.74  ? 140 ASN A CA  1 
ATOM   781  C C   . ASN A 1 107 ? 9.769   8.556   0.192   1.00 56.89  ? 140 ASN A C   1 
ATOM   782  O O   . ASN A 1 107 ? 9.856   8.031   1.311   1.00 54.42  ? 140 ASN A O   1 
ATOM   783  C CB  . ASN A 1 107 ? 8.653   10.566  -0.835  1.00 55.05  ? 140 ASN A CB  1 
ATOM   784  C CG  . ASN A 1 107 ? 9.112   11.522  0.255   1.00 56.11  ? 140 ASN A CG  1 
ATOM   785  O OD1 . ASN A 1 107 ? 9.663   11.118  1.278   1.00 58.98  ? 140 ASN A OD1 1 
ATOM   786  N ND2 . ASN A 1 107 ? 8.889   12.807  0.031   1.00 55.19  ? 140 ASN A ND2 1 
ATOM   787  N N   . MET A 1 108 ? 10.797  8.679   -0.634  1.00 61.96  ? 141 MET A N   1 
ATOM   788  C CA  . MET A 1 108 ? 12.117  8.131   -0.352  1.00 62.56  ? 141 MET A CA  1 
ATOM   789  C C   . MET A 1 108 ? 12.751  8.736   0.905   1.00 59.05  ? 141 MET A C   1 
ATOM   790  O O   . MET A 1 108 ? 13.721  8.200   1.439   1.00 59.73  ? 141 MET A O   1 
ATOM   791  C CB  . MET A 1 108 ? 13.013  8.365   -1.560  1.00 67.73  ? 141 MET A CB  1 
ATOM   792  C CG  . MET A 1 108 ? 14.314  7.626   -1.532  1.00 80.94  ? 141 MET A CG  1 
ATOM   793  S SD  . MET A 1 108 ? 14.259  6.165   -2.581  1.00 105.51 ? 141 MET A SD  1 
ATOM   794  C CE  . MET A 1 108 ? 14.545  6.873   -4.202  1.00 85.05  ? 141 MET A CE  1 
ATOM   795  N N   . ALA A 1 109 ? 12.196  9.850   1.369   1.00 54.77  ? 142 ALA A N   1 
ATOM   796  C CA  . ALA A 1 109 ? 12.695  10.534  2.564   1.00 50.94  ? 142 ALA A CA  1 
ATOM   797  C C   . ALA A 1 109 ? 11.813  10.307  3.772   1.00 54.60  ? 142 ALA A C   1 
ATOM   798  O O   . ALA A 1 109 ? 12.131  10.768  4.867   1.00 56.33  ? 142 ALA A O   1 
ATOM   799  C CB  . ALA A 1 109 ? 12.811  12.019  2.312   1.00 47.43  ? 142 ALA A CB  1 
ATOM   800  N N   . GLY A 1 110 ? 10.680  9.642   3.571   1.00 56.14  ? 143 GLY A N   1 
ATOM   801  C CA  . GLY A 1 110 ? 9.770   9.366   4.665   1.00 51.45  ? 143 GLY A CA  1 
ATOM   802  C C   . GLY A 1 110 ? 8.717   10.422  4.891   1.00 52.26  ? 143 GLY A C   1 
ATOM   803  O O   . GLY A 1 110 ? 7.995   10.393  5.896   1.00 54.45  ? 143 GLY A O   1 
ATOM   804  N N   . ALA A 1 111 ? 8.620   11.359  3.956   1.00 52.65  ? 144 ALA A N   1 
ATOM   805  C CA  . ALA A 1 111 ? 7.559   12.361  3.999   1.00 49.41  ? 144 ALA A CA  1 
ATOM   806  C C   . ALA A 1 111 ? 6.236   11.784  3.462   1.00 51.57  ? 144 ALA A C   1 
ATOM   807  O O   . ALA A 1 111 ? 6.243   10.911  2.596   1.00 51.89  ? 144 ALA A O   1 
ATOM   808  C CB  . ALA A 1 111 ? 7.968   13.570  3.214   1.00 48.66  ? 144 ALA A CB  1 
ATOM   809  N N   . PRO A 1 112 ? 5.094   12.266  3.974   1.00 51.07  ? 145 PRO A N   1 
ATOM   810  C CA  . PRO A 1 112 ? 3.779   11.776  3.536   1.00 49.90  ? 145 PRO A CA  1 
ATOM   811  C C   . PRO A 1 112 ? 3.306   12.289  2.172   1.00 53.46  ? 145 PRO A C   1 
ATOM   812  O O   . PRO A 1 112 ? 3.380   13.483  1.906   1.00 57.90  ? 145 PRO A O   1 
ATOM   813  C CB  . PRO A 1 112 ? 2.846   12.282  4.634   1.00 47.70  ? 145 PRO A CB  1 
ATOM   814  C CG  . PRO A 1 112 ? 3.515   13.485  5.155   1.00 48.97  ? 145 PRO A CG  1 
ATOM   815  C CD  . PRO A 1 112 ? 4.982   13.189  5.116   1.00 49.96  ? 145 PRO A CD  1 
ATOM   816  N N   . LEU A 1 113 ? 2.811   11.379  1.333   1.00 54.29  ? 146 LEU A N   1 
ATOM   817  C CA  . LEU A 1 113 ? 2.214   11.709  0.042   1.00 48.72  ? 146 LEU A CA  1 
ATOM   818  C C   . LEU A 1 113 ? 0.720   11.500  0.058   1.00 50.37  ? 146 LEU A C   1 
ATOM   819  O O   . LEU A 1 113 ? 0.252   10.414  0.370   1.00 52.47  ? 146 LEU A O   1 
ATOM   820  C CB  . LEU A 1 113 ? 2.783   10.837  -1.064  1.00 46.29  ? 146 LEU A CB  1 
ATOM   821  C CG  . LEU A 1 113 ? 4.283   10.827  -1.271  1.00 55.24  ? 146 LEU A CG  1 
ATOM   822  C CD1 . LEU A 1 113 ? 4.636   9.784   -2.337  1.00 50.96  ? 146 LEU A CD1 1 
ATOM   823  C CD2 . LEU A 1 113 ? 4.739   12.227  -1.653  1.00 57.89  ? 146 LEU A CD2 1 
ATOM   824  N N   . VAL A 1 114 ? -0.045  12.505  -0.319  1.00 49.03  ? 147 VAL A N   1 
ATOM   825  C CA  . VAL A 1 114 ? -1.455  12.249  -0.508  1.00 51.01  ? 147 VAL A CA  1 
ATOM   826  C C   . VAL A 1 114 ? -1.928  12.855  -1.821  1.00 52.46  ? 147 VAL A C   1 
ATOM   827  O O   . VAL A 1 114 ? -1.440  13.896  -2.265  1.00 55.45  ? 147 VAL A O   1 
ATOM   828  C CB  . VAL A 1 114 ? -2.274  12.767  0.684   1.00 49.76  ? 147 VAL A CB  1 
ATOM   829  C CG1 . VAL A 1 114 ? -2.188  14.276  0.785   1.00 57.33  ? 147 VAL A CG1 1 
ATOM   830  C CG2 . VAL A 1 114 ? -3.704  12.315  0.551   1.00 44.00  ? 147 VAL A CG2 1 
ATOM   831  N N   . ARG A 1 115 ? -2.868  12.180  -2.459  1.00 49.65  ? 148 ARG A N   1 
ATOM   832  C CA  . ARG A 1 115 ? -3.500  12.738  -3.636  1.00 47.69  ? 148 ARG A CA  1 
ATOM   833  C C   . ARG A 1 115 ? -4.951  12.306  -3.671  1.00 51.02  ? 148 ARG A C   1 
ATOM   834  O O   . ARG A 1 115 ? -5.288  11.173  -3.326  1.00 54.39  ? 148 ARG A O   1 
ATOM   835  C CB  . ARG A 1 115 ? -2.778  12.301  -4.897  1.00 55.50  ? 148 ARG A CB  1 
ATOM   836  C CG  . ARG A 1 115 ? -3.314  12.940  -6.137  1.00 57.57  ? 148 ARG A CG  1 
ATOM   837  C CD  . ARG A 1 115 ? -2.578  14.213  -6.445  1.00 62.09  ? 148 ARG A CD  1 
ATOM   838  N NE  . ARG A 1 115 ? -2.011  14.139  -7.790  1.00 72.61  ? 148 ARG A NE  1 
ATOM   839  C CZ  . ARG A 1 115 ? -0.860  14.702  -8.146  1.00 72.17  ? 148 ARG A CZ  1 
ATOM   840  N NH1 . ARG A 1 115 ? -0.144  15.384  -7.254  1.00 68.32  ? 148 ARG A NH1 1 
ATOM   841  N NH2 . ARG A 1 115 ? -0.424  14.578  -9.395  1.00 71.32  ? 148 ARG A NH2 1 
ATOM   842  N N   . GLN A 1 116 ? -5.813  13.225  -4.079  1.00 52.44  ? 149 GLN A N   1 
ATOM   843  C CA  . GLN A 1 116 ? -7.245  12.979  -4.146  1.00 51.20  ? 149 GLN A CA  1 
ATOM   844  C C   . GLN A 1 116 ? -7.651  12.602  -5.578  1.00 51.37  ? 149 GLN A C   1 
ATOM   845  O O   . GLN A 1 116 ? -6.956  12.934  -6.528  1.00 55.01  ? 149 GLN A O   1 
ATOM   846  C CB  . GLN A 1 116 ? -7.985  14.226  -3.667  1.00 55.19  ? 149 GLN A CB  1 
ATOM   847  C CG  . GLN A 1 116 ? -9.486  14.149  -3.721  1.00 65.19  ? 149 GLN A CG  1 
ATOM   848  C CD  . GLN A 1 116 ? -10.107 15.412  -4.287  1.00 77.33  ? 149 GLN A CD  1 
ATOM   849  O OE1 . GLN A 1 116 ? -9.936  16.506  -3.730  1.00 74.06  ? 149 GLN A OE1 1 
ATOM   850  N NE2 . GLN A 1 116 ? -10.835 15.271  -5.409  1.00 80.34  ? 149 GLN A NE2 1 
ATOM   851  N N   . GLY A 1 117 ? -8.761  11.895  -5.742  1.00 50.47  ? 150 GLY A N   1 
ATOM   852  C CA  . GLY A 1 117 ? -9.227  11.535  -7.068  1.00 49.74  ? 150 GLY A CA  1 
ATOM   853  C C   . GLY A 1 117 ? -10.553 10.794  -7.075  1.00 49.20  ? 150 GLY A C   1 
ATOM   854  O O   . GLY A 1 117 ? -11.109 10.491  -6.026  1.00 49.24  ? 150 GLY A O   1 
ATOM   855  N N   . LEU A 1 118 ? -11.070 10.505  -8.261  1.00 49.30  ? 151 LEU A N   1 
ATOM   856  C CA  . LEU A 1 118 ? -12.301 9.737   -8.352  1.00 51.46  ? 151 LEU A CA  1 
ATOM   857  C C   . LEU A 1 118 ? -12.002 8.287   -8.717  1.00 52.75  ? 151 LEU A C   1 
ATOM   858  O O   . LEU A 1 118 ? -11.011 7.992   -9.391  1.00 52.69  ? 151 LEU A O   1 
ATOM   859  C CB  . LEU A 1 118 ? -13.253 10.357  -9.386  1.00 48.74  ? 151 LEU A CB  1 
ATOM   860  C CG  . LEU A 1 118 ? -13.715 11.797  -9.131  1.00 53.88  ? 151 LEU A CG  1 
ATOM   861  C CD1 . LEU A 1 118 ? -14.615 12.307  -10.263 1.00 44.49  ? 151 LEU A CD1 1 
ATOM   862  C CD2 . LEU A 1 118 ? -14.419 11.903  -7.783  1.00 46.95  ? 151 LEU A CD2 1 
ATOM   863  N N   . VAL A 1 119 ? -12.857 7.381   -8.262  1.00 49.00  ? 152 VAL A N   1 
ATOM   864  C CA  . VAL A 1 119 ? -12.828 6.013   -8.747  1.00 46.68  ? 152 VAL A CA  1 
ATOM   865  C C   . VAL A 1 119 ? -13.346 6.011   -10.181 1.00 51.90  ? 152 VAL A C   1 
ATOM   866  O O   . VAL A 1 119 ? -14.486 6.401   -10.431 1.00 56.46  ? 152 VAL A O   1 
ATOM   867  C CB  . VAL A 1 119 ? -13.656 5.086   -7.859  1.00 43.04  ? 152 VAL A CB  1 
ATOM   868  C CG1 . VAL A 1 119 ? -13.710 3.701   -8.463  1.00 45.28  ? 152 VAL A CG1 1 
ATOM   869  C CG2 . VAL A 1 119 ? -13.086 5.054   -6.467  1.00 42.11  ? 152 VAL A CG2 1 
ATOM   870  N N   . GLN A 1 120 ? -12.509 5.581   -11.121 1.00 57.16  ? 153 GLN A N   1 
ATOM   871  C CA  . GLN A 1 120 ? -12.881 5.583   -12.532 1.00 53.21  ? 153 GLN A CA  1 
ATOM   872  C C   . GLN A 1 120 ? -13.421 4.228   -12.988 1.00 58.84  ? 153 GLN A C   1 
ATOM   873  O O   . GLN A 1 120 ? -14.269 4.168   -13.873 1.00 63.23  ? 153 GLN A O   1 
ATOM   874  C CB  . GLN A 1 120 ? -11.693 5.996   -13.409 1.00 50.12  ? 153 GLN A CB  1 
ATOM   875  C CG  . GLN A 1 120 ? -11.155 7.399   -13.139 1.00 51.60  ? 153 GLN A CG  1 
ATOM   876  C CD  . GLN A 1 120 ? -12.122 8.529   -13.542 1.00 61.13  ? 153 GLN A CD  1 
ATOM   877  O OE1 . GLN A 1 120 ? -13.319 8.321   -13.763 1.00 63.31  ? 153 GLN A OE1 1 
ATOM   878  N NE2 . GLN A 1 120 ? -11.590 9.735   -13.634 1.00 61.77  ? 153 GLN A NE2 1 
ATOM   879  N N   . SER A 1 121 ? -12.945 3.140   -12.391 1.00 58.56  ? 154 SER A N   1 
ATOM   880  C CA  . SER A 1 121 ? -13.452 1.809   -12.729 1.00 54.67  ? 154 SER A CA  1 
ATOM   881  C C   . SER A 1 121 ? -13.452 0.938   -11.500 1.00 55.43  ? 154 SER A C   1 
ATOM   882  O O   . SER A 1 121 ? -12.630 1.139   -10.604 1.00 58.37  ? 154 SER A O   1 
ATOM   883  C CB  . SER A 1 121 ? -12.608 1.146   -13.820 1.00 57.35  ? 154 SER A CB  1 
ATOM   884  O OG  . SER A 1 121 ? -12.841 -0.255  -13.846 1.00 55.86  ? 154 SER A OG  1 
ATOM   885  N N   . ALA A 1 122 ? -14.353 -0.036  -11.449 1.00 53.43  ? 155 ALA A N   1 
ATOM   886  C CA  . ALA A 1 122 ? -14.348 -0.987  -10.336 1.00 55.09  ? 155 ALA A CA  1 
ATOM   887  C C   . ALA A 1 122 ? -14.073 -2.400  -10.849 1.00 60.82  ? 155 ALA A C   1 
ATOM   888  O O   . ALA A 1 122 ? -14.223 -3.386  -10.116 1.00 60.15  ? 155 ALA A O   1 
ATOM   889  C CB  . ALA A 1 122 ? -15.662 -0.940  -9.565  1.00 49.67  ? 155 ALA A CB  1 
ATOM   890  N N   . ASP A 1 123 ? -13.675 -2.486  -12.118 1.00 61.04  ? 156 ASP A N   1 
ATOM   891  C CA  . ASP A 1 123 ? -13.256 -3.757  -12.700 1.00 67.45  ? 156 ASP A CA  1 
ATOM   892  C C   . ASP A 1 123 ? -12.297 -3.533  -13.868 1.00 68.67  ? 156 ASP A C   1 
ATOM   893  O O   . ASP A 1 123 ? -12.708 -3.300  -15.009 1.00 73.77  ? 156 ASP A O   1 
ATOM   894  C CB  . ASP A 1 123 ? -14.463 -4.575  -13.153 1.00 72.02  ? 156 ASP A CB  1 
ATOM   895  C CG  . ASP A 1 123 ? -14.199 -6.065  -13.098 1.00 79.25  ? 156 ASP A CG  1 
ATOM   896  O OD1 . ASP A 1 123 ? -13.102 -6.488  -13.529 1.00 77.93  ? 156 ASP A OD1 1 
ATOM   897  O OD2 . ASP A 1 123 ? -15.077 -6.806  -12.604 1.00 84.10  ? 156 ASP A OD2 1 
ATOM   898  N N   . ALA A 1 124 ? -11.011 -3.584  -13.549 1.00 66.21  ? 157 ALA A N   1 
ATOM   899  C CA  . ALA A 1 124 ? -9.953  -3.484  -14.536 1.00 66.71  ? 157 ALA A CA  1 
ATOM   900  C C   . ALA A 1 124 ? -8.984  -4.624  -14.271 1.00 68.42  ? 157 ALA A C   1 
ATOM   901  O O   . ALA A 1 124 ? -8.838  -5.058  -13.122 1.00 64.51  ? 157 ALA A O   1 
ATOM   902  C CB  . ALA A 1 124 ? -9.247  -2.128  -14.459 1.00 53.70  ? 157 ALA A CB  1 
ATOM   903  N N   . PRO A 1 125 ? -8.346  -5.139  -15.334 1.00 69.82  ? 158 PRO A N   1 
ATOM   904  C CA  . PRO A 1 125 ? -7.274  -6.122  -15.175 1.00 67.80  ? 158 PRO A CA  1 
ATOM   905  C C   . PRO A 1 125 ? -5.908  -5.445  -15.151 1.00 60.48  ? 158 PRO A C   1 
ATOM   906  O O   . PRO A 1 125 ? -5.796  -4.331  -15.656 1.00 61.57  ? 158 PRO A O   1 
ATOM   907  C CB  . PRO A 1 125 ? -7.431  -6.995  -16.418 1.00 67.15  ? 158 PRO A CB  1 
ATOM   908  C CG  . PRO A 1 125 ? -7.862  -6.018  -17.459 1.00 63.85  ? 158 PRO A CG  1 
ATOM   909  C CD  . PRO A 1 125 ? -8.733  -4.988  -16.748 1.00 66.41  ? 158 PRO A CD  1 
ATOM   910  N N   . LEU A 1 126 ? -4.899  -6.097  -14.584 1.00 59.26  ? 159 LEU A N   1 
ATOM   911  C CA  . LEU A 1 126 ? -3.533  -5.581  -14.654 1.00 60.60  ? 159 LEU A CA  1 
ATOM   912  C C   . LEU A 1 126 ? -2.526  -6.722  -14.700 1.00 67.71  ? 159 LEU A C   1 
ATOM   913  O O   . LEU A 1 126 ? -2.726  -7.783  -14.097 1.00 67.95  ? 159 LEU A O   1 
ATOM   914  C CB  . LEU A 1 126 ? -3.223  -4.672  -13.466 1.00 61.34  ? 159 LEU A CB  1 
ATOM   915  C CG  . LEU A 1 126 ? -1.834  -4.039  -13.373 1.00 58.27  ? 159 LEU A CG  1 
ATOM   916  C CD1 . LEU A 1 126 ? -1.696  -2.985  -14.437 1.00 59.59  ? 159 LEU A CD1 1 
ATOM   917  C CD2 . LEU A 1 126 ? -1.581  -3.458  -11.996 1.00 48.53  ? 159 LEU A CD2 1 
ATOM   918  N N   . ALA A 1 127 ? -1.439  -6.490  -15.425 1.00 69.43  ? 160 ALA A N   1 
ATOM   919  C CA  . ALA A 1 127 ? -0.363  -7.460  -15.514 1.00 67.49  ? 160 ALA A CA  1 
ATOM   920  C C   . ALA A 1 127 ? 0.852   -6.969  -14.749 1.00 64.73  ? 160 ALA A C   1 
ATOM   921  O O   . ALA A 1 127 ? 1.471   -5.962  -15.099 1.00 66.54  ? 160 ALA A O   1 
ATOM   922  C CB  . ALA A 1 127 ? -0.005  -7.720  -16.957 1.00 75.38  ? 160 ALA A CB  1 
ATOM   923  N N   . VAL A 1 128 ? 1.168   -7.681  -13.680 1.00 64.48  ? 161 VAL A N   1 
ATOM   924  C CA  . VAL A 1 128 ? 2.391   -7.439  -12.937 1.00 68.48  ? 161 VAL A CA  1 
ATOM   925  C C   . VAL A 1 128 ? 3.291   -8.625  -13.223 1.00 73.02  ? 161 VAL A C   1 
ATOM   926  O O   . VAL A 1 128 ? 3.025   -9.728  -12.745 1.00 72.92  ? 161 VAL A O   1 
ATOM   927  C CB  . VAL A 1 128 ? 2.129   -7.284  -11.431 1.00 67.58  ? 161 VAL A CB  1 
ATOM   928  C CG1 . VAL A 1 128 ? 3.371   -6.768  -10.732 1.00 63.25  ? 161 VAL A CG1 1 
ATOM   929  C CG2 . VAL A 1 128 ? 0.938   -6.358  -11.180 1.00 66.14  ? 161 VAL A CG2 1 
ATOM   930  N N   . GLY A 1 129 ? 4.335   -8.409  -14.021 1.00 73.88  ? 162 GLY A N   1 
ATOM   931  C CA  . GLY A 1 129 ? 5.141   -9.511  -14.515 1.00 67.95  ? 162 GLY A CA  1 
ATOM   932  C C   . GLY A 1 129 ? 4.297   -10.595 -15.175 1.00 73.90  ? 162 GLY A C   1 
ATOM   933  O O   . GLY A 1 129 ? 3.629   -10.356 -16.183 1.00 77.75  ? 162 GLY A O   1 
ATOM   934  N N   . ALA A 1 130 ? 4.301   -11.785 -14.584 1.00 75.43  ? 163 ALA A N   1 
ATOM   935  C CA  . ALA A 1 130 ? 3.617   -12.934 -15.162 1.00 71.42  ? 163 ALA A CA  1 
ATOM   936  C C   . ALA A 1 130 ? 2.180   -13.086 -14.673 1.00 76.03  ? 163 ALA A C   1 
ATOM   937  O O   . ALA A 1 130 ? 1.387   -13.811 -15.278 1.00 77.01  ? 163 ALA A O   1 
ATOM   938  C CB  . ALA A 1 130 ? 4.396   -14.195 -14.865 1.00 74.95  ? 163 ALA A CB  1 
ATOM   939  N N   . THR A 1 131 ? 1.839   -12.412 -13.579 1.00 78.00  ? 164 THR A N   1 
ATOM   940  C CA  . THR A 1 131 ? 0.498   -12.542 -13.014 1.00 73.67  ? 164 THR A CA  1 
ATOM   941  C C   . THR A 1 131 ? -0.516  -11.630 -13.704 1.00 73.14  ? 164 THR A C   1 
ATOM   942  O O   . THR A 1 131 ? -0.273  -10.438 -13.918 1.00 74.63  ? 164 THR A O   1 
ATOM   943  C CB  . THR A 1 131 ? 0.489   -12.246 -11.496 1.00 69.02  ? 164 THR A CB  1 
ATOM   944  O OG1 . THR A 1 131 ? 1.325   -13.191 -10.818 1.00 79.90  ? 164 THR A OG1 1 
ATOM   945  C CG2 . THR A 1 131 ? -0.921  -12.357 -10.932 1.00 69.67  ? 164 THR A CG2 1 
ATOM   946  N N   . GLN A 1 132 ? -1.653  -12.212 -14.062 1.00 71.78  ? 165 GLN A N   1 
ATOM   947  C CA  . GLN A 1 132 ? -2.786  -11.444 -14.538 1.00 73.49  ? 165 GLN A CA  1 
ATOM   948  C C   . GLN A 1 132 ? -3.760  -11.193 -13.399 1.00 73.31  ? 165 GLN A C   1 
ATOM   949  O O   . GLN A 1 132 ? -4.577  -12.061 -13.070 1.00 70.83  ? 165 GLN A O   1 
ATOM   950  C CB  . GLN A 1 132 ? -3.492  -12.178 -15.676 1.00 78.48  ? 165 GLN A CB  1 
ATOM   951  C CG  . GLN A 1 132 ? -2.564  -12.650 -16.779 1.00 84.19  ? 165 GLN A CG  1 
ATOM   952  C CD  . GLN A 1 132 ? -2.077  -11.522 -17.672 1.00 93.21  ? 165 GLN A CD  1 
ATOM   953  O OE1 . GLN A 1 132 ? -2.158  -10.343 -17.315 1.00 94.97  ? 165 GLN A OE1 1 
ATOM   954  N NE2 . GLN A 1 132 ? -1.574  -11.881 -18.849 1.00 100.71 ? 165 GLN A NE2 1 
ATOM   955  N N   . ILE A 1 133 ? -3.677  -10.015 -12.791 1.00 65.62  ? 166 ILE A N   1 
ATOM   956  C CA  . ILE A 1 133 ? -4.618  -9.680  -11.738 1.00 67.11  ? 166 ILE A CA  1 
ATOM   957  C C   . ILE A 1 133 ? -5.884  -9.130  -12.354 1.00 64.00  ? 166 ILE A C   1 
ATOM   958  O O   . ILE A 1 133 ? -5.839  -8.351  -13.299 1.00 64.68  ? 166 ILE A O   1 
ATOM   959  C CB  . ILE A 1 133 ? -4.037  -8.683  -10.752 1.00 66.29  ? 166 ILE A CB  1 
ATOM   960  C CG1 . ILE A 1 133 ? -2.571  -8.998  -10.468 1.00 64.44  ? 166 ILE A CG1 1 
ATOM   961  C CG2 . ILE A 1 133 ? -4.868  -8.677  -9.473  1.00 62.35  ? 166 ILE A CG2 1 
ATOM   962  C CD1 . ILE A 1 133 ? -1.907  -7.924  -9.655  1.00 61.20  ? 166 ILE A CD1 1 
ATOM   963  N N   . THR A 1 134 ? -7.020  -9.529  -11.808 1.00 64.99  ? 167 THR A N   1 
ATOM   964  C CA  . THR A 1 134 ? -8.294  -9.080  -12.335 1.00 69.80  ? 167 THR A CA  1 
ATOM   965  C C   . THR A 1 134 ? -9.159  -8.403  -11.276 1.00 68.28  ? 167 THR A C   1 
ATOM   966  O O   . THR A 1 134 ? -8.894  -8.521  -10.076 1.00 67.23  ? 167 THR A O   1 
ATOM   967  C CB  . THR A 1 134 ? -9.069  -10.252 -12.930 1.00 75.15  ? 167 THR A CB  1 
ATOM   968  O OG1 . THR A 1 134 ? -9.257  -11.254 -11.918 1.00 74.21  ? 167 THR A OG1 1 
ATOM   969  C CG2 . THR A 1 134 ? -8.289  -10.846 -14.091 1.00 70.95  ? 167 THR A CG2 1 
ATOM   970  N N   . HIS A 1 135 ? -10.192 -7.702  -11.740 1.00 68.23  ? 168 HIS A N   1 
ATOM   971  C CA  . HIS A 1 135 ? -11.181 -7.059  -10.873 1.00 65.26  ? 168 HIS A CA  1 
ATOM   972  C C   . HIS A 1 135 ? -10.533 -6.044  -9.958  1.00 57.50  ? 168 HIS A C   1 
ATOM   973  O O   . HIS A 1 135 ? -10.788 -6.015  -8.763  1.00 53.84  ? 168 HIS A O   1 
ATOM   974  C CB  . HIS A 1 135 ? -11.939 -8.104  -10.053 1.00 66.81  ? 168 HIS A CB  1 
ATOM   975  C CG  . HIS A 1 135 ? -12.594 -9.163  -10.886 1.00 79.54  ? 168 HIS A CG  1 
ATOM   976  N ND1 . HIS A 1 135 ? -13.792 -8.963  -11.543 1.00 84.17  ? 168 HIS A ND1 1 
ATOM   977  C CD2 . HIS A 1 135 ? -12.217 -10.433 -11.174 1.00 79.73  ? 168 HIS A CD2 1 
ATOM   978  C CE1 . HIS A 1 135 ? -14.124 -10.062 -12.196 1.00 85.37  ? 168 HIS A CE1 1 
ATOM   979  N NE2 . HIS A 1 135 ? -13.185 -10.969 -11.987 1.00 86.55  ? 168 HIS A NE2 1 
ATOM   980  N N   . LEU A 1 136 ? -9.676  -5.221  -10.539 1.00 61.11  ? 169 LEU A N   1 
ATOM   981  C CA  . LEU A 1 136 ? -9.016  -4.161  -9.804  1.00 58.58  ? 169 LEU A CA  1 
ATOM   982  C C   . LEU A 1 136 ? -9.819  -2.880  -9.898  1.00 53.96  ? 169 LEU A C   1 
ATOM   983  O O   . LEU A 1 136 ? -10.580 -2.689  -10.833 1.00 54.60  ? 169 LEU A O   1 
ATOM   984  C CB  . LEU A 1 136 ? -7.609  -3.926  -10.344 1.00 51.28  ? 169 LEU A CB  1 
ATOM   985  C CG  . LEU A 1 136 ? -6.664  -5.104  -10.210 1.00 50.77  ? 169 LEU A CG  1 
ATOM   986  C CD1 . LEU A 1 136 ? -5.371  -4.752  -10.873 1.00 49.69  ? 169 LEU A CD1 1 
ATOM   987  C CD2 . LEU A 1 136 ? -6.442  -5.424  -8.754  1.00 50.88  ? 169 LEU A CD2 1 
ATOM   988  N N   . LEU A 1 137 ? -9.656  -2.003  -8.921  1.00 51.94  ? 170 LEU A N   1 
ATOM   989  C CA  . LEU A 1 137 ? -10.184 -0.662  -9.053  1.00 49.29  ? 170 LEU A CA  1 
ATOM   990  C C   . LEU A 1 137 ? -9.243  0.158   -9.913  1.00 51.25  ? 170 LEU A C   1 
ATOM   991  O O   . LEU A 1 137 ? -8.124  -0.256  -10.222 1.00 51.88  ? 170 LEU A O   1 
ATOM   992  C CB  . LEU A 1 137 ? -10.352 -0.005  -7.695  1.00 49.49  ? 170 LEU A CB  1 
ATOM   993  C CG  . LEU A 1 137 ? -11.270 -0.716  -6.709  1.00 52.41  ? 170 LEU A CG  1 
ATOM   994  C CD1 . LEU A 1 137 ? -11.145 -0.065  -5.338  1.00 48.75  ? 170 LEU A CD1 1 
ATOM   995  C CD2 . LEU A 1 137 ? -12.693 -0.647  -7.217  1.00 50.83  ? 170 LEU A CD2 1 
ATOM   996  N N   . ARG A 1 138 ? -9.689  1.338   -10.292 1.00 52.28  ? 171 ARG A N   1 
ATOM   997  C CA  . ARG A 1 138 ? -8.861  2.197   -11.100 1.00 46.32  ? 171 ARG A CA  1 
ATOM   998  C C   . ARG A 1 138 ? -9.192  3.646   -10.817 1.00 51.99  ? 171 ARG A C   1 
ATOM   999  O O   . ARG A 1 138 ? -10.346 4.052   -10.840 1.00 51.79  ? 171 ARG A O   1 
ATOM   1000 C CB  . ARG A 1 138 ? -9.063  1.871   -12.553 1.00 51.35  ? 171 ARG A CB  1 
ATOM   1001 C CG  . ARG A 1 138 ? -8.256  2.713   -13.428 1.00 60.90  ? 171 ARG A CG  1 
ATOM   1002 C CD  . ARG A 1 138 ? -7.932  1.951   -14.654 1.00 61.55  ? 171 ARG A CD  1 
ATOM   1003 N NE  . ARG A 1 138 ? -6.944  2.678   -15.419 1.00 66.80  ? 171 ARG A NE  1 
ATOM   1004 C CZ  . ARG A 1 138 ? -6.591  2.335   -16.641 1.00 72.28  ? 171 ARG A CZ  1 
ATOM   1005 N NH1 . ARG A 1 138 ? -5.678  3.048   -17.288 1.00 73.01  ? 171 ARG A NH1 1 
ATOM   1006 N NH2 . ARG A 1 138 ? -7.166  1.274   -17.209 1.00 72.74  ? 171 ARG A NH2 1 
ATOM   1007 N N   . SER A 1 139 ? -8.168  4.430   -10.541 1.00 52.38  ? 172 SER A N   1 
ATOM   1008 C CA  . SER A 1 139 ? -8.393  5.765   -10.044 1.00 51.86  ? 172 SER A CA  1 
ATOM   1009 C C   . SER A 1 139 ? -7.203  6.663   -10.323 1.00 52.46  ? 172 SER A C   1 
ATOM   1010 O O   . SER A 1 139 ? -6.064  6.209   -10.404 1.00 53.49  ? 172 SER A O   1 
ATOM   1011 C CB  . SER A 1 139 ? -8.675  5.726   -8.544  1.00 50.65  ? 172 SER A CB  1 
ATOM   1012 O OG  . SER A 1 139 ? -7.880  6.680   -7.870  1.00 49.71  ? 172 SER A OG  1 
ATOM   1013 N N   . ASP A 1 140 ? -7.480  7.949   -10.455 1.00 51.06  ? 173 ASP A N   1 
ATOM   1014 C CA  . ASP A 1 140 ? -6.447  8.914   -10.778 1.00 57.32  ? 173 ASP A CA  1 
ATOM   1015 C C   . ASP A 1 140 ? -5.802  9.499   -9.522  1.00 59.23  ? 173 ASP A C   1 
ATOM   1016 O O   . ASP A 1 140 ? -5.032  10.451  -9.612  1.00 62.98  ? 173 ASP A O   1 
ATOM   1017 C CB  . ASP A 1 140 ? -7.030  10.032  -11.650 1.00 58.21  ? 173 ASP A CB  1 
ATOM   1018 C CG  . ASP A 1 140 ? -8.371  10.540  -11.137 1.00 66.57  ? 173 ASP A CG  1 
ATOM   1019 O OD1 . ASP A 1 140 ? -9.282  9.713   -10.907 1.00 69.72  ? 173 ASP A OD1 1 
ATOM   1020 O OD2 . ASP A 1 140 ? -8.514  11.770  -10.956 1.00 76.89  ? 173 ASP A OD2 1 
ATOM   1021 N N   . ALA A 1 141 ? -6.114  8.938   -8.355  1.00 55.15  ? 174 ALA A N   1 
ATOM   1022 C CA  . ALA A 1 141 ? -5.496  9.404   -7.116  1.00 54.53  ? 174 ALA A CA  1 
ATOM   1023 C C   . ALA A 1 141 ? -4.045  8.925   -7.059  1.00 51.90  ? 174 ALA A C   1 
ATOM   1024 O O   . ALA A 1 141 ? -3.227  9.461   -6.305  1.00 52.50  ? 174 ALA A O   1 
ATOM   1025 C CB  . ALA A 1 141 ? -6.277  8.915   -5.894  1.00 50.21  ? 174 ALA A CB  1 
ATOM   1026 N N   . VAL A 1 142 ? -3.738  7.919   -7.877  1.00 53.00  ? 175 VAL A N   1 
ATOM   1027 C CA  . VAL A 1 142 ? -2.411  7.315   -7.918  1.00 49.13  ? 175 VAL A CA  1 
ATOM   1028 C C   . VAL A 1 142 ? -1.630  7.901   -9.077  1.00 54.82  ? 175 VAL A C   1 
ATOM   1029 O O   . VAL A 1 142 ? -1.843  7.526   -10.233 1.00 57.59  ? 175 VAL A O   1 
ATOM   1030 C CB  . VAL A 1 142 ? -2.502  5.785   -8.029  1.00 48.26  ? 175 VAL A CB  1 
ATOM   1031 C CG1 . VAL A 1 142 ? -1.133  5.158   -8.241  1.00 51.23  ? 175 VAL A CG1 1 
ATOM   1032 C CG2 . VAL A 1 142 ? -3.194  5.185   -6.806  1.00 43.75  ? 175 VAL A CG2 1 
ATOM   1033 N N   . TYR A 1 143 ? -0.727  8.828   -8.760  1.00 58.07  ? 176 TYR A N   1 
ATOM   1034 C CA  . TYR A 1 143 ? 0.069   9.517   -9.772  1.00 60.11  ? 176 TYR A CA  1 
ATOM   1035 C C   . TYR A 1 143 ? 1.532   9.086   -9.753  1.00 61.92  ? 176 TYR A C   1 
ATOM   1036 O O   . TYR A 1 143 ? 2.247   9.299   -10.720 1.00 65.69  ? 176 TYR A O   1 
ATOM   1037 C CB  . TYR A 1 143 ? -0.017  11.036  -9.580  1.00 58.23  ? 176 TYR A CB  1 
ATOM   1038 C CG  . TYR A 1 143 ? 0.654   11.543  -8.331  1.00 58.30  ? 176 TYR A CG  1 
ATOM   1039 C CD1 . TYR A 1 143 ? 0.033   11.440  -7.089  1.00 63.41  ? 176 TYR A CD1 1 
ATOM   1040 C CD2 . TYR A 1 143 ? 1.908   12.134  -8.383  1.00 63.83  ? 176 TYR A CD2 1 
ATOM   1041 C CE1 . TYR A 1 143 ? 0.656   11.907  -5.922  1.00 64.06  ? 176 TYR A CE1 1 
ATOM   1042 C CE2 . TYR A 1 143 ? 2.539   12.606  -7.223  1.00 59.37  ? 176 TYR A CE2 1 
ATOM   1043 C CZ  . TYR A 1 143 ? 1.911   12.488  -5.999  1.00 61.13  ? 176 TYR A CZ  1 
ATOM   1044 O OH  . TYR A 1 143 ? 2.527   12.958  -4.859  1.00 61.66  ? 176 TYR A OH  1 
ATOM   1045 N N   . SER A 1 144 ? 1.977   8.484   -8.656  1.00 61.24  ? 177 SER A N   1 
ATOM   1046 C CA  . SER A 1 144 ? 3.406   8.233   -8.469  1.00 53.88  ? 177 SER A CA  1 
ATOM   1047 C C   . SER A 1 144 ? 3.741   6.813   -8.027  1.00 57.85  ? 177 SER A C   1 
ATOM   1048 O O   . SER A 1 144 ? 2.973   6.183   -7.300  1.00 59.38  ? 177 SER A O   1 
ATOM   1049 C CB  . SER A 1 144 ? 3.975   9.208   -7.454  1.00 53.64  ? 177 SER A CB  1 
ATOM   1050 O OG  . SER A 1 144 ? 5.245   8.770   -6.999  1.00 61.94  ? 177 SER A OG  1 
ATOM   1051 N N   . TRP A 1 145 ? 4.904   6.327   -8.459  1.00 54.54  ? 178 TRP A N   1 
ATOM   1052 C CA  . TRP A 1 145 ? 5.354   4.976   -8.151  1.00 57.86  ? 178 TRP A CA  1 
ATOM   1053 C C   . TRP A 1 145 ? 5.603   4.792   -6.659  1.00 54.05  ? 178 TRP A C   1 
ATOM   1054 O O   . TRP A 1 145 ? 5.533   3.681   -6.147  1.00 55.50  ? 178 TRP A O   1 
ATOM   1055 C CB  . TRP A 1 145 ? 6.626   4.654   -8.936  1.00 60.21  ? 178 TRP A CB  1 
ATOM   1056 C CG  . TRP A 1 145 ? 7.734   5.601   -8.649  1.00 59.38  ? 178 TRP A CG  1 
ATOM   1057 C CD1 . TRP A 1 145 ? 7.987   6.781   -9.284  1.00 67.54  ? 178 TRP A CD1 1 
ATOM   1058 C CD2 . TRP A 1 145 ? 8.739   5.467   -7.636  1.00 62.77  ? 178 TRP A CD2 1 
ATOM   1059 N NE1 . TRP A 1 145 ? 9.092   7.389   -8.733  1.00 63.21  ? 178 TRP A NE1 1 
ATOM   1060 C CE2 . TRP A 1 145 ? 9.572   6.601   -7.721  1.00 64.28  ? 178 TRP A CE2 1 
ATOM   1061 C CE3 . TRP A 1 145 ? 9.016   4.498   -6.665  1.00 64.77  ? 178 TRP A CE3 1 
ATOM   1062 C CZ2 . TRP A 1 145 ? 10.661  6.791   -6.874  1.00 62.11  ? 178 TRP A CZ2 1 
ATOM   1063 C CZ3 . TRP A 1 145 ? 10.096  4.689   -5.825  1.00 65.28  ? 178 TRP A CZ3 1 
ATOM   1064 C CH2 . TRP A 1 145 ? 10.904  5.828   -5.934  1.00 69.71  ? 178 TRP A CH2 1 
ATOM   1065 N N   . GLU A 1 146 ? 5.897   5.884   -5.967  1.00 51.87  ? 179 GLU A N   1 
ATOM   1066 C CA  . GLU A 1 146 ? 6.135   5.838   -4.531  1.00 54.55  ? 179 GLU A CA  1 
ATOM   1067 C C   . GLU A 1 146 ? 4.848   5.547   -3.768  1.00 55.42  ? 179 GLU A C   1 
ATOM   1068 O O   . GLU A 1 146 ? 4.867   5.261   -2.570  1.00 54.65  ? 179 GLU A O   1 
ATOM   1069 C CB  . GLU A 1 146 ? 6.746   7.155   -4.057  1.00 55.98  ? 179 GLU A CB  1 
ATOM   1070 C CG  . GLU A 1 146 ? 7.891   7.608   -4.939  1.00 60.20  ? 179 GLU A CG  1 
ATOM   1071 C CD  . GLU A 1 146 ? 8.842   8.561   -4.249  1.00 67.45  ? 179 GLU A CD  1 
ATOM   1072 O OE1 . GLU A 1 146 ? 8.705   9.783   -4.475  1.00 71.04  ? 179 GLU A OE1 1 
ATOM   1073 O OE2 . GLU A 1 146 ? 9.731   8.088   -3.495  1.00 70.45  ? 179 GLU A OE2 1 
ATOM   1074 N N   . GLN A 1 147 ? 3.724   5.618   -4.470  1.00 51.61  ? 180 GLN A N   1 
ATOM   1075 C CA  . GLN A 1 147 ? 2.437   5.386   -3.852  1.00 46.54  ? 180 GLN A CA  1 
ATOM   1076 C C   . GLN A 1 147 ? 2.085   3.903   -3.882  1.00 48.07  ? 180 GLN A C   1 
ATOM   1077 O O   . GLN A 1 147 ? 1.140   3.471   -3.214  1.00 47.64  ? 180 GLN A O   1 
ATOM   1078 C CB  . GLN A 1 147 ? 1.356   6.202   -4.552  1.00 48.67  ? 180 GLN A CB  1 
ATOM   1079 C CG  . GLN A 1 147 ? 1.265   7.649   -4.138  1.00 47.28  ? 180 GLN A CG  1 
ATOM   1080 C CD  . GLN A 1 147 ? 0.230   8.368   -4.953  1.00 51.72  ? 180 GLN A CD  1 
ATOM   1081 O OE1 . GLN A 1 147 ? 0.236   8.277   -6.178  1.00 54.47  ? 180 GLN A OE1 1 
ATOM   1082 N NE2 . GLN A 1 147 ? -0.690  9.057   -4.287  1.00 49.25  ? 180 GLN A NE2 1 
ATOM   1083 N N   . THR A 1 148 ? 2.837   3.132   -4.661  1.00 40.89  ? 181 THR A N   1 
ATOM   1084 C CA  . THR A 1 148 ? 2.576   1.711   -4.787  1.00 42.80  ? 181 THR A CA  1 
ATOM   1085 C C   . THR A 1 148 ? 2.651   1.039   -3.417  1.00 47.46  ? 181 THR A C   1 
ATOM   1086 O O   . THR A 1 148 ? 3.589   1.282   -2.656  1.00 48.18  ? 181 THR A O   1 
ATOM   1087 C CB  . THR A 1 148 ? 3.577   1.036   -5.745  1.00 46.84  ? 181 THR A CB  1 
ATOM   1088 O OG1 . THR A 1 148 ? 3.404   1.560   -7.066  1.00 55.36  ? 181 THR A OG1 1 
ATOM   1089 C CG2 . THR A 1 148 ? 3.342   -0.452  -5.791  1.00 43.57  ? 181 THR A CG2 1 
ATOM   1090 N N   . GLY A 1 149 ? 1.662   0.208   -3.099  1.00 45.20  ? 182 GLY A N   1 
ATOM   1091 C CA  . GLY A 1 149 ? 1.665   -0.539  -1.855  1.00 41.81  ? 182 GLY A CA  1 
ATOM   1092 C C   . GLY A 1 149 ? 1.022   0.197   -0.698  1.00 43.12  ? 182 GLY A C   1 
ATOM   1093 O O   . GLY A 1 149 ? 0.648   -0.409  0.303   1.00 44.45  ? 182 GLY A O   1 
ATOM   1094 N N   . GLY A 1 150 ? 0.903   1.514   -0.831  1.00 42.64  ? 183 GLY A N   1 
ATOM   1095 C CA  . GLY A 1 150 ? 0.214   2.328   0.152   1.00 41.82  ? 183 GLY A CA  1 
ATOM   1096 C C   . GLY A 1 150 ? -1.296  2.244   0.042   1.00 43.26  ? 183 GLY A C   1 
ATOM   1097 O O   . GLY A 1 150 ? -1.833  1.711   -0.931  1.00 47.60  ? 183 GLY A O   1 
ATOM   1098 N N   . PRO A 1 151 ? -2.000  2.778   1.041   1.00 39.00  ? 184 PRO A N   1 
ATOM   1099 C CA  . PRO A 1 151 ? -3.448  2.602   1.132   1.00 39.64  ? 184 PRO A CA  1 
ATOM   1100 C C   . PRO A 1 151 ? -4.298  3.577   0.304   1.00 43.75  ? 184 PRO A C   1 
ATOM   1101 O O   . PRO A 1 151 ? -3.954  4.752   0.121   1.00 43.94  ? 184 PRO A O   1 
ATOM   1102 C CB  . PRO A 1 151 ? -3.711  2.819   2.617   1.00 41.36  ? 184 PRO A CB  1 
ATOM   1103 C CG  . PRO A 1 151 ? -2.693  3.840   3.001   1.00 37.53  ? 184 PRO A CG  1 
ATOM   1104 C CD  . PRO A 1 151 ? -1.458  3.489   2.211   1.00 39.92  ? 184 PRO A CD  1 
ATOM   1105 N N   . LEU A 1 152 ? -5.417  3.065   -0.198  1.00 39.90  ? 185 LEU A N   1 
ATOM   1106 C CA  . LEU A 1 152 ? -6.481  3.914   -0.695  1.00 42.45  ? 185 LEU A CA  1 
ATOM   1107 C C   . LEU A 1 152 ? -7.584  3.978   0.370   1.00 48.11  ? 185 LEU A C   1 
ATOM   1108 O O   . LEU A 1 152 ? -8.033  2.934   0.884   1.00 45.10  ? 185 LEU A O   1 
ATOM   1109 C CB  . LEU A 1 152 ? -7.024  3.388   -2.019  1.00 40.13  ? 185 LEU A CB  1 
ATOM   1110 C CG  . LEU A 1 152 ? -7.890  4.376   -2.806  1.00 42.69  ? 185 LEU A CG  1 
ATOM   1111 C CD1 . LEU A 1 152 ? -7.048  5.412   -3.538  1.00 42.46  ? 185 LEU A CD1 1 
ATOM   1112 C CD2 . LEU A 1 152 ? -8.780  3.649   -3.769  1.00 38.89  ? 185 LEU A CD2 1 
ATOM   1113 N N   . VAL A 1 153 ? -8.001  5.196   0.721   1.00 40.55  ? 186 VAL A N   1 
ATOM   1114 C CA  . VAL A 1 153 ? -9.063  5.382   1.714   1.00 45.96  ? 186 VAL A CA  1 
ATOM   1115 C C   . VAL A 1 153 ? -10.235 6.155   1.106   1.00 46.81  ? 186 VAL A C   1 
ATOM   1116 O O   . VAL A 1 153 ? -10.076 6.842   0.096   1.00 46.51  ? 186 VAL A O   1 
ATOM   1117 C CB  . VAL A 1 153 ? -8.545  6.116   2.964   1.00 42.88  ? 186 VAL A CB  1 
ATOM   1118 C CG1 . VAL A 1 153 ? -7.356  5.387   3.564   1.00 44.90  ? 186 VAL A CG1 1 
ATOM   1119 C CG2 . VAL A 1 153 ? -8.161  7.538   2.605   1.00 48.62  ? 186 VAL A CG2 1 
ATOM   1120 N N   . ASN A 1 154 ? -11.409 6.043   1.721   1.00 45.94  ? 187 ASN A N   1 
ATOM   1121 C CA  . ASN A 1 154 ? -12.530 6.905   1.362   1.00 46.13  ? 187 ASN A CA  1 
ATOM   1122 C C   . ASN A 1 154 ? -12.482 8.207   2.182   1.00 50.25  ? 187 ASN A C   1 
ATOM   1123 O O   . ASN A 1 154 ? -11.514 8.462   2.903   1.00 46.43  ? 187 ASN A O   1 
ATOM   1124 C CB  . ASN A 1 154 ? -13.869 6.175   1.545   1.00 45.24  ? 187 ASN A CB  1 
ATOM   1125 C CG  . ASN A 1 154 ? -14.089 5.675   2.957   1.00 48.93  ? 187 ASN A CG  1 
ATOM   1126 O OD1 . ASN A 1 154 ? -13.507 6.184   3.912   1.00 50.16  ? 187 ASN A OD1 1 
ATOM   1127 N ND2 . ASN A 1 154 ? -14.939 4.666   3.094   1.00 48.21  ? 187 ASN A ND2 1 
ATOM   1128 N N   . ALA A 1 155 ? -13.516 9.036   2.063   1.00 50.92  ? 188 ALA A N   1 
ATOM   1129 C CA  . ALA A 1 155 ? -13.502 10.344  2.714   1.00 52.75  ? 188 ALA A CA  1 
ATOM   1130 C C   . ALA A 1 155 ? -13.593 10.212  4.231   1.00 54.61  ? 188 ALA A C   1 
ATOM   1131 O O   . ALA A 1 155 ? -13.193 11.115  4.962   1.00 55.20  ? 188 ALA A O   1 
ATOM   1132 C CB  . ALA A 1 155 ? -14.629 11.216  2.191   1.00 54.32  ? 188 ALA A CB  1 
ATOM   1133 N N   . GLN A 1 156 ? -14.112 9.085   4.705   1.00 51.16  ? 189 GLN A N   1 
ATOM   1134 C CA  . GLN A 1 156 ? -14.198 8.849   6.140   1.00 54.88  ? 189 GLN A CA  1 
ATOM   1135 C C   . GLN A 1 156 ? -12.898 8.257   6.691   1.00 54.44  ? 189 GLN A C   1 
ATOM   1136 O O   . GLN A 1 156 ? -12.751 8.092   7.895   1.00 55.22  ? 189 GLN A O   1 
ATOM   1137 C CB  . GLN A 1 156 ? -15.384 7.929   6.468   1.00 57.54  ? 189 GLN A CB  1 
ATOM   1138 C CG  . GLN A 1 156 ? -16.740 8.650   6.538   1.00 64.76  ? 189 GLN A CG  1 
ATOM   1139 C CD  . GLN A 1 156 ? -17.217 9.191   5.181   1.00 69.59  ? 189 GLN A CD  1 
ATOM   1140 O OE1 . GLN A 1 156 ? -17.385 8.430   4.223   1.00 71.19  ? 189 GLN A OE1 1 
ATOM   1141 N NE2 . GLN A 1 156 ? -17.440 10.508  5.103   1.00 62.60  ? 189 GLN A NE2 1 
ATOM   1142 N N   . GLY A 1 157 ? -11.958 7.938   5.807   1.00 56.51  ? 190 GLY A N   1 
ATOM   1143 C CA  . GLY A 1 157 ? -10.696 7.340   6.213   1.00 44.95  ? 190 GLY A CA  1 
ATOM   1144 C C   . GLY A 1 157 ? -10.693 5.834   6.433   1.00 49.29  ? 190 GLY A C   1 
ATOM   1145 O O   . GLY A 1 157 ? -9.807  5.318   7.114   1.00 55.03  ? 190 GLY A O   1 
ATOM   1146 N N   . ASP A 1 158 ? -11.664 5.112   5.873   1.00 47.37  ? 191 ASP A N   1 
ATOM   1147 C CA  . ASP A 1 158 ? -11.653 3.649   5.966   1.00 46.19  ? 191 ASP A CA  1 
ATOM   1148 C C   . ASP A 1 158 ? -10.773 3.060   4.883   1.00 47.40  ? 191 ASP A C   1 
ATOM   1149 O O   . ASP A 1 158 ? -10.754 3.564   3.761   1.00 50.67  ? 191 ASP A O   1 
ATOM   1150 C CB  . ASP A 1 158 ? -13.064 3.067   5.845   1.00 51.97  ? 191 ASP A CB  1 
ATOM   1151 C CG  . ASP A 1 158 ? -14.046 3.699   6.814   1.00 58.81  ? 191 ASP A CG  1 
ATOM   1152 O OD1 . ASP A 1 158 ? -13.646 3.947   7.975   1.00 60.26  ? 191 ASP A OD1 1 
ATOM   1153 O OD2 . ASP A 1 158 ? -15.211 3.952   6.410   1.00 60.44  ? 191 ASP A OD2 1 
ATOM   1154 N N   . LEU A 1 159 ? -10.049 1.992   5.209   1.00 50.05  ? 192 LEU A N   1 
ATOM   1155 C CA  . LEU A 1 159 ? -9.246  1.292   4.218   1.00 41.77  ? 192 LEU A CA  1 
ATOM   1156 C C   . LEU A 1 159 ? -10.149 0.717   3.134   1.00 45.12  ? 192 LEU A C   1 
ATOM   1157 O O   . LEU A 1 159 ? -11.103 0.000   3.408   1.00 48.86  ? 192 LEU A O   1 
ATOM   1158 C CB  . LEU A 1 159 ? -8.423  0.182   4.857   1.00 39.77  ? 192 LEU A CB  1 
ATOM   1159 C CG  . LEU A 1 159 ? -7.462  -0.475  3.871   1.00 39.25  ? 192 LEU A CG  1 
ATOM   1160 C CD1 . LEU A 1 159 ? -6.442  0.539   3.435   1.00 41.37  ? 192 LEU A CD1 1 
ATOM   1161 C CD2 . LEU A 1 159 ? -6.784  -1.666  4.482   1.00 40.98  ? 192 LEU A CD2 1 
ATOM   1162 N N   . VAL A 1 160 ? -9.819  1.033   1.894   1.00 45.58  ? 193 VAL A N   1 
ATOM   1163 C CA  . VAL A 1 160 ? -10.629 0.678   0.748   1.00 43.52  ? 193 VAL A CA  1 
ATOM   1164 C C   . VAL A 1 160 ? -9.837  -0.274  -0.154  1.00 48.38  ? 193 VAL A C   1 
ATOM   1165 O O   . VAL A 1 160 ? -10.406 -1.131  -0.843  1.00 50.60  ? 193 VAL A O   1 
ATOM   1166 C CB  . VAL A 1 160 ? -11.070 1.966   0.019   1.00 43.24  ? 193 VAL A CB  1 
ATOM   1167 C CG1 . VAL A 1 160 ? -11.252 1.757   -1.452  1.00 48.13  ? 193 VAL A CG1 1 
ATOM   1168 C CG2 . VAL A 1 160 ? -12.322 2.512   0.653   1.00 48.25  ? 193 VAL A CG2 1 
ATOM   1169 N N   . GLY A 1 161 ? -8.514  -0.126  -0.127  1.00 45.95  ? 194 GLY A N   1 
ATOM   1170 C CA  . GLY A 1 161 ? -7.639  -0.940  -0.950  1.00 46.31  ? 194 GLY A CA  1 
ATOM   1171 C C   . GLY A 1 161 ? -6.162  -0.592  -0.862  1.00 43.56  ? 194 GLY A C   1 
ATOM   1172 O O   . GLY A 1 161 ? -5.770  0.313   -0.130  1.00 41.28  ? 194 GLY A O   1 
ATOM   1173 N N   . ILE A 1 162 ? -5.349  -1.322  -1.619  1.00 43.05  ? 195 ILE A N   1 
ATOM   1174 C CA  . ILE A 1 162 ? -3.907  -1.109  -1.686  1.00 42.18  ? 195 ILE A CA  1 
ATOM   1175 C C   . ILE A 1 162 ? -3.535  -0.768  -3.128  1.00 46.16  ? 195 ILE A C   1 
ATOM   1176 O O   . ILE A 1 162 ? -3.954  -1.451  -4.056  1.00 45.31  ? 195 ILE A O   1 
ATOM   1177 C CB  . ILE A 1 162 ? -3.141  -2.354  -1.192  1.00 42.23  ? 195 ILE A CB  1 
ATOM   1178 C CG1 . ILE A 1 162 ? -3.386  -2.585  0.306   1.00 44.39  ? 195 ILE A CG1 1 
ATOM   1179 C CG2 . ILE A 1 162 ? -1.669  -2.230  -1.485  1.00 40.61  ? 195 ILE A CG2 1 
ATOM   1180 C CD1 . ILE A 1 162 ? -2.722  -1.586  1.204   1.00 37.88  ? 195 ILE A CD1 1 
ATOM   1181 N N   . ASN A 1 163 ? -2.729  0.270   -3.319  1.00 45.49  ? 196 ASN A N   1 
ATOM   1182 C CA  . ASN A 1 163 ? -2.525  0.819   -4.646  1.00 42.12  ? 196 ASN A CA  1 
ATOM   1183 C C   . ASN A 1 163 ? -1.343  0.224   -5.407  1.00 48.43  ? 196 ASN A C   1 
ATOM   1184 O O   . ASN A 1 163 ? -0.332  -0.187  -4.825  1.00 50.21  ? 196 ASN A O   1 
ATOM   1185 C CB  . ASN A 1 163 ? -2.361  2.333   -4.542  1.00 44.08  ? 196 ASN A CB  1 
ATOM   1186 C CG  . ASN A 1 163 ? -3.613  3.016   -4.009  1.00 44.04  ? 196 ASN A CG  1 
ATOM   1187 O OD1 . ASN A 1 163 ? -4.732  2.643   -4.366  1.00 44.93  ? 196 ASN A OD1 1 
ATOM   1188 N ND2 . ASN A 1 163 ? -3.432  4.012   -3.145  1.00 42.66  ? 196 ASN A ND2 1 
ATOM   1189 N N   . ILE A 1 164 ? -1.498  0.175   -6.724  1.00 45.85  ? 197 ILE A N   1 
ATOM   1190 C CA  . ILE A 1 164 ? -0.442  -0.230  -7.631  1.00 46.10  ? 197 ILE A CA  1 
ATOM   1191 C C   . ILE A 1 164 ? -0.344  0.811   -8.729  1.00 49.19  ? 197 ILE A C   1 
ATOM   1192 O O   . ILE A 1 164 ? -1.322  1.043   -9.450  1.00 49.13  ? 197 ILE A O   1 
ATOM   1193 C CB  . ILE A 1 164 ? -0.705  -1.601  -8.242  1.00 47.07  ? 197 ILE A CB  1 
ATOM   1194 C CG1 . ILE A 1 164 ? -0.981  -2.637  -7.157  1.00 46.67  ? 197 ILE A CG1 1 
ATOM   1195 C CG2 . ILE A 1 164 ? 0.455   -2.010  -9.143  1.00 43.57  ? 197 ILE A CG2 1 
ATOM   1196 C CD1 . ILE A 1 164 ? -1.339  -4.010  -7.717  1.00 49.29  ? 197 ILE A CD1 1 
ATOM   1197 N N   . ALA A 1 165 ? 0.822   1.442   -8.854  1.00 45.58  ? 198 ALA A N   1 
ATOM   1198 C CA  . ALA A 1 165 ? 1.082   2.353   -9.967  1.00 50.93  ? 198 ALA A CA  1 
ATOM   1199 C C   . ALA A 1 165 ? 1.586   1.574   -11.182 1.00 52.84  ? 198 ALA A C   1 
ATOM   1200 O O   . ALA A 1 165 ? 2.550   0.817   -11.077 1.00 55.82  ? 198 ALA A O   1 
ATOM   1201 C CB  . ALA A 1 165 ? 2.080   3.410   -9.562  1.00 49.48  ? 198 ALA A CB  1 
ATOM   1202 N N   . ALA A 1 166 ? 0.932   1.756   -12.329 1.00 57.61  ? 199 ALA A N   1 
ATOM   1203 C CA  . ALA A 1 166 ? 1.295   1.015   -13.535 1.00 60.66  ? 199 ALA A CA  1 
ATOM   1204 C C   . ALA A 1 166 ? 1.663   1.922   -14.726 1.00 66.96  ? 199 ALA A C   1 
ATOM   1205 O O   . ALA A 1 166 ? 1.322   3.106   -14.754 1.00 64.07  ? 199 ALA A O   1 
ATOM   1206 C CB  . ALA A 1 166 ? 0.173   0.089   -13.915 1.00 60.69  ? 199 ALA A CB  1 
ATOM   1207 N N   . THR A 1 167 ? 2.359   1.336   -15.703 1.00 75.15  ? 200 THR A N   1 
ATOM   1208 C CA  . THR A 1 167 ? 2.872   2.028   -16.896 1.00 70.25  ? 200 THR A CA  1 
ATOM   1209 C C   . THR A 1 167 ? 1.924   1.869   -18.074 1.00 74.12  ? 200 THR A C   1 
ATOM   1210 O O   . THR A 1 167 ? 1.638   0.744   -18.478 1.00 76.10  ? 200 THR A O   1 
ATOM   1211 C CB  . THR A 1 167 ? 4.275   1.468   -17.314 1.00 75.20  ? 200 THR A CB  1 
ATOM   1212 O OG1 . THR A 1 167 ? 5.294   1.987   -16.452 1.00 82.41  ? 200 THR A OG1 1 
ATOM   1213 C CG2 . THR A 1 167 ? 4.628   1.820   -18.747 1.00 75.39  ? 200 THR A CG2 1 
ATOM   1214 N N   . GLY A 1 168 ? 1.439   2.980   -18.627 1.00 75.40  ? 201 GLY A N   1 
ATOM   1215 C CA  . GLY A 1 168 ? 0.680   2.939   -19.871 1.00 73.29  ? 201 GLY A CA  1 
ATOM   1216 C C   . GLY A 1 168 ? 1.609   2.743   -21.064 1.00 77.38  ? 201 GLY A C   1 
ATOM   1217 O O   . GLY A 1 168 ? 2.826   2.833   -20.924 1.00 78.20  ? 201 GLY A O   1 
ATOM   1218 N N   . PRO A 1 169 ? 1.050   2.478   -22.254 1.00 77.48  ? 202 PRO A N   1 
ATOM   1219 C CA  . PRO A 1 169 ? 1.912   2.282   -23.433 1.00 77.21  ? 202 PRO A CA  1 
ATOM   1220 C C   . PRO A 1 169 ? 2.665   3.564   -23.812 1.00 75.39  ? 202 PRO A C   1 
ATOM   1221 O O   . PRO A 1 169 ? 3.753   3.532   -24.397 1.00 75.61  ? 202 PRO A O   1 
ATOM   1222 C CB  . PRO A 1 169 ? 0.924   1.870   -24.524 1.00 76.49  ? 202 PRO A CB  1 
ATOM   1223 C CG  . PRO A 1 169 ? -0.395  2.425   -24.071 1.00 78.19  ? 202 PRO A CG  1 
ATOM   1224 C CD  . PRO A 1 169 ? -0.383  2.390   -22.579 1.00 76.19  ? 202 PRO A CD  1 
ATOM   1225 N N   . THR A 1 170 ? 2.069   4.687   -23.433 1.00 74.59  ? 203 THR A N   1 
ATOM   1226 C CA  . THR A 1 170 ? 2.621   6.014   -23.643 1.00 70.26  ? 203 THR A CA  1 
ATOM   1227 C C   . THR A 1 170 ? 3.559   6.406   -22.494 1.00 76.17  ? 203 THR A C   1 
ATOM   1228 O O   . THR A 1 170 ? 4.302   7.385   -22.578 1.00 79.59  ? 203 THR A O   1 
ATOM   1229 C CB  . THR A 1 170 ? 1.466   7.017   -23.792 1.00 70.48  ? 203 THR A CB  1 
ATOM   1230 O OG1 . THR A 1 170 ? 0.779   6.735   -25.013 1.00 73.36  ? 203 THR A OG1 1 
ATOM   1231 C CG2 . THR A 1 170 ? 1.932   8.447   -23.824 1.00 74.78  ? 203 THR A CG2 1 
ATOM   1232 N N   . GLY A 1 171 ? 3.541   5.622   -21.420 1.00 74.64  ? 204 GLY A N   1 
ATOM   1233 C CA  . GLY A 1 171 ? 4.399   5.891   -20.279 1.00 71.27  ? 204 GLY A CA  1 
ATOM   1234 C C   . GLY A 1 171 ? 3.716   6.709   -19.203 1.00 78.11  ? 204 GLY A C   1 
ATOM   1235 O O   . GLY A 1 171 ? 4.311   7.025   -18.178 1.00 80.89  ? 204 GLY A O   1 
ATOM   1236 N N   . LYS A 1 172 ? 2.456   7.056   -19.447 1.00 81.11  ? 205 LYS A N   1 
ATOM   1237 C CA  . LYS A 1 172 ? 1.637   7.763   -18.467 1.00 79.91  ? 205 LYS A CA  1 
ATOM   1238 C C   . LYS A 1 172 ? 1.350   6.863   -17.263 1.00 75.06  ? 205 LYS A C   1 
ATOM   1239 O O   . LYS A 1 172 ? 1.153   5.659   -17.414 1.00 74.95  ? 205 LYS A O   1 
ATOM   1240 C CB  . LYS A 1 172 ? 0.325   8.235   -19.110 1.00 74.72  ? 205 LYS A CB  1 
ATOM   1241 C CG  . LYS A 1 172 ? 0.527   9.047   -20.385 1.00 80.69  ? 205 LYS A CG  1 
ATOM   1242 C CD  . LYS A 1 172 ? 1.232   10.372  -20.090 1.00 85.12  ? 205 LYS A CD  1 
ATOM   1243 C CE  . LYS A 1 172 ? 2.039   10.890  -21.286 1.00 87.44  ? 205 LYS A CE  1 
ATOM   1244 N NZ  . LYS A 1 172 ? 3.325   10.146  -21.522 1.00 82.62  ? 205 LYS A NZ  1 
ATOM   1245 N N   . VAL A 1 173 ? 1.327   7.445   -16.070 1.00 74.05  ? 206 VAL A N   1 
ATOM   1246 C CA  . VAL A 1 173 ? 1.007   6.683   -14.871 1.00 69.84  ? 206 VAL A CA  1 
ATOM   1247 C C   . VAL A 1 173 ? -0.495  6.460   -14.750 1.00 68.92  ? 206 VAL A C   1 
ATOM   1248 O O   . VAL A 1 173 ? -1.289  7.386   -14.884 1.00 69.97  ? 206 VAL A O   1 
ATOM   1249 C CB  . VAL A 1 173 ? 1.540   7.382   -13.618 1.00 71.53  ? 206 VAL A CB  1 
ATOM   1250 C CG1 . VAL A 1 173 ? 1.227   6.554   -12.368 1.00 64.75  ? 206 VAL A CG1 1 
ATOM   1251 C CG2 . VAL A 1 173 ? 3.033   7.626   -13.756 1.00 73.03  ? 206 VAL A CG2 1 
ATOM   1252 N N   . GLU A 1 174 ? -0.880  5.220   -14.493 1.00 65.59  ? 207 GLU A N   1 
ATOM   1253 C CA  . GLU A 1 174 ? -2.272  4.897   -14.279 1.00 62.35  ? 207 GLU A CA  1 
ATOM   1254 C C   . GLU A 1 174 ? -2.416  4.272   -12.902 1.00 63.71  ? 207 GLU A C   1 
ATOM   1255 O O   . GLU A 1 174 ? -1.637  3.390   -12.534 1.00 62.87  ? 207 GLU A O   1 
ATOM   1256 C CB  . GLU A 1 174 ? -2.771  3.940   -15.355 1.00 69.27  ? 207 GLU A CB  1 
ATOM   1257 C CG  . GLU A 1 174 ? -2.500  4.400   -16.780 1.00 73.91  ? 207 GLU A CG  1 
ATOM   1258 C CD  . GLU A 1 174 ? -2.575  3.245   -17.779 1.00 83.66  ? 207 GLU A CD  1 
ATOM   1259 O OE1 . GLU A 1 174 ? -2.125  2.126   -17.430 1.00 86.15  ? 207 GLU A OE1 1 
ATOM   1260 O OE2 . GLU A 1 174 ? -3.089  3.449   -18.903 1.00 83.58  ? 207 GLU A OE2 1 
ATOM   1261 N N   . GLY A 1 175 ? -3.400  4.729   -12.138 1.00 59.07  ? 208 GLY A N   1 
ATOM   1262 C CA  . GLY A 1 175 ? -3.625  4.172   -10.822 1.00 45.91  ? 208 GLY A CA  1 
ATOM   1263 C C   . GLY A 1 175 ? -4.489  2.931   -10.802 1.00 49.57  ? 208 GLY A C   1 
ATOM   1264 O O   . GLY A 1 175 ? -5.590  2.925   -11.351 1.00 54.63  ? 208 GLY A O   1 
ATOM   1265 N N   . PHE A 1 176 ? -3.990  1.875   -10.167 1.00 50.54  ? 209 PHE A N   1 
ATOM   1266 C CA  . PHE A 1 176 ? -4.771  0.669   -9.944  1.00 45.14  ? 209 PHE A CA  1 
ATOM   1267 C C   . PHE A 1 176 ? -4.911  0.408   -8.452  1.00 45.60  ? 209 PHE A C   1 
ATOM   1268 O O   . PHE A 1 176 ? -4.174  0.971   -7.649  1.00 47.74  ? 209 PHE A O   1 
ATOM   1269 C CB  . PHE A 1 176 ? -4.123  -0.509  -10.655 1.00 47.01  ? 209 PHE A CB  1 
ATOM   1270 C CG  . PHE A 1 176 ? -4.304  -0.461  -12.125 1.00 52.43  ? 209 PHE A CG  1 
ATOM   1271 C CD1 . PHE A 1 176 ? -3.441  0.283   -12.918 1.00 53.06  ? 209 PHE A CD1 1 
ATOM   1272 C CD2 . PHE A 1 176 ? -5.377  -1.108  -12.721 1.00 51.40  ? 209 PHE A CD2 1 
ATOM   1273 C CE1 . PHE A 1 176 ? -3.629  0.355   -14.290 1.00 56.62  ? 209 PHE A CE1 1 
ATOM   1274 C CE2 . PHE A 1 176 ? -5.571  -1.040  -14.085 1.00 49.98  ? 209 PHE A CE2 1 
ATOM   1275 C CZ  . PHE A 1 176 ? -4.698  -0.312  -14.872 1.00 53.61  ? 209 PHE A CZ  1 
ATOM   1276 N N   . THR A 1 177 ? -5.862  -0.435  -8.069  1.00 46.18  ? 210 THR A N   1 
ATOM   1277 C CA  . THR A 1 177 ? -6.084  -0.699  -6.647  1.00 45.56  ? 210 THR A CA  1 
ATOM   1278 C C   . THR A 1 177 ? -6.630  -2.096  -6.368  1.00 47.70  ? 210 THR A C   1 
ATOM   1279 O O   . THR A 1 177 ? -7.672  -2.489  -6.902  1.00 52.98  ? 210 THR A O   1 
ATOM   1280 C CB  . THR A 1 177 ? -7.059  0.336   -6.029  1.00 47.77  ? 210 THR A CB  1 
ATOM   1281 O OG1 . THR A 1 177 ? -6.509  1.660   -6.140  1.00 46.69  ? 210 THR A OG1 1 
ATOM   1282 C CG2 . THR A 1 177 ? -7.315  0.019   -4.571  1.00 43.14  ? 210 THR A CG2 1 
ATOM   1283 N N   . VAL A 1 178 ? -5.916  -2.852  -5.538  1.00 47.93  ? 211 VAL A N   1 
ATOM   1284 C CA  . VAL A 1 178 ? -6.429  -4.119  -5.037  1.00 49.86  ? 211 VAL A CA  1 
ATOM   1285 C C   . VAL A 1 178 ? -7.482  -3.825  -3.978  1.00 53.48  ? 211 VAL A C   1 
ATOM   1286 O O   . VAL A 1 178 ? -7.177  -3.193  -2.972  1.00 53.69  ? 211 VAL A O   1 
ATOM   1287 C CB  . VAL A 1 178 ? -5.322  -4.990  -4.457  1.00 42.89  ? 211 VAL A CB  1 
ATOM   1288 C CG1 . VAL A 1 178 ? -5.892  -6.317  -4.041  1.00 46.80  ? 211 VAL A CG1 1 
ATOM   1289 C CG2 . VAL A 1 178 ? -4.203  -5.174  -5.465  1.00 46.23  ? 211 VAL A CG2 1 
ATOM   1290 N N   . PRO A 1 179 ? -8.731  -4.254  -4.211  1.00 54.54  ? 212 PRO A N   1 
ATOM   1291 C CA  . PRO A 1 179 ? -9.794  -4.054  -3.221  1.00 49.87  ? 212 PRO A CA  1 
ATOM   1292 C C   . PRO A 1 179 ? -9.429  -4.663  -1.871  1.00 54.04  ? 212 PRO A C   1 
ATOM   1293 O O   . PRO A 1 179 ? -8.829  -5.727  -1.836  1.00 57.87  ? 212 PRO A O   1 
ATOM   1294 C CB  . PRO A 1 179 ? -10.982 -4.769  -3.847  1.00 46.31  ? 212 PRO A CB  1 
ATOM   1295 C CG  . PRO A 1 179 ? -10.739 -4.663  -5.301  1.00 50.86  ? 212 PRO A CG  1 
ATOM   1296 C CD  . PRO A 1 179 ? -9.252  -4.797  -5.476  1.00 51.58  ? 212 PRO A CD  1 
ATOM   1297 N N   . ALA A 1 180 ? -9.785  -3.997  -0.781  1.00 54.48  ? 213 ALA A N   1 
ATOM   1298 C CA  . ALA A 1 180 ? -9.365  -4.429  0.546   1.00 57.40  ? 213 ALA A CA  1 
ATOM   1299 C C   . ALA A 1 180 ? -9.984  -5.747  1.026   1.00 59.39  ? 213 ALA A C   1 
ATOM   1300 O O   . ALA A 1 180 ? -9.514  -6.316  2.010   1.00 59.68  ? 213 ALA A O   1 
ATOM   1301 C CB  . ALA A 1 180 ? -9.659  -3.331  1.554   1.00 56.02  ? 213 ALA A CB  1 
ATOM   1302 N N   . GLN A 1 181 ? -11.020 -6.250  0.363   1.00 56.49  ? 214 GLN A N   1 
ATOM   1303 C CA  . GLN A 1 181 ? -11.576 -7.527  0.805   1.00 61.77  ? 214 GLN A CA  1 
ATOM   1304 C C   . GLN A 1 181 ? -10.650 -8.685  0.453   1.00 69.63  ? 214 GLN A C   1 
ATOM   1305 O O   . GLN A 1 181 ? -10.738 -9.767  1.039   1.00 70.43  ? 214 GLN A O   1 
ATOM   1306 C CB  . GLN A 1 181 ? -12.957 -7.786  0.216   1.00 65.47  ? 214 GLN A CB  1 
ATOM   1307 C CG  . GLN A 1 181 ? -13.635 -8.983  0.880   1.00 80.50  ? 214 GLN A CG  1 
ATOM   1308 C CD  . GLN A 1 181 ? -14.792 -9.538  0.079   1.00 103.81 ? 214 GLN A CD  1 
ATOM   1309 O OE1 . GLN A 1 181 ? -15.431 -8.815  -0.689  1.00 113.33 ? 214 GLN A OE1 1 
ATOM   1310 N NE2 . GLN A 1 181 ? -15.074 -10.831 0.258   1.00 101.26 ? 214 GLN A NE2 1 
ATOM   1311 N N   . VAL A 1 182 ? -9.760  -8.458  -0.507  1.00 66.13  ? 215 VAL A N   1 
ATOM   1312 C CA  . VAL A 1 182 ? -8.754  -9.452  -0.855  1.00 62.99  ? 215 VAL A CA  1 
ATOM   1313 C C   . VAL A 1 182 ? -7.848  -9.666  0.350   1.00 64.91  ? 215 VAL A C   1 
ATOM   1314 O O   . VAL A 1 182 ? -7.280  -10.734 0.540   1.00 74.06  ? 215 VAL A O   1 
ATOM   1315 C CB  . VAL A 1 182 ? -7.960  -9.030  -2.099  1.00 62.28  ? 215 VAL A CB  1 
ATOM   1316 C CG1 . VAL A 1 182 ? -6.825  -10.000 -2.378  1.00 65.73  ? 215 VAL A CG1 1 
ATOM   1317 C CG2 . VAL A 1 182 ? -8.888  -8.940  -3.302  1.00 59.08  ? 215 VAL A CG2 1 
ATOM   1318 N N   . ILE A 1 183 ? -7.746  -8.652  1.191   1.00 62.11  ? 216 ILE A N   1 
ATOM   1319 C CA  . ILE A 1 183 ? -6.970  -8.769  2.411   1.00 65.70  ? 216 ILE A CA  1 
ATOM   1320 C C   . ILE A 1 183 ? -7.674  -9.671  3.424   1.00 72.02  ? 216 ILE A C   1 
ATOM   1321 O O   . ILE A 1 183 ? -7.146  -10.712 3.814   1.00 75.44  ? 216 ILE A O   1 
ATOM   1322 C CB  . ILE A 1 183 ? -6.700  -7.395  3.014   1.00 61.89  ? 216 ILE A CB  1 
ATOM   1323 C CG1 . ILE A 1 183 ? -5.899  -6.537  2.029   1.00 62.46  ? 216 ILE A CG1 1 
ATOM   1324 C CG2 . ILE A 1 183 ? -5.970  -7.546  4.318   1.00 59.13  ? 216 ILE A CG2 1 
ATOM   1325 C CD1 . ILE A 1 183 ? -5.629  -5.106  2.511   1.00 57.74  ? 216 ILE A CD1 1 
ATOM   1326 N N   . VAL A 1 184 ? -8.867  -9.269  3.847   1.00 70.10  ? 217 VAL A N   1 
ATOM   1327 C CA  . VAL A 1 184 ? -9.609  -10.035 4.830   1.00 66.66  ? 217 VAL A CA  1 
ATOM   1328 C C   . VAL A 1 184 ? -9.778  -11.494 4.383   1.00 77.89  ? 217 VAL A C   1 
ATOM   1329 O O   . VAL A 1 184 ? -9.507  -12.407 5.159   1.00 86.82  ? 217 VAL A O   1 
ATOM   1330 C CB  . VAL A 1 184 ? -10.966 -9.371  5.130   1.00 69.82  ? 217 VAL A CB  1 
ATOM   1331 C CG1 . VAL A 1 184 ? -10.759 -7.941  5.606   1.00 68.35  ? 217 VAL A CG1 1 
ATOM   1332 C CG2 . VAL A 1 184 ? -11.852 -9.359  3.915   1.00 74.25  ? 217 VAL A CG2 1 
ATOM   1333 N N   . SER A 1 185 ? -10.147 -11.715 3.122   1.00 74.91  ? 218 SER A N   1 
ATOM   1334 C CA  . SER A 1 185 ? -10.537 -13.046 2.659   1.00 73.38  ? 218 SER A CA  1 
ATOM   1335 C C   . SER A 1 185 ? -9.365  -13.968 2.326   1.00 83.18  ? 218 SER A C   1 
ATOM   1336 O O   . SER A 1 185 ? -9.550  -15.179 2.196   1.00 89.19  ? 218 SER A O   1 
ATOM   1337 C CB  . SER A 1 185 ? -11.440 -12.935 1.433   1.00 73.91  ? 218 SER A CB  1 
ATOM   1338 O OG  . SER A 1 185 ? -10.678 -12.638 0.280   1.00 77.92  ? 218 SER A OG  1 
ATOM   1339 N N   . HIS A 1 186 ? -8.166  -13.423 2.163   1.00 83.21  ? 219 HIS A N   1 
ATOM   1340 C CA  . HIS A 1 186 ? -7.006  -14.296 1.993   1.00 84.05  ? 219 HIS A CA  1 
ATOM   1341 C C   . HIS A 1 186 ? -6.292  -14.407 3.328   1.00 86.19  ? 219 HIS A C   1 
ATOM   1342 O O   . HIS A 1 186 ? -5.160  -14.887 3.394   1.00 90.52  ? 219 HIS A O   1 
ATOM   1343 C CB  . HIS A 1 186 ? -6.052  -13.794 0.903   1.00 74.76  ? 219 HIS A CB  1 
ATOM   1344 C CG  . HIS A 1 186 ? -6.484  -14.139 -0.493  1.00 80.93  ? 219 HIS A CG  1 
ATOM   1345 N ND1 . HIS A 1 186 ? -7.575  -13.552 -1.106  1.00 79.81  ? 219 HIS A ND1 1 
ATOM   1346 C CD2 . HIS A 1 186 ? -5.972  -15.007 -1.400  1.00 85.36  ? 219 HIS A CD2 1 
ATOM   1347 C CE1 . HIS A 1 186 ? -7.713  -14.042 -2.326  1.00 78.03  ? 219 HIS A CE1 1 
ATOM   1348 N NE2 . HIS A 1 186 ? -6.752  -14.926 -2.531  1.00 83.59  ? 219 HIS A NE2 1 
ATOM   1349 N N   . LEU A 1 187 ? -6.965  -13.969 4.394   1.00 84.46  ? 220 LEU A N   1 
ATOM   1350 C CA  . LEU A 1 187 ? -6.370  -14.006 5.726   1.00 92.16  ? 220 LEU A CA  1 
ATOM   1351 C C   . LEU A 1 187 ? -7.228  -14.603 6.839   1.00 98.87  ? 220 LEU A C   1 
ATOM   1352 O O   . LEU A 1 187 ? -8.454  -14.680 6.747   1.00 100.94 ? 220 LEU A O   1 
ATOM   1353 C CB  . LEU A 1 187 ? -5.944  -12.604 6.142   1.00 86.64  ? 220 LEU A CB  1 
ATOM   1354 C CG  . LEU A 1 187 ? -4.480  -12.430 5.770   1.00 86.45  ? 220 LEU A CG  1 
ATOM   1355 C CD1 . LEU A 1 187 ? -3.710  -13.730 6.031   1.00 93.73  ? 220 LEU A CD1 1 
ATOM   1356 C CD2 . LEU A 1 187 ? -4.347  -12.021 4.323   1.00 85.00  ? 220 LEU A CD2 1 
ATOM   1357 N N   . GLN A 1 188 ? -6.545  -14.996 7.909   1.00 101.69 ? 221 GLN A N   1 
ATOM   1358 C CA  . GLN A 1 188 ? -7.141  -15.740 9.010   1.00 106.36 ? 221 GLN A CA  1 
ATOM   1359 C C   . GLN A 1 188 ? -6.698  -15.175 10.363  1.00 110.94 ? 221 GLN A C   1 
ATOM   1360 O O   . GLN A 1 188 ? -7.321  -14.253 10.898  1.00 108.99 ? 221 GLN A O   1 
ATOM   1361 C CB  . GLN A 1 188 ? -6.754  -17.212 8.890   1.00 103.89 ? 221 GLN A CB  1 
ATOM   1362 C CG  . GLN A 1 188 ? -5.526  -17.409 8.013   1.00 106.77 ? 221 GLN A CG  1 
ATOM   1363 C CD  . GLN A 1 188 ? -4.919  -18.788 8.142   1.00 111.09 ? 221 GLN A CD  1 
ATOM   1364 O OE1 . GLN A 1 188 ? -5.507  -19.779 7.711   1.00 118.30 ? 221 GLN A OE1 1 
ATOM   1365 N NE2 . GLN A 1 188 ? -3.731  -18.859 8.729   1.00 102.52 ? 221 GLN A NE2 1 
ATOM   1366 N N   . ASP A 1 189 ? -5.607  -15.731 10.889  1.00 113.01 ? 222 ASP A N   1 
ATOM   1367 C CA  . ASP A 1 189 ? -5.024  -15.349 12.183  1.00 112.56 ? 222 ASP A CA  1 
ATOM   1368 C C   . ASP A 1 189 ? -4.862  -13.837 12.385  1.00 109.06 ? 222 ASP A C   1 
ATOM   1369 O O   . ASP A 1 189 ? -4.462  -13.382 13.459  1.00 105.69 ? 222 ASP A O   1 
ATOM   1370 C CB  . ASP A 1 189 ? -3.662  -16.024 12.336  1.00 109.89 ? 222 ASP A CB  1 
ATOM   1371 C CG  . ASP A 1 189 ? -2.847  -15.961 11.060  1.00 115.59 ? 222 ASP A CG  1 
ATOM   1372 O OD1 . ASP A 1 189 ? -1.655  -15.610 11.141  1.00 123.19 ? 222 ASP A OD1 1 
ATOM   1373 O OD2 . ASP A 1 189 ? -3.396  -16.257 9.974   1.00 109.98 ? 222 ASP A OD2 1 
ATOM   1374 N N   . UNK B 2 1   ? -0.894  -2.187  -19.660 1.00 77.90  ? 103 UNK C N   1 
ATOM   1375 C CA  . UNK B 2 1   ? -0.422  -1.469  -18.471 1.00 78.11  ? 103 UNK C CA  1 
ATOM   1376 C C   . UNK B 2 1   ? 0.493   -2.347  -17.567 1.00 77.10  ? 103 UNK C C   1 
ATOM   1377 O O   . UNK B 2 1   ? 0.072   -3.403  -17.081 1.00 78.84  ? 103 UNK C O   1 
ATOM   1378 C CB  . UNK B 2 1   ? -1.615  -0.929  -17.689 1.00 62.53  ? 103 UNK C CB  1 
ATOM   1379 N N   . UNK B 2 2   ? 1.736   -1.898  -17.357 1.00 74.67  ? 104 UNK C N   1 
ATOM   1380 C CA  . UNK B 2 2   ? 2.799   -2.692  -16.707 1.00 79.69  ? 104 UNK C CA  1 
ATOM   1381 C C   . UNK B 2 2   ? 3.291   -2.059  -15.393 1.00 79.52  ? 104 UNK C C   1 
ATOM   1382 O O   . UNK B 2 2   ? 3.744   -0.919  -15.394 1.00 81.25  ? 104 UNK C O   1 
ATOM   1383 C CB  . UNK B 2 2   ? 3.998   -2.876  -17.686 1.00 71.24  ? 104 UNK C CB  1 
ATOM   1384 N N   . UNK B 2 3   ? 3.239   -2.792  -14.283 1.00 76.31  ? 105 UNK C N   1 
ATOM   1385 C CA  . UNK B 2 3   ? 3.631   -2.220  -12.993 1.00 65.32  ? 105 UNK C CA  1 
ATOM   1386 C C   . UNK B 2 3   ? 5.074   -1.686  -13.012 1.00 76.72  ? 105 UNK C C   1 
ATOM   1387 O O   . UNK B 2 3   ? 5.853   -1.988  -13.924 1.00 79.02  ? 105 UNK C O   1 
ATOM   1388 C CB  . UNK B 2 3   ? 3.451   -3.230  -11.902 1.00 56.71  ? 105 UNK C CB  1 
ATOM   1389 N N   . UNK B 2 4   ? 5.402   -0.871  -12.009 1.00 81.00  ? 106 UNK C N   1 
ATOM   1390 C CA  . UNK B 2 4   ? 6.683   -0.151  -11.929 1.00 81.60  ? 106 UNK C CA  1 
ATOM   1391 C C   . UNK B 2 4   ? 7.178   -0.026  -10.471 1.00 87.14  ? 106 UNK C C   1 
ATOM   1392 O O   . UNK B 2 4   ? 6.532   0.631   -9.646  1.00 89.21  ? 106 UNK C O   1 
ATOM   1393 C CB  . UNK B 2 4   ? 6.551   1.245   -12.564 1.00 70.53  ? 106 UNK C CB  1 
ATOM   1394 N N   . UNK B 2 5   ? 8.311   -0.664  -10.166 1.00 90.29  ? 107 UNK C N   1 
ATOM   1395 C CA  . UNK B 2 5   ? 8.961   -0.564  -8.854  1.00 87.92  ? 107 UNK C CA  1 
ATOM   1396 C C   . UNK B 2 5   ? 10.279  -1.338  -8.832  1.00 81.41  ? 107 UNK C C   1 
ATOM   1397 O O   . UNK B 2 5   ? 10.346  -2.446  -8.291  1.00 76.60  ? 107 UNK C O   1 
ATOM   1398 C CB  . UNK B 2 5   ? 8.037   -1.073  -7.738  1.00 83.92  ? 107 UNK C CB  1 
HETATM 1399 O O   . HOH C 3 .   ? 11.373  -2.791  18.819  1.00 51.63  ? 301 HOH A O   1 
HETATM 1400 O O   . HOH C 3 .   ? -16.577 3.575   0.851   1.00 51.13  ? 302 HOH A O   1 
HETATM 1401 O O   . HOH C 3 .   ? -1.004  4.659   -2.267  1.00 43.65  ? 303 HOH A O   1 
HETATM 1402 O O   . HOH C 3 .   ? 3.953   5.727   9.517   1.00 38.12  ? 304 HOH A O   1 
HETATM 1403 O O   . HOH C 3 .   ? -15.501 8.722   -0.374  1.00 52.75  ? 305 HOH A O   1 
HETATM 1404 O O   . HOH C 3 .   ? 14.133  -8.098  7.110   1.00 55.34  ? 306 HOH A O   1 
HETATM 1405 O O   . HOH C 3 .   ? -4.678  -5.244  15.671  1.00 47.37  ? 307 HOH A O   1 
HETATM 1406 O O   . HOH C 3 .   ? -10.356 -7.543  -14.559 1.00 67.09  ? 308 HOH A O   1 
HETATM 1407 O O   . HOH C 3 .   ? -3.184  -15.331 -4.247  1.00 47.35  ? 309 HOH A O   1 
HETATM 1408 O O   . HOH C 3 .   ? 18.054  -5.198  2.052   1.00 48.04  ? 310 HOH A O   1 
HETATM 1409 O O   . HOH C 3 .   ? 15.443  -2.135  10.119  1.00 34.31  ? 311 HOH A O   1 
HETATM 1410 O O   . HOH C 3 .   ? 18.728  -1.905  1.519   1.00 42.41  ? 312 HOH A O   1 
HETATM 1411 O O   . HOH C 3 .   ? -2.355  -6.942  15.444  1.00 45.07  ? 313 HOH A O   1 
HETATM 1412 O O   . HOH C 3 .   ? -5.260  2.322   15.821  1.00 45.73  ? 314 HOH A O   1 
HETATM 1413 O O   . HOH C 3 .   ? 11.049  -12.549 5.438   1.00 44.34  ? 315 HOH A O   1 
HETATM 1414 O O   . HOH C 3 .   ? 15.205  3.763   13.793  1.00 38.36  ? 316 HOH A O   1 
HETATM 1415 O O   . HOH C 3 .   ? -4.635  16.057  -4.365  1.00 52.71  ? 317 HOH A O   1 
HETATM 1416 O O   . HOH C 3 .   ? -9.494  2.674   10.221  1.00 42.73  ? 318 HOH A O   1 
# 
